data_3GCE
# 
_entry.id   3GCE 
# 
_audit_conform.dict_name       mmcif_pdbx.dic 
_audit_conform.dict_version    5.388 
_audit_conform.dict_location   http://mmcif.pdb.org/dictionaries/ascii/mmcif_pdbx.dic 
# 
loop_
_database_2.database_id 
_database_2.database_code 
_database_2.pdbx_database_accession 
_database_2.pdbx_DOI 
PDB   3GCE         pdb_00003gce 10.2210/pdb3gce/pdb 
RCSB  RCSB051687   ?            ?                   
WWPDB D_1000051687 ?            ?                   
# 
loop_
_pdbx_audit_revision_history.ordinal 
_pdbx_audit_revision_history.data_content_type 
_pdbx_audit_revision_history.major_revision 
_pdbx_audit_revision_history.minor_revision 
_pdbx_audit_revision_history.revision_date 
1 'Structure model' 1 0 2009-09-15 
2 'Structure model' 1 1 2011-07-13 
3 'Structure model' 1 2 2024-03-20 
# 
_pdbx_audit_revision_details.ordinal             1 
_pdbx_audit_revision_details.revision_ordinal    1 
_pdbx_audit_revision_details.data_content_type   'Structure model' 
_pdbx_audit_revision_details.provider            repository 
_pdbx_audit_revision_details.type                'Initial release' 
_pdbx_audit_revision_details.description         ? 
_pdbx_audit_revision_details.details             ? 
# 
loop_
_pdbx_audit_revision_group.ordinal 
_pdbx_audit_revision_group.revision_ordinal 
_pdbx_audit_revision_group.data_content_type 
_pdbx_audit_revision_group.group 
1 2 'Structure model' 'Version format compliance' 
2 3 'Structure model' 'Data collection'           
3 3 'Structure model' 'Database references'       
4 3 'Structure model' 'Derived calculations'      
# 
loop_
_pdbx_audit_revision_category.ordinal 
_pdbx_audit_revision_category.revision_ordinal 
_pdbx_audit_revision_category.data_content_type 
_pdbx_audit_revision_category.category 
1 3 'Structure model' chem_comp_atom     
2 3 'Structure model' chem_comp_bond     
3 3 'Structure model' database_2         
4 3 'Structure model' struct_ref_seq_dif 
5 3 'Structure model' struct_site        
# 
loop_
_pdbx_audit_revision_item.ordinal 
_pdbx_audit_revision_item.revision_ordinal 
_pdbx_audit_revision_item.data_content_type 
_pdbx_audit_revision_item.item 
1 3 'Structure model' '_database_2.pdbx_DOI'                
2 3 'Structure model' '_database_2.pdbx_database_accession' 
3 3 'Structure model' '_struct_ref_seq_dif.details'         
4 3 'Structure model' '_struct_site.pdbx_auth_asym_id'      
5 3 'Structure model' '_struct_site.pdbx_auth_comp_id'      
6 3 'Structure model' '_struct_site.pdbx_auth_seq_id'       
# 
_pdbx_database_status.status_code                     REL 
_pdbx_database_status.entry_id                        3GCE 
_pdbx_database_status.recvd_initial_deposition_date   2009-02-22 
_pdbx_database_status.deposit_site                    RCSB 
_pdbx_database_status.process_site                    PDBJ 
_pdbx_database_status.status_code_sf                  REL 
_pdbx_database_status.status_code_mr                  ? 
_pdbx_database_status.SG_entry                        ? 
_pdbx_database_status.pdb_format_compatible           Y 
_pdbx_database_status.status_code_cs                  ? 
_pdbx_database_status.status_code_nmr_data            ? 
_pdbx_database_status.methods_development_category    ? 
# 
_pdbx_database_related.db_name        PDB 
_pdbx_database_related.db_id          3GCF 
_pdbx_database_related.details        . 
_pdbx_database_related.content_type   unspecified 
# 
loop_
_audit_author.name 
_audit_author.pdbx_ordinal 
'Inoue, K.'  1 
'Nojiri, H.' 2 
# 
_citation.id                        primary 
_citation.title                     
;Specific Interactions between the ferredoxin and terminal oxygenase components of a class IIB Rieske nonheme iron oxygenase, carbazole 1,9a-dioxygenase.
;
_citation.journal_abbrev            J.Mol.Biol. 
_citation.journal_volume            392 
_citation.page_first                436 
_citation.page_last                 451 
_citation.year                      2009 
_citation.journal_id_ASTM           JMOBAK 
_citation.country                   UK 
_citation.journal_id_ISSN           0022-2836 
_citation.journal_id_CSD            0070 
_citation.book_publisher            ? 
_citation.pdbx_database_id_PubMed   19616558 
_citation.pdbx_database_id_DOI      10.1016/j.jmb.2009.07.029 
# 
loop_
_citation_author.citation_id 
_citation_author.name 
_citation_author.ordinal 
_citation_author.identifier_ORCID 
primary 'Inoue, K.'    1  ? 
primary 'Ashikawa, Y.' 2  ? 
primary 'Umeda, T.'    3  ? 
primary 'Abo, M.'      4  ? 
primary 'Katsuki, J.'  5  ? 
primary 'Usami, Y.'    6  ? 
primary 'Noguchi, H.'  7  ? 
primary 'Fujimoto, Z.' 8  ? 
primary 'Terada, T.'   9  ? 
primary 'Yamane, H.'   10 ? 
primary 'Nojiri, H.'   11 ? 
# 
loop_
_entity.id 
_entity.type 
_entity.src_method 
_entity.pdbx_description 
_entity.formula_weight 
_entity.pdbx_number_of_molecules 
_entity.pdbx_ec 
_entity.pdbx_mutation 
_entity.pdbx_fragment 
_entity.details 
1 polymer     man 'Ferredoxin component of carbazole 1,9a-dioxygenase' 13147.764 1  ? ? ? ? 
2 non-polymer syn 'FE2/S2 (INORGANIC) CLUSTER'                         175.820   1  ? ? ? ? 
3 water       nat water                                                18.015    94 ? ? ? ? 
# 
_entity_poly.entity_id                      1 
_entity_poly.type                           'polypeptide(L)' 
_entity_poly.nstd_linkage                   no 
_entity_poly.nstd_monomer                   no 
_entity_poly.pdbx_seq_one_letter_code       
;MNRHSAGQSTPVRVATLDQLKPGVPTAFDVDGDEVMVVRDGDSVYAISNLCSHAEAYLDMGVFHAESLEIECPLHVGRFD
VRTGAPTALPCVLPVRAYDVVVDGTEILVAPKEADHHHHHH
;
_entity_poly.pdbx_seq_one_letter_code_can   
;MNRHSAGQSTPVRVATLDQLKPGVPTAFDVDGDEVMVVRDGDSVYAISNLCSHAEAYLDMGVFHAESLEIECPLHVGRFD
VRTGAPTALPCVLPVRAYDVVVDGTEILVAPKEADHHHHHH
;
_entity_poly.pdbx_strand_id                 A 
_entity_poly.pdbx_target_identifier         ? 
# 
loop_
_pdbx_entity_nonpoly.entity_id 
_pdbx_entity_nonpoly.name 
_pdbx_entity_nonpoly.comp_id 
2 'FE2/S2 (INORGANIC) CLUSTER' FES 
3 water                        HOH 
# 
loop_
_entity_poly_seq.entity_id 
_entity_poly_seq.num 
_entity_poly_seq.mon_id 
_entity_poly_seq.hetero 
1 1   MET n 
1 2   ASN n 
1 3   ARG n 
1 4   HIS n 
1 5   SER n 
1 6   ALA n 
1 7   GLY n 
1 8   GLN n 
1 9   SER n 
1 10  THR n 
1 11  PRO n 
1 12  VAL n 
1 13  ARG n 
1 14  VAL n 
1 15  ALA n 
1 16  THR n 
1 17  LEU n 
1 18  ASP n 
1 19  GLN n 
1 20  LEU n 
1 21  LYS n 
1 22  PRO n 
1 23  GLY n 
1 24  VAL n 
1 25  PRO n 
1 26  THR n 
1 27  ALA n 
1 28  PHE n 
1 29  ASP n 
1 30  VAL n 
1 31  ASP n 
1 32  GLY n 
1 33  ASP n 
1 34  GLU n 
1 35  VAL n 
1 36  MET n 
1 37  VAL n 
1 38  VAL n 
1 39  ARG n 
1 40  ASP n 
1 41  GLY n 
1 42  ASP n 
1 43  SER n 
1 44  VAL n 
1 45  TYR n 
1 46  ALA n 
1 47  ILE n 
1 48  SER n 
1 49  ASN n 
1 50  LEU n 
1 51  CYS n 
1 52  SER n 
1 53  HIS n 
1 54  ALA n 
1 55  GLU n 
1 56  ALA n 
1 57  TYR n 
1 58  LEU n 
1 59  ASP n 
1 60  MET n 
1 61  GLY n 
1 62  VAL n 
1 63  PHE n 
1 64  HIS n 
1 65  ALA n 
1 66  GLU n 
1 67  SER n 
1 68  LEU n 
1 69  GLU n 
1 70  ILE n 
1 71  GLU n 
1 72  CYS n 
1 73  PRO n 
1 74  LEU n 
1 75  HIS n 
1 76  VAL n 
1 77  GLY n 
1 78  ARG n 
1 79  PHE n 
1 80  ASP n 
1 81  VAL n 
1 82  ARG n 
1 83  THR n 
1 84  GLY n 
1 85  ALA n 
1 86  PRO n 
1 87  THR n 
1 88  ALA n 
1 89  LEU n 
1 90  PRO n 
1 91  CYS n 
1 92  VAL n 
1 93  LEU n 
1 94  PRO n 
1 95  VAL n 
1 96  ARG n 
1 97  ALA n 
1 98  TYR n 
1 99  ASP n 
1 100 VAL n 
1 101 VAL n 
1 102 VAL n 
1 103 ASP n 
1 104 GLY n 
1 105 THR n 
1 106 GLU n 
1 107 ILE n 
1 108 LEU n 
1 109 VAL n 
1 110 ALA n 
1 111 PRO n 
1 112 LYS n 
1 113 GLU n 
1 114 ALA n 
1 115 ASP n 
1 116 HIS n 
1 117 HIS n 
1 118 HIS n 
1 119 HIS n 
1 120 HIS n 
1 121 HIS n 
# 
_entity_src_gen.entity_id                          1 
_entity_src_gen.pdbx_src_id                        1 
_entity_src_gen.pdbx_alt_source_flag               sample 
_entity_src_gen.pdbx_seq_type                      ? 
_entity_src_gen.pdbx_beg_seq_num                   ? 
_entity_src_gen.pdbx_end_seq_num                   ? 
_entity_src_gen.gene_src_common_name               ? 
_entity_src_gen.gene_src_genus                     ? 
_entity_src_gen.pdbx_gene_src_gene                 carAc 
_entity_src_gen.gene_src_species                   ? 
_entity_src_gen.gene_src_strain                    ? 
_entity_src_gen.gene_src_tissue                    ? 
_entity_src_gen.gene_src_tissue_fraction           ? 
_entity_src_gen.gene_src_details                   ? 
_entity_src_gen.pdbx_gene_src_fragment             ? 
_entity_src_gen.pdbx_gene_src_scientific_name      'Nocardioides aromaticivorans' 
_entity_src_gen.pdbx_gene_src_ncbi_taxonomy_id     200618 
_entity_src_gen.pdbx_gene_src_variant              ? 
_entity_src_gen.pdbx_gene_src_cell_line            ? 
_entity_src_gen.pdbx_gene_src_atcc                 ? 
_entity_src_gen.pdbx_gene_src_organ                ? 
_entity_src_gen.pdbx_gene_src_organelle            ? 
_entity_src_gen.pdbx_gene_src_cell                 ? 
_entity_src_gen.pdbx_gene_src_cellular_location    ? 
_entity_src_gen.host_org_common_name               ? 
_entity_src_gen.pdbx_host_org_scientific_name      'Escherichia coli' 
_entity_src_gen.pdbx_host_org_ncbi_taxonomy_id     562 
_entity_src_gen.host_org_genus                     ? 
_entity_src_gen.pdbx_host_org_gene                 ? 
_entity_src_gen.pdbx_host_org_organ                ? 
_entity_src_gen.host_org_species                   ? 
_entity_src_gen.pdbx_host_org_tissue               ? 
_entity_src_gen.pdbx_host_org_tissue_fraction      ? 
_entity_src_gen.pdbx_host_org_strain               'BL21(DE3)' 
_entity_src_gen.pdbx_host_org_variant              ? 
_entity_src_gen.pdbx_host_org_cell_line            ? 
_entity_src_gen.pdbx_host_org_atcc                 ? 
_entity_src_gen.pdbx_host_org_culture_collection   ? 
_entity_src_gen.pdbx_host_org_cell                 ? 
_entity_src_gen.pdbx_host_org_organelle            ? 
_entity_src_gen.pdbx_host_org_cellular_location    ? 
_entity_src_gen.pdbx_host_org_vector_type          PLASMID 
_entity_src_gen.pdbx_host_org_vector               ? 
_entity_src_gen.host_org_details                   ? 
_entity_src_gen.expression_system_id               ? 
_entity_src_gen.plasmid_name                       'pET-26b(+)' 
_entity_src_gen.plasmid_details                    ? 
_entity_src_gen.pdbx_description                   ? 
# 
loop_
_chem_comp.id 
_chem_comp.type 
_chem_comp.mon_nstd_flag 
_chem_comp.name 
_chem_comp.pdbx_synonyms 
_chem_comp.formula 
_chem_comp.formula_weight 
ALA 'L-peptide linking' y ALANINE                      ? 'C3 H7 N O2'     89.093  
ARG 'L-peptide linking' y ARGININE                     ? 'C6 H15 N4 O2 1' 175.209 
ASN 'L-peptide linking' y ASPARAGINE                   ? 'C4 H8 N2 O3'    132.118 
ASP 'L-peptide linking' y 'ASPARTIC ACID'              ? 'C4 H7 N O4'     133.103 
CYS 'L-peptide linking' y CYSTEINE                     ? 'C3 H7 N O2 S'   121.158 
FES non-polymer         . 'FE2/S2 (INORGANIC) CLUSTER' ? 'Fe2 S2'         175.820 
GLN 'L-peptide linking' y GLUTAMINE                    ? 'C5 H10 N2 O3'   146.144 
GLU 'L-peptide linking' y 'GLUTAMIC ACID'              ? 'C5 H9 N O4'     147.129 
GLY 'peptide linking'   y GLYCINE                      ? 'C2 H5 N O2'     75.067  
HIS 'L-peptide linking' y HISTIDINE                    ? 'C6 H10 N3 O2 1' 156.162 
HOH non-polymer         . WATER                        ? 'H2 O'           18.015  
ILE 'L-peptide linking' y ISOLEUCINE                   ? 'C6 H13 N O2'    131.173 
LEU 'L-peptide linking' y LEUCINE                      ? 'C6 H13 N O2'    131.173 
LYS 'L-peptide linking' y LYSINE                       ? 'C6 H15 N2 O2 1' 147.195 
MET 'L-peptide linking' y METHIONINE                   ? 'C5 H11 N O2 S'  149.211 
PHE 'L-peptide linking' y PHENYLALANINE                ? 'C9 H11 N O2'    165.189 
PRO 'L-peptide linking' y PROLINE                      ? 'C5 H9 N O2'     115.130 
SER 'L-peptide linking' y SERINE                       ? 'C3 H7 N O3'     105.093 
THR 'L-peptide linking' y THREONINE                    ? 'C4 H9 N O3'     119.119 
TYR 'L-peptide linking' y TYROSINE                     ? 'C9 H11 N O3'    181.189 
VAL 'L-peptide linking' y VALINE                       ? 'C5 H11 N O2'    117.146 
# 
loop_
_pdbx_poly_seq_scheme.asym_id 
_pdbx_poly_seq_scheme.entity_id 
_pdbx_poly_seq_scheme.seq_id 
_pdbx_poly_seq_scheme.mon_id 
_pdbx_poly_seq_scheme.ndb_seq_num 
_pdbx_poly_seq_scheme.pdb_seq_num 
_pdbx_poly_seq_scheme.auth_seq_num 
_pdbx_poly_seq_scheme.pdb_mon_id 
_pdbx_poly_seq_scheme.auth_mon_id 
_pdbx_poly_seq_scheme.pdb_strand_id 
_pdbx_poly_seq_scheme.pdb_ins_code 
_pdbx_poly_seq_scheme.hetero 
A 1 1   MET 1   1   ?   ?   ?   A . n 
A 1 2   ASN 2   2   ?   ?   ?   A . n 
A 1 3   ARG 3   3   ?   ?   ?   A . n 
A 1 4   HIS 4   4   ?   ?   ?   A . n 
A 1 5   SER 5   5   ?   ?   ?   A . n 
A 1 6   ALA 6   6   ?   ?   ?   A . n 
A 1 7   GLY 7   7   ?   ?   ?   A . n 
A 1 8   GLN 8   8   ?   ?   ?   A . n 
A 1 9   SER 9   9   9   SER SER A . n 
A 1 10  THR 10  10  10  THR THR A . n 
A 1 11  PRO 11  11  11  PRO PRO A . n 
A 1 12  VAL 12  12  12  VAL VAL A . n 
A 1 13  ARG 13  13  13  ARG ARG A . n 
A 1 14  VAL 14  14  14  VAL VAL A . n 
A 1 15  ALA 15  15  15  ALA ALA A . n 
A 1 16  THR 16  16  16  THR THR A . n 
A 1 17  LEU 17  17  17  LEU LEU A . n 
A 1 18  ASP 18  18  18  ASP ASP A . n 
A 1 19  GLN 19  19  19  GLN GLN A . n 
A 1 20  LEU 20  20  20  LEU LEU A . n 
A 1 21  LYS 21  21  21  LYS LYS A . n 
A 1 22  PRO 22  22  22  PRO PRO A . n 
A 1 23  GLY 23  23  23  GLY GLY A . n 
A 1 24  VAL 24  24  24  VAL VAL A . n 
A 1 25  PRO 25  25  25  PRO PRO A . n 
A 1 26  THR 26  26  26  THR THR A . n 
A 1 27  ALA 27  27  27  ALA ALA A . n 
A 1 28  PHE 28  28  28  PHE PHE A . n 
A 1 29  ASP 29  29  29  ASP ASP A . n 
A 1 30  VAL 30  30  30  VAL VAL A . n 
A 1 31  ASP 31  31  31  ASP ASP A . n 
A 1 32  GLY 32  32  32  GLY GLY A . n 
A 1 33  ASP 33  33  33  ASP ASP A . n 
A 1 34  GLU 34  34  34  GLU GLU A . n 
A 1 35  VAL 35  35  35  VAL VAL A . n 
A 1 36  MET 36  36  36  MET MET A . n 
A 1 37  VAL 37  37  37  VAL VAL A . n 
A 1 38  VAL 38  38  38  VAL VAL A . n 
A 1 39  ARG 39  39  39  ARG ARG A . n 
A 1 40  ASP 40  40  40  ASP ASP A . n 
A 1 41  GLY 41  41  41  GLY GLY A . n 
A 1 42  ASP 42  42  42  ASP ASP A . n 
A 1 43  SER 43  43  43  SER SER A . n 
A 1 44  VAL 44  44  44  VAL VAL A . n 
A 1 45  TYR 45  45  45  TYR TYR A . n 
A 1 46  ALA 46  46  46  ALA ALA A . n 
A 1 47  ILE 47  47  47  ILE ILE A . n 
A 1 48  SER 48  48  48  SER SER A . n 
A 1 49  ASN 49  49  49  ASN ASN A . n 
A 1 50  LEU 50  50  50  LEU LEU A . n 
A 1 51  CYS 51  51  51  CYS CYS A . n 
A 1 52  SER 52  52  52  SER SER A . n 
A 1 53  HIS 53  53  53  HIS HIS A . n 
A 1 54  ALA 54  54  54  ALA ALA A . n 
A 1 55  GLU 55  55  55  GLU GLU A . n 
A 1 56  ALA 56  56  56  ALA ALA A . n 
A 1 57  TYR 57  57  57  TYR TYR A . n 
A 1 58  LEU 58  58  58  LEU LEU A . n 
A 1 59  ASP 59  59  59  ASP ASP A . n 
A 1 60  MET 60  60  60  MET MET A . n 
A 1 61  GLY 61  61  61  GLY GLY A . n 
A 1 62  VAL 62  62  62  VAL VAL A . n 
A 1 63  PHE 63  63  63  PHE PHE A . n 
A 1 64  HIS 64  64  64  HIS HIS A . n 
A 1 65  ALA 65  65  65  ALA ALA A . n 
A 1 66  GLU 66  66  66  GLU GLU A . n 
A 1 67  SER 67  67  67  SER SER A . n 
A 1 68  LEU 68  68  68  LEU LEU A . n 
A 1 69  GLU 69  69  69  GLU GLU A . n 
A 1 70  ILE 70  70  70  ILE ILE A . n 
A 1 71  GLU 71  71  71  GLU GLU A . n 
A 1 72  CYS 72  72  72  CYS CYS A . n 
A 1 73  PRO 73  73  73  PRO PRO A . n 
A 1 74  LEU 74  74  74  LEU LEU A . n 
A 1 75  HIS 75  75  75  HIS HIS A . n 
A 1 76  VAL 76  76  76  VAL VAL A . n 
A 1 77  GLY 77  77  77  GLY GLY A . n 
A 1 78  ARG 78  78  78  ARG ARG A . n 
A 1 79  PHE 79  79  79  PHE PHE A . n 
A 1 80  ASP 80  80  80  ASP ASP A . n 
A 1 81  VAL 81  81  81  VAL VAL A . n 
A 1 82  ARG 82  82  82  ARG ARG A . n 
A 1 83  THR 83  83  83  THR THR A . n 
A 1 84  GLY 84  84  84  GLY GLY A . n 
A 1 85  ALA 85  85  85  ALA ALA A . n 
A 1 86  PRO 86  86  86  PRO PRO A . n 
A 1 87  THR 87  87  87  THR THR A . n 
A 1 88  ALA 88  88  88  ALA ALA A . n 
A 1 89  LEU 89  89  89  LEU LEU A . n 
A 1 90  PRO 90  90  90  PRO PRO A . n 
A 1 91  CYS 91  91  91  CYS CYS A . n 
A 1 92  VAL 92  92  92  VAL VAL A . n 
A 1 93  LEU 93  93  93  LEU LEU A . n 
A 1 94  PRO 94  94  94  PRO PRO A . n 
A 1 95  VAL 95  95  95  VAL VAL A . n 
A 1 96  ARG 96  96  96  ARG ARG A . n 
A 1 97  ALA 97  97  97  ALA ALA A . n 
A 1 98  TYR 98  98  98  TYR TYR A . n 
A 1 99  ASP 99  99  99  ASP ASP A . n 
A 1 100 VAL 100 100 100 VAL VAL A . n 
A 1 101 VAL 101 101 101 VAL VAL A . n 
A 1 102 VAL 102 102 102 VAL VAL A . n 
A 1 103 ASP 103 103 103 ASP ASP A . n 
A 1 104 GLY 104 104 104 GLY GLY A . n 
A 1 105 THR 105 105 105 THR THR A . n 
A 1 106 GLU 106 106 106 GLU GLU A . n 
A 1 107 ILE 107 107 107 ILE ILE A . n 
A 1 108 LEU 108 108 108 LEU LEU A . n 
A 1 109 VAL 109 109 109 VAL VAL A . n 
A 1 110 ALA 110 110 110 ALA ALA A . n 
A 1 111 PRO 111 111 111 PRO PRO A . n 
A 1 112 LYS 112 112 112 LYS LYS A . n 
A 1 113 GLU 113 113 ?   ?   ?   A . n 
A 1 114 ALA 114 114 ?   ?   ?   A . n 
A 1 115 ASP 115 115 ?   ?   ?   A . n 
A 1 116 HIS 116 116 ?   ?   ?   A . n 
A 1 117 HIS 117 117 ?   ?   ?   A . n 
A 1 118 HIS 118 118 ?   ?   ?   A . n 
A 1 119 HIS 119 119 ?   ?   ?   A . n 
A 1 120 HIS 120 120 ?   ?   ?   A . n 
A 1 121 HIS 121 121 ?   ?   ?   A . n 
# 
loop_
_pdbx_nonpoly_scheme.asym_id 
_pdbx_nonpoly_scheme.entity_id 
_pdbx_nonpoly_scheme.mon_id 
_pdbx_nonpoly_scheme.ndb_seq_num 
_pdbx_nonpoly_scheme.pdb_seq_num 
_pdbx_nonpoly_scheme.auth_seq_num 
_pdbx_nonpoly_scheme.pdb_mon_id 
_pdbx_nonpoly_scheme.auth_mon_id 
_pdbx_nonpoly_scheme.pdb_strand_id 
_pdbx_nonpoly_scheme.pdb_ins_code 
B 2 FES 1  201 201 FES FES A . 
C 3 HOH 1  122 1   HOH HOH A . 
C 3 HOH 2  123 2   HOH HOH A . 
C 3 HOH 3  124 3   HOH HOH A . 
C 3 HOH 4  125 4   HOH HOH A . 
C 3 HOH 5  126 5   HOH HOH A . 
C 3 HOH 6  127 6   HOH HOH A . 
C 3 HOH 7  128 7   HOH HOH A . 
C 3 HOH 8  129 8   HOH HOH A . 
C 3 HOH 9  130 9   HOH HOH A . 
C 3 HOH 10 131 10  HOH HOH A . 
C 3 HOH 11 132 11  HOH HOH A . 
C 3 HOH 12 133 12  HOH HOH A . 
C 3 HOH 13 134 13  HOH HOH A . 
C 3 HOH 14 135 14  HOH HOH A . 
C 3 HOH 15 136 15  HOH HOH A . 
C 3 HOH 16 137 16  HOH HOH A . 
C 3 HOH 17 138 17  HOH HOH A . 
C 3 HOH 18 139 18  HOH HOH A . 
C 3 HOH 19 140 19  HOH HOH A . 
C 3 HOH 20 141 20  HOH HOH A . 
C 3 HOH 21 142 21  HOH HOH A . 
C 3 HOH 22 143 22  HOH HOH A . 
C 3 HOH 23 144 23  HOH HOH A . 
C 3 HOH 24 145 24  HOH HOH A . 
C 3 HOH 25 146 25  HOH HOH A . 
C 3 HOH 26 147 26  HOH HOH A . 
C 3 HOH 27 148 27  HOH HOH A . 
C 3 HOH 28 149 28  HOH HOH A . 
C 3 HOH 29 150 29  HOH HOH A . 
C 3 HOH 30 151 30  HOH HOH A . 
C 3 HOH 31 152 31  HOH HOH A . 
C 3 HOH 32 153 32  HOH HOH A . 
C 3 HOH 33 154 33  HOH HOH A . 
C 3 HOH 34 155 34  HOH HOH A . 
C 3 HOH 35 156 35  HOH HOH A . 
C 3 HOH 36 157 36  HOH HOH A . 
C 3 HOH 37 158 37  HOH HOH A . 
C 3 HOH 38 159 38  HOH HOH A . 
C 3 HOH 39 160 39  HOH HOH A . 
C 3 HOH 40 161 40  HOH HOH A . 
C 3 HOH 41 162 41  HOH HOH A . 
C 3 HOH 42 163 42  HOH HOH A . 
C 3 HOH 43 164 43  HOH HOH A . 
C 3 HOH 44 165 44  HOH HOH A . 
C 3 HOH 45 166 45  HOH HOH A . 
C 3 HOH 46 167 46  HOH HOH A . 
C 3 HOH 47 168 47  HOH HOH A . 
C 3 HOH 48 169 48  HOH HOH A . 
C 3 HOH 49 170 49  HOH HOH A . 
C 3 HOH 50 171 50  HOH HOH A . 
C 3 HOH 51 172 51  HOH HOH A . 
C 3 HOH 52 173 52  HOH HOH A . 
C 3 HOH 53 174 53  HOH HOH A . 
C 3 HOH 54 175 54  HOH HOH A . 
C 3 HOH 55 176 55  HOH HOH A . 
C 3 HOH 56 177 56  HOH HOH A . 
C 3 HOH 57 178 57  HOH HOH A . 
C 3 HOH 58 179 58  HOH HOH A . 
C 3 HOH 59 180 59  HOH HOH A . 
C 3 HOH 60 181 60  HOH HOH A . 
C 3 HOH 61 182 61  HOH HOH A . 
C 3 HOH 62 183 62  HOH HOH A . 
C 3 HOH 63 184 63  HOH HOH A . 
C 3 HOH 64 185 64  HOH HOH A . 
C 3 HOH 65 186 65  HOH HOH A . 
C 3 HOH 66 187 66  HOH HOH A . 
C 3 HOH 67 188 67  HOH HOH A . 
C 3 HOH 68 189 68  HOH HOH A . 
C 3 HOH 69 190 69  HOH HOH A . 
C 3 HOH 70 191 70  HOH HOH A . 
C 3 HOH 71 192 71  HOH HOH A . 
C 3 HOH 72 193 72  HOH HOH A . 
C 3 HOH 73 194 73  HOH HOH A . 
C 3 HOH 74 195 74  HOH HOH A . 
C 3 HOH 75 196 75  HOH HOH A . 
C 3 HOH 76 197 76  HOH HOH A . 
C 3 HOH 77 198 77  HOH HOH A . 
C 3 HOH 78 199 78  HOH HOH A . 
C 3 HOH 79 200 79  HOH HOH A . 
C 3 HOH 80 202 80  HOH HOH A . 
C 3 HOH 81 203 81  HOH HOH A . 
C 3 HOH 82 204 82  HOH HOH A . 
C 3 HOH 83 205 83  HOH HOH A . 
C 3 HOH 84 206 84  HOH HOH A . 
C 3 HOH 85 207 85  HOH HOH A . 
C 3 HOH 86 208 86  HOH HOH A . 
C 3 HOH 87 209 87  HOH HOH A . 
C 3 HOH 88 210 88  HOH HOH A . 
C 3 HOH 89 211 89  HOH HOH A . 
C 3 HOH 90 212 90  HOH HOH A . 
C 3 HOH 91 213 91  HOH HOH A . 
C 3 HOH 92 214 92  HOH HOH A . 
C 3 HOH 93 215 93  HOH HOH A . 
C 3 HOH 94 216 94  HOH HOH A . 
# 
loop_
_software.name 
_software.classification 
_software.version 
_software.citation_id 
_software.pdbx_ordinal 
ADSC      'data collection' Quantum  ? 1 
PHASER    phasing           .        ? 2 
REFMAC    refinement        5.2.0019 ? 3 
HKL-2000  'data reduction'  .        ? 4 
SCALEPACK 'data scaling'    .        ? 5 
# 
_cell.entry_id           3GCE 
_cell.length_a           50.116 
_cell.length_b           50.116 
_cell.length_c           82.224 
_cell.angle_alpha        90.00 
_cell.angle_beta         90.00 
_cell.angle_gamma        90.00 
_cell.Z_PDB              8 
_cell.pdbx_unique_axis   ? 
_cell.length_a_esd       ? 
_cell.length_b_esd       ? 
_cell.length_c_esd       ? 
_cell.angle_alpha_esd    ? 
_cell.angle_beta_esd     ? 
_cell.angle_gamma_esd    ? 
# 
_symmetry.entry_id                         3GCE 
_symmetry.space_group_name_H-M             'P 41 21 2' 
_symmetry.pdbx_full_space_group_name_H-M   ? 
_symmetry.cell_setting                     ? 
_symmetry.Int_Tables_number                92 
_symmetry.space_group_name_Hall            ? 
# 
_exptl.entry_id          3GCE 
_exptl.method            'X-RAY DIFFRACTION' 
_exptl.crystals_number   1 
# 
_exptl_crystal.id                    1 
_exptl_crystal.density_meas          ? 
_exptl_crystal.density_Matthews      1.96 
_exptl_crystal.density_percent_sol   37.35 
_exptl_crystal.description           ? 
_exptl_crystal.F_000                 ? 
_exptl_crystal.preparation           ? 
# 
_exptl_crystal_grow.crystal_id      1 
_exptl_crystal_grow.method          'VAPOR DIFFUSION, HANGING DROP' 
_exptl_crystal_grow.temp            293 
_exptl_crystal_grow.temp_details    ? 
_exptl_crystal_grow.pH              5.6 
_exptl_crystal_grow.pdbx_details    
;0.1M trisodium citrate dehydrate, 2.0M ammonium sulfate, 0.2 M potassium sodium tartrate tetrahydrate, pH 5.6, VAPOR DIFFUSION, HANGING DROP, temperature 293K
;
_exptl_crystal_grow.pdbx_pH_range   . 
# 
_diffrn.id                     1 
_diffrn.ambient_temp           100 
_diffrn.ambient_temp_details   ? 
_diffrn.crystal_id             1 
# 
_diffrn_detector.diffrn_id              1 
_diffrn_detector.detector               CCD 
_diffrn_detector.type                   'ADSC QUANTUM 4' 
_diffrn_detector.pdbx_collection_date   2006-11-02 
_diffrn_detector.details                ? 
# 
_diffrn_radiation.diffrn_id                        1 
_diffrn_radiation.wavelength_id                    1 
_diffrn_radiation.pdbx_monochromatic_or_laue_m_l   M 
_diffrn_radiation.monochromator                    
'Numerical link type Si(111) double crystal monochromator, liquid nitrogen cooling' 
_diffrn_radiation.pdbx_diffrn_protocol             'SINGLE WAVELENGTH' 
_diffrn_radiation.pdbx_scattering_type             x-ray 
# 
_diffrn_radiation_wavelength.id           1 
_diffrn_radiation_wavelength.wavelength   1.0 
_diffrn_radiation_wavelength.wt           1.0 
# 
_diffrn_source.diffrn_id                   1 
_diffrn_source.source                      SYNCHROTRON 
_diffrn_source.type                        'PHOTON FACTORY BEAMLINE BL-17A' 
_diffrn_source.pdbx_synchrotron_site       'Photon Factory' 
_diffrn_source.pdbx_synchrotron_beamline   BL-17A 
_diffrn_source.pdbx_wavelength             ? 
_diffrn_source.pdbx_wavelength_list        1.0 
# 
_reflns.entry_id                     3GCE 
_reflns.observed_criterion_sigma_I   ? 
_reflns.observed_criterion_sigma_F   0 
_reflns.d_resolution_low             42.8 
_reflns.d_resolution_high            2.0 
_reflns.number_obs                   7802 
_reflns.number_all                   ? 
_reflns.percent_possible_obs         98.11 
_reflns.pdbx_Rmerge_I_obs            ? 
_reflns.pdbx_Rsym_value              ? 
_reflns.pdbx_netI_over_sigmaI        ? 
_reflns.B_iso_Wilson_estimate        ? 
_reflns.pdbx_redundancy              ? 
_reflns.R_free_details               ? 
_reflns.limit_h_max                  ? 
_reflns.limit_h_min                  ? 
_reflns.limit_k_max                  ? 
_reflns.limit_k_min                  ? 
_reflns.limit_l_max                  ? 
_reflns.limit_l_min                  ? 
_reflns.observed_criterion_F_max     ? 
_reflns.observed_criterion_F_min     ? 
_reflns.pdbx_chi_squared             ? 
_reflns.pdbx_scaling_rejects         ? 
_reflns.pdbx_diffrn_id               1 
_reflns.pdbx_ordinal                 1 
# 
_reflns_shell.d_res_high             2.00 
_reflns_shell.d_res_low              42.80 
_reflns_shell.percent_possible_all   100 
_reflns_shell.Rmerge_I_obs           ? 
_reflns_shell.pdbx_Rsym_value        ? 
_reflns_shell.meanI_over_sigI_obs    ? 
_reflns_shell.pdbx_redundancy        ? 
_reflns_shell.percent_possible_obs   ? 
_reflns_shell.number_unique_all      ? 
_reflns_shell.number_measured_all    ? 
_reflns_shell.number_measured_obs    ? 
_reflns_shell.number_unique_obs      ? 
_reflns_shell.pdbx_chi_squared       ? 
_reflns_shell.pdbx_diffrn_id         ? 
_reflns_shell.pdbx_ordinal           1 
# 
_refine.entry_id                                 3GCE 
_refine.ls_number_reflns_obs                     7802 
_refine.ls_number_reflns_all                     ? 
_refine.pdbx_ls_sigma_I                          ? 
_refine.pdbx_ls_sigma_F                          0 
_refine.pdbx_data_cutoff_high_absF               ? 
_refine.pdbx_data_cutoff_low_absF                ? 
_refine.pdbx_data_cutoff_high_rms_absF           ? 
_refine.ls_d_res_low                             42.80 
_refine.ls_d_res_high                            2.00 
_refine.ls_percent_reflns_obs                    99.99 
_refine.ls_R_factor_obs                          0.17723 
_refine.ls_R_factor_all                          ? 
_refine.ls_R_factor_R_work                       0.17664 
_refine.ls_R_factor_R_free                       0.18892 
_refine.ls_R_factor_R_free_error                 ? 
_refine.ls_R_factor_R_free_error_details         ? 
_refine.ls_percent_reflns_R_free                 4.6 
_refine.ls_number_reflns_R_free                  347 
_refine.ls_number_parameters                     ? 
_refine.ls_number_restraints                     ? 
_refine.occupancy_min                            ? 
_refine.occupancy_max                            ? 
_refine.correlation_coeff_Fo_to_Fc               0.950 
_refine.correlation_coeff_Fo_to_Fc_free          0.946 
_refine.B_iso_mean                               19.649 
_refine.aniso_B[1][1]                            0.18 
_refine.aniso_B[2][2]                            0.18 
_refine.aniso_B[3][3]                            -0.36 
_refine.aniso_B[1][2]                            0.00 
_refine.aniso_B[1][3]                            0.00 
_refine.aniso_B[2][3]                            0.00 
_refine.solvent_model_details                    MASK 
_refine.solvent_model_param_ksol                 ? 
_refine.solvent_model_param_bsol                 ? 
_refine.pdbx_solvent_vdw_probe_radii             1.40 
_refine.pdbx_solvent_ion_probe_radii             0.80 
_refine.pdbx_solvent_shrinkage_radii             0.80 
_refine.pdbx_ls_cross_valid_method               THROUGHOUT 
_refine.details                                  ? 
_refine.pdbx_starting_model                      ? 
_refine.pdbx_method_to_determine_struct          'MOLECULAR REPLACEMENT' 
_refine.pdbx_isotropic_thermal_model             ? 
_refine.pdbx_stereochemistry_target_values       'MAXIMUM LIKELIHOOD' 
_refine.pdbx_stereochem_target_val_spec_case     ? 
_refine.pdbx_R_Free_selection_details            RANDOM 
_refine.pdbx_overall_ESU_R                       0.175 
_refine.pdbx_overall_ESU_R_Free                  0.134 
_refine.overall_SU_ML                            0.073 
_refine.overall_SU_B                             2.485 
_refine.ls_redundancy_reflns_obs                 ? 
_refine.B_iso_min                                ? 
_refine.B_iso_max                                ? 
_refine.overall_SU_R_Cruickshank_DPI             ? 
_refine.overall_SU_R_free                        ? 
_refine.ls_wR_factor_R_free                      ? 
_refine.ls_wR_factor_R_work                      ? 
_refine.overall_FOM_free_R_set                   ? 
_refine.overall_FOM_work_R_set                   ? 
_refine.pdbx_refine_id                           'X-RAY DIFFRACTION' 
_refine.pdbx_overall_phase_error                 ? 
_refine.pdbx_diffrn_id                           1 
_refine.pdbx_TLS_residual_ADP_flag               ? 
_refine.pdbx_overall_SU_R_free_Cruickshank_DPI   ? 
_refine.pdbx_overall_SU_R_Blow_DPI               ? 
_refine.pdbx_overall_SU_R_free_Blow_DPI          ? 
# 
_refine_hist.pdbx_refine_id                   'X-RAY DIFFRACTION' 
_refine_hist.cycle_id                         LAST 
_refine_hist.pdbx_number_atoms_protein        778 
_refine_hist.pdbx_number_atoms_nucleic_acid   0 
_refine_hist.pdbx_number_atoms_ligand         4 
_refine_hist.number_atoms_solvent             94 
_refine_hist.number_atoms_total               876 
_refine_hist.d_res_high                       2.00 
_refine_hist.d_res_low                        42.80 
# 
loop_
_refine_ls_restr.type 
_refine_ls_restr.dev_ideal 
_refine_ls_restr.dev_ideal_target 
_refine_ls_restr.weight 
_refine_ls_restr.number 
_refine_ls_restr.pdbx_refine_id 
_refine_ls_restr.pdbx_restraint_function 
r_bond_refined_d         0.013  0.022  ? 794  'X-RAY DIFFRACTION' ? 
r_angle_refined_deg      1.507  1.982  ? 1088 'X-RAY DIFFRACTION' ? 
r_dihedral_angle_1_deg   6.233  5.000  ? 103  'X-RAY DIFFRACTION' ? 
r_dihedral_angle_2_deg   37.034 24.062 ? 32   'X-RAY DIFFRACTION' ? 
r_dihedral_angle_3_deg   14.554 15.000 ? 118  'X-RAY DIFFRACTION' ? 
r_dihedral_angle_4_deg   18.806 15.000 ? 5    'X-RAY DIFFRACTION' ? 
r_chiral_restr           0.102  0.200  ? 132  'X-RAY DIFFRACTION' ? 
r_gen_planes_refined     0.005  0.020  ? 604  'X-RAY DIFFRACTION' ? 
r_nbd_refined            0.217  0.200  ? 345  'X-RAY DIFFRACTION' ? 
r_nbtor_refined          0.303  0.200  ? 556  'X-RAY DIFFRACTION' ? 
r_xyhbond_nbd_refined    0.140  0.200  ? 70   'X-RAY DIFFRACTION' ? 
r_symmetry_vdw_refined   0.261  0.200  ? 32   'X-RAY DIFFRACTION' ? 
r_symmetry_hbond_refined 0.177  0.200  ? 10   'X-RAY DIFFRACTION' ? 
r_mcbond_it              1.077  1.500  ? 534  'X-RAY DIFFRACTION' ? 
r_mcangle_it             1.711  2.000  ? 848  'X-RAY DIFFRACTION' ? 
r_scbond_it              2.781  3.000  ? 286  'X-RAY DIFFRACTION' ? 
r_scangle_it             4.201  4.500  ? 240  'X-RAY DIFFRACTION' ? 
# 
_refine_ls_shell.pdbx_total_number_of_bins_used   20 
_refine_ls_shell.d_res_high                       2.000 
_refine_ls_shell.d_res_low                        2.052 
_refine_ls_shell.number_reflns_R_work             505 
_refine_ls_shell.R_factor_R_work                  0.159 
_refine_ls_shell.percent_reflns_obs               100.00 
_refine_ls_shell.R_factor_R_free                  0.192 
_refine_ls_shell.R_factor_R_free_error            ? 
_refine_ls_shell.percent_reflns_R_free            ? 
_refine_ls_shell.number_reflns_R_free             22 
_refine_ls_shell.number_reflns_all                ? 
_refine_ls_shell.R_factor_all                     ? 
_refine_ls_shell.number_reflns_obs                ? 
_refine_ls_shell.redundancy_reflns_obs            ? 
_refine_ls_shell.pdbx_refine_id                   'X-RAY DIFFRACTION' 
# 
_struct.entry_id                  3GCE 
_struct.title                     'Ferredoxin of carbazole 1,9a-dioxygenase from Nocardioides aromaticivorans IC177' 
_struct.pdbx_model_details        ? 
_struct.pdbx_CASP_flag            ? 
_struct.pdbx_model_type_details   ? 
# 
_struct_keywords.entry_id        3GCE 
_struct_keywords.pdbx_keywords   OXIDOREDUCTASE 
_struct_keywords.text            'RIESKE FERREDOXIN, 2FE-2S, DIOXYGENASE, CARBAZOLE, ELECTRON TRANSFER, OXIDOREDUCTASE' 
# 
loop_
_struct_asym.id 
_struct_asym.pdbx_blank_PDB_chainid_flag 
_struct_asym.pdbx_modified 
_struct_asym.entity_id 
_struct_asym.details 
A N N 1 ? 
B N N 2 ? 
C N N 3 ? 
# 
_struct_ref.id                         1 
_struct_ref.db_name                    UNP 
_struct_ref.db_code                    Q2HWH6_9ACTO 
_struct_ref.pdbx_db_accession          Q2HWH6 
_struct_ref.entity_id                  1 
_struct_ref.pdbx_seq_one_letter_code   
;MNRHSAGQSTPVRVATLDQLKPGVPTAFDVDGDEVMVVRDGDSVYAISNLCSHAEAYLDMGVFHAESLEIECPLHVGRFD
VRTGAPTALPCVLPVRAYDVVVDGTEILVAPKEAD
;
_struct_ref.pdbx_align_begin           1 
_struct_ref.pdbx_db_isoform            ? 
# 
_struct_ref_seq.align_id                      1 
_struct_ref_seq.ref_id                        1 
_struct_ref_seq.pdbx_PDB_id_code              3GCE 
_struct_ref_seq.pdbx_strand_id                A 
_struct_ref_seq.seq_align_beg                 1 
_struct_ref_seq.pdbx_seq_align_beg_ins_code   ? 
_struct_ref_seq.seq_align_end                 115 
_struct_ref_seq.pdbx_seq_align_end_ins_code   ? 
_struct_ref_seq.pdbx_db_accession             Q2HWH6 
_struct_ref_seq.db_align_beg                  1 
_struct_ref_seq.pdbx_db_align_beg_ins_code    ? 
_struct_ref_seq.db_align_end                  115 
_struct_ref_seq.pdbx_db_align_end_ins_code    ? 
_struct_ref_seq.pdbx_auth_seq_align_beg       1 
_struct_ref_seq.pdbx_auth_seq_align_end       115 
# 
loop_
_struct_ref_seq_dif.align_id 
_struct_ref_seq_dif.pdbx_pdb_id_code 
_struct_ref_seq_dif.mon_id 
_struct_ref_seq_dif.pdbx_pdb_strand_id 
_struct_ref_seq_dif.seq_num 
_struct_ref_seq_dif.pdbx_pdb_ins_code 
_struct_ref_seq_dif.pdbx_seq_db_name 
_struct_ref_seq_dif.pdbx_seq_db_accession_code 
_struct_ref_seq_dif.db_mon_id 
_struct_ref_seq_dif.pdbx_seq_db_seq_num 
_struct_ref_seq_dif.details 
_struct_ref_seq_dif.pdbx_auth_seq_num 
_struct_ref_seq_dif.pdbx_ordinal 
1 3GCE HIS A 116 ? UNP Q2HWH6 ? ? 'expression tag' 116 1 
1 3GCE HIS A 117 ? UNP Q2HWH6 ? ? 'expression tag' 117 2 
1 3GCE HIS A 118 ? UNP Q2HWH6 ? ? 'expression tag' 118 3 
1 3GCE HIS A 119 ? UNP Q2HWH6 ? ? 'expression tag' 119 4 
1 3GCE HIS A 120 ? UNP Q2HWH6 ? ? 'expression tag' 120 5 
1 3GCE HIS A 121 ? UNP Q2HWH6 ? ? 'expression tag' 121 6 
# 
_pdbx_struct_assembly.id                   1 
_pdbx_struct_assembly.details              author_and_software_defined_assembly 
_pdbx_struct_assembly.method_details       PISA 
_pdbx_struct_assembly.oligomeric_details   monomeric 
_pdbx_struct_assembly.oligomeric_count     1 
# 
_pdbx_struct_assembly_gen.assembly_id       1 
_pdbx_struct_assembly_gen.oper_expression   1 
_pdbx_struct_assembly_gen.asym_id_list      A,B,C 
# 
_pdbx_struct_oper_list.id                   1 
_pdbx_struct_oper_list.type                 'identity operation' 
_pdbx_struct_oper_list.name                 1_555 
_pdbx_struct_oper_list.symmetry_operation   x,y,z 
_pdbx_struct_oper_list.matrix[1][1]         1.0000000000 
_pdbx_struct_oper_list.matrix[1][2]         0.0000000000 
_pdbx_struct_oper_list.matrix[1][3]         0.0000000000 
_pdbx_struct_oper_list.vector[1]            0.0000000000 
_pdbx_struct_oper_list.matrix[2][1]         0.0000000000 
_pdbx_struct_oper_list.matrix[2][2]         1.0000000000 
_pdbx_struct_oper_list.matrix[2][3]         0.0000000000 
_pdbx_struct_oper_list.vector[2]            0.0000000000 
_pdbx_struct_oper_list.matrix[3][1]         0.0000000000 
_pdbx_struct_oper_list.matrix[3][2]         0.0000000000 
_pdbx_struct_oper_list.matrix[3][3]         1.0000000000 
_pdbx_struct_oper_list.vector[3]            0.0000000000 
# 
_struct_biol.id        1 
_struct_biol.details   ? 
# 
loop_
_struct_conf.conf_type_id 
_struct_conf.id 
_struct_conf.pdbx_PDB_helix_id 
_struct_conf.beg_label_comp_id 
_struct_conf.beg_label_asym_id 
_struct_conf.beg_label_seq_id 
_struct_conf.pdbx_beg_PDB_ins_code 
_struct_conf.end_label_comp_id 
_struct_conf.end_label_asym_id 
_struct_conf.end_label_seq_id 
_struct_conf.pdbx_end_PDB_ins_code 
_struct_conf.beg_auth_comp_id 
_struct_conf.beg_auth_asym_id 
_struct_conf.beg_auth_seq_id 
_struct_conf.end_auth_comp_id 
_struct_conf.end_auth_asym_id 
_struct_conf.end_auth_seq_id 
_struct_conf.pdbx_PDB_helix_class 
_struct_conf.details 
_struct_conf.pdbx_PDB_helix_length 
HELX_P HELX_P1 1 ASP A 18 ? LEU A 20 ? ASP A 18 LEU A 20 5 ? 3 
HELX_P HELX_P2 2 TYR A 57 ? GLY A 61 ? TYR A 57 GLY A 61 5 ? 5 
# 
_struct_conf_type.id          HELX_P 
_struct_conf_type.criteria    ? 
_struct_conf_type.reference   ? 
# 
loop_
_struct_conn.id 
_struct_conn.conn_type_id 
_struct_conn.pdbx_leaving_atom_flag 
_struct_conn.pdbx_PDB_id 
_struct_conn.ptnr1_label_asym_id 
_struct_conn.ptnr1_label_comp_id 
_struct_conn.ptnr1_label_seq_id 
_struct_conn.ptnr1_label_atom_id 
_struct_conn.pdbx_ptnr1_label_alt_id 
_struct_conn.pdbx_ptnr1_PDB_ins_code 
_struct_conn.pdbx_ptnr1_standard_comp_id 
_struct_conn.ptnr1_symmetry 
_struct_conn.ptnr2_label_asym_id 
_struct_conn.ptnr2_label_comp_id 
_struct_conn.ptnr2_label_seq_id 
_struct_conn.ptnr2_label_atom_id 
_struct_conn.pdbx_ptnr2_label_alt_id 
_struct_conn.pdbx_ptnr2_PDB_ins_code 
_struct_conn.ptnr1_auth_asym_id 
_struct_conn.ptnr1_auth_comp_id 
_struct_conn.ptnr1_auth_seq_id 
_struct_conn.ptnr2_auth_asym_id 
_struct_conn.ptnr2_auth_comp_id 
_struct_conn.ptnr2_auth_seq_id 
_struct_conn.ptnr2_symmetry 
_struct_conn.pdbx_ptnr3_label_atom_id 
_struct_conn.pdbx_ptnr3_label_seq_id 
_struct_conn.pdbx_ptnr3_label_comp_id 
_struct_conn.pdbx_ptnr3_label_asym_id 
_struct_conn.pdbx_ptnr3_label_alt_id 
_struct_conn.pdbx_ptnr3_PDB_ins_code 
_struct_conn.details 
_struct_conn.pdbx_dist_value 
_struct_conn.pdbx_value_order 
_struct_conn.pdbx_role 
metalc1 metalc ? ? A CYS 51 SG  ? ? ? 1_555 B FES . FE1 ? ? A CYS 51 A FES 201 1_555 ? ? ? ? ? ? ? 2.312 ? ? 
metalc2 metalc ? ? A HIS 53 ND1 ? ? ? 1_555 B FES . FE2 ? ? A HIS 53 A FES 201 1_555 ? ? ? ? ? ? ? 2.121 ? ? 
metalc3 metalc ? ? A CYS 72 SG  ? ? ? 1_555 B FES . FE1 ? ? A CYS 72 A FES 201 1_555 ? ? ? ? ? ? ? 2.246 ? ? 
metalc4 metalc ? ? A HIS 75 ND1 ? ? ? 1_555 B FES . FE2 ? ? A HIS 75 A FES 201 1_555 ? ? ? ? ? ? ? 2.130 ? ? 
# 
_struct_conn_type.id          metalc 
_struct_conn_type.criteria    ? 
_struct_conn_type.reference   ? 
# 
loop_
_pdbx_struct_conn_angle.id 
_pdbx_struct_conn_angle.ptnr1_label_atom_id 
_pdbx_struct_conn_angle.ptnr1_label_alt_id 
_pdbx_struct_conn_angle.ptnr1_label_asym_id 
_pdbx_struct_conn_angle.ptnr1_label_comp_id 
_pdbx_struct_conn_angle.ptnr1_label_seq_id 
_pdbx_struct_conn_angle.ptnr1_auth_atom_id 
_pdbx_struct_conn_angle.ptnr1_auth_asym_id 
_pdbx_struct_conn_angle.ptnr1_auth_comp_id 
_pdbx_struct_conn_angle.ptnr1_auth_seq_id 
_pdbx_struct_conn_angle.ptnr1_PDB_ins_code 
_pdbx_struct_conn_angle.ptnr1_symmetry 
_pdbx_struct_conn_angle.ptnr2_label_atom_id 
_pdbx_struct_conn_angle.ptnr2_label_alt_id 
_pdbx_struct_conn_angle.ptnr2_label_asym_id 
_pdbx_struct_conn_angle.ptnr2_label_comp_id 
_pdbx_struct_conn_angle.ptnr2_label_seq_id 
_pdbx_struct_conn_angle.ptnr2_auth_atom_id 
_pdbx_struct_conn_angle.ptnr2_auth_asym_id 
_pdbx_struct_conn_angle.ptnr2_auth_comp_id 
_pdbx_struct_conn_angle.ptnr2_auth_seq_id 
_pdbx_struct_conn_angle.ptnr2_PDB_ins_code 
_pdbx_struct_conn_angle.ptnr2_symmetry 
_pdbx_struct_conn_angle.ptnr3_label_atom_id 
_pdbx_struct_conn_angle.ptnr3_label_alt_id 
_pdbx_struct_conn_angle.ptnr3_label_asym_id 
_pdbx_struct_conn_angle.ptnr3_label_comp_id 
_pdbx_struct_conn_angle.ptnr3_label_seq_id 
_pdbx_struct_conn_angle.ptnr3_auth_atom_id 
_pdbx_struct_conn_angle.ptnr3_auth_asym_id 
_pdbx_struct_conn_angle.ptnr3_auth_comp_id 
_pdbx_struct_conn_angle.ptnr3_auth_seq_id 
_pdbx_struct_conn_angle.ptnr3_PDB_ins_code 
_pdbx_struct_conn_angle.ptnr3_symmetry 
_pdbx_struct_conn_angle.value 
_pdbx_struct_conn_angle.value_esd 
1  SG  ? A CYS 51 ? A CYS 51  ? 1_555 FE1 ? B FES . ? A FES 201 ? 1_555 S1  ? B FES .  ? A FES 201 ? 1_555 111.4 ? 
2  SG  ? A CYS 51 ? A CYS 51  ? 1_555 FE1 ? B FES . ? A FES 201 ? 1_555 S2  ? B FES .  ? A FES 201 ? 1_555 107.9 ? 
3  S1  ? B FES .  ? A FES 201 ? 1_555 FE1 ? B FES . ? A FES 201 ? 1_555 S2  ? B FES .  ? A FES 201 ? 1_555 104.4 ? 
4  SG  ? A CYS 51 ? A CYS 51  ? 1_555 FE1 ? B FES . ? A FES 201 ? 1_555 SG  ? A CYS 72 ? A CYS 72  ? 1_555 112.0 ? 
5  S1  ? B FES .  ? A FES 201 ? 1_555 FE1 ? B FES . ? A FES 201 ? 1_555 SG  ? A CYS 72 ? A CYS 72  ? 1_555 109.9 ? 
6  S2  ? B FES .  ? A FES 201 ? 1_555 FE1 ? B FES . ? A FES 201 ? 1_555 SG  ? A CYS 72 ? A CYS 72  ? 1_555 111.0 ? 
7  ND1 ? A HIS 53 ? A HIS 53  ? 1_555 FE2 ? B FES . ? A FES 201 ? 1_555 S1  ? B FES .  ? A FES 201 ? 1_555 109.3 ? 
8  ND1 ? A HIS 53 ? A HIS 53  ? 1_555 FE2 ? B FES . ? A FES 201 ? 1_555 S2  ? B FES .  ? A FES 201 ? 1_555 116.4 ? 
9  S1  ? B FES .  ? A FES 201 ? 1_555 FE2 ? B FES . ? A FES 201 ? 1_555 S2  ? B FES .  ? A FES 201 ? 1_555 103.5 ? 
10 ND1 ? A HIS 53 ? A HIS 53  ? 1_555 FE2 ? B FES . ? A FES 201 ? 1_555 ND1 ? A HIS 75 ? A HIS 75  ? 1_555 97.0  ? 
11 S1  ? B FES .  ? A FES 201 ? 1_555 FE2 ? B FES . ? A FES 201 ? 1_555 ND1 ? A HIS 75 ? A HIS 75  ? 1_555 123.4 ? 
12 S2  ? B FES .  ? A FES 201 ? 1_555 FE2 ? B FES . ? A FES 201 ? 1_555 ND1 ? A HIS 75 ? A HIS 75  ? 1_555 108.1 ? 
# 
loop_
_struct_mon_prot_cis.pdbx_id 
_struct_mon_prot_cis.label_comp_id 
_struct_mon_prot_cis.label_seq_id 
_struct_mon_prot_cis.label_asym_id 
_struct_mon_prot_cis.label_alt_id 
_struct_mon_prot_cis.pdbx_PDB_ins_code 
_struct_mon_prot_cis.auth_comp_id 
_struct_mon_prot_cis.auth_seq_id 
_struct_mon_prot_cis.auth_asym_id 
_struct_mon_prot_cis.pdbx_label_comp_id_2 
_struct_mon_prot_cis.pdbx_label_seq_id_2 
_struct_mon_prot_cis.pdbx_label_asym_id_2 
_struct_mon_prot_cis.pdbx_PDB_ins_code_2 
_struct_mon_prot_cis.pdbx_auth_comp_id_2 
_struct_mon_prot_cis.pdbx_auth_seq_id_2 
_struct_mon_prot_cis.pdbx_auth_asym_id_2 
_struct_mon_prot_cis.pdbx_PDB_model_num 
_struct_mon_prot_cis.pdbx_omega_angle 
1 SER 9  A . ? SER 9  A THR 10 A ? THR 10 A 1 -7.46 
2 LEU 89 A . ? LEU 89 A PRO 90 A ? PRO 90 A 1 4.35  
# 
loop_
_struct_sheet.id 
_struct_sheet.type 
_struct_sheet.number_strands 
_struct_sheet.details 
A ? 3 ? 
B ? 3 ? 
C ? 4 ? 
# 
loop_
_struct_sheet_order.sheet_id 
_struct_sheet_order.range_id_1 
_struct_sheet_order.range_id_2 
_struct_sheet_order.offset 
_struct_sheet_order.sense 
A 1 2 ? anti-parallel 
A 2 3 ? anti-parallel 
B 1 2 ? anti-parallel 
B 2 3 ? anti-parallel 
C 1 2 ? anti-parallel 
C 2 3 ? anti-parallel 
C 3 4 ? anti-parallel 
# 
loop_
_struct_sheet_range.sheet_id 
_struct_sheet_range.id 
_struct_sheet_range.beg_label_comp_id 
_struct_sheet_range.beg_label_asym_id 
_struct_sheet_range.beg_label_seq_id 
_struct_sheet_range.pdbx_beg_PDB_ins_code 
_struct_sheet_range.end_label_comp_id 
_struct_sheet_range.end_label_asym_id 
_struct_sheet_range.end_label_seq_id 
_struct_sheet_range.pdbx_end_PDB_ins_code 
_struct_sheet_range.beg_auth_comp_id 
_struct_sheet_range.beg_auth_asym_id 
_struct_sheet_range.beg_auth_seq_id 
_struct_sheet_range.end_auth_comp_id 
_struct_sheet_range.end_auth_asym_id 
_struct_sheet_range.end_auth_seq_id 
A 1 VAL A 12  ? THR A 16  ? VAL A 12  THR A 16  
A 2 GLU A 106 ? VAL A 109 ? GLU A 106 VAL A 109 
A 3 VAL A 100 ? ASP A 103 ? VAL A 100 ASP A 103 
B 1 THR A 26  ? VAL A 30  ? THR A 26  VAL A 30  
B 2 ASP A 33  ? ASP A 40  ? ASP A 33  ASP A 40  
B 3 SER A 43  ? SER A 48  ? SER A 43  SER A 48  
C 1 VAL A 62  ? HIS A 64  ? VAL A 62  HIS A 64  
C 2 GLU A 69  ? GLU A 71  ? GLU A 69  GLU A 71  
C 3 ARG A 78  ? ASP A 80  ? ARG A 78  ASP A 80  
C 4 PRO A 86  ? ALA A 88  ? PRO A 86  ALA A 88  
# 
loop_
_pdbx_struct_sheet_hbond.sheet_id 
_pdbx_struct_sheet_hbond.range_id_1 
_pdbx_struct_sheet_hbond.range_id_2 
_pdbx_struct_sheet_hbond.range_1_label_atom_id 
_pdbx_struct_sheet_hbond.range_1_label_comp_id 
_pdbx_struct_sheet_hbond.range_1_label_asym_id 
_pdbx_struct_sheet_hbond.range_1_label_seq_id 
_pdbx_struct_sheet_hbond.range_1_PDB_ins_code 
_pdbx_struct_sheet_hbond.range_1_auth_atom_id 
_pdbx_struct_sheet_hbond.range_1_auth_comp_id 
_pdbx_struct_sheet_hbond.range_1_auth_asym_id 
_pdbx_struct_sheet_hbond.range_1_auth_seq_id 
_pdbx_struct_sheet_hbond.range_2_label_atom_id 
_pdbx_struct_sheet_hbond.range_2_label_comp_id 
_pdbx_struct_sheet_hbond.range_2_label_asym_id 
_pdbx_struct_sheet_hbond.range_2_label_seq_id 
_pdbx_struct_sheet_hbond.range_2_PDB_ins_code 
_pdbx_struct_sheet_hbond.range_2_auth_atom_id 
_pdbx_struct_sheet_hbond.range_2_auth_comp_id 
_pdbx_struct_sheet_hbond.range_2_auth_asym_id 
_pdbx_struct_sheet_hbond.range_2_auth_seq_id 
A 1 2 N ALA A 15  ? N ALA A 15  O ILE A 107 ? O ILE A 107 
A 2 3 O LEU A 108 ? O LEU A 108 N VAL A 101 ? N VAL A 101 
B 1 2 N VAL A 30  ? N VAL A 30  O ASP A 33  ? O ASP A 33  
B 2 3 N ASP A 40  ? N ASP A 40  O SER A 43  ? O SER A 43  
C 1 2 N HIS A 64  ? N HIS A 64  O GLU A 69  ? O GLU A 69  
C 2 3 N ILE A 70  ? N ILE A 70  O PHE A 79  ? O PHE A 79  
C 3 4 N ARG A 78  ? N ARG A 78  O THR A 87  ? O THR A 87  
# 
_struct_site.id                   AC1 
_struct_site.pdbx_evidence_code   Software 
_struct_site.pdbx_auth_asym_id    A 
_struct_site.pdbx_auth_comp_id    FES 
_struct_site.pdbx_auth_seq_id     201 
_struct_site.pdbx_auth_ins_code   ? 
_struct_site.pdbx_num_residues    7 
_struct_site.details              'BINDING SITE FOR RESIDUE FES A 201' 
# 
loop_
_struct_site_gen.id 
_struct_site_gen.site_id 
_struct_site_gen.pdbx_num_res 
_struct_site_gen.label_comp_id 
_struct_site_gen.label_asym_id 
_struct_site_gen.label_seq_id 
_struct_site_gen.pdbx_auth_ins_code 
_struct_site_gen.auth_comp_id 
_struct_site_gen.auth_asym_id 
_struct_site_gen.auth_seq_id 
_struct_site_gen.label_atom_id 
_struct_site_gen.label_alt_id 
_struct_site_gen.symmetry 
_struct_site_gen.details 
1 AC1 7 CYS A 51 ? CYS A 51 . ? 1_555 ? 
2 AC1 7 HIS A 53 ? HIS A 53 . ? 1_555 ? 
3 AC1 7 ALA A 54 ? ALA A 54 . ? 1_555 ? 
4 AC1 7 ALA A 56 ? ALA A 56 . ? 1_555 ? 
5 AC1 7 CYS A 72 ? CYS A 72 . ? 1_555 ? 
6 AC1 7 HIS A 75 ? HIS A 75 . ? 1_555 ? 
7 AC1 7 GLY A 77 ? GLY A 77 . ? 1_555 ? 
# 
loop_
_pdbx_validate_rmsd_angle.id 
_pdbx_validate_rmsd_angle.PDB_model_num 
_pdbx_validate_rmsd_angle.auth_atom_id_1 
_pdbx_validate_rmsd_angle.auth_asym_id_1 
_pdbx_validate_rmsd_angle.auth_comp_id_1 
_pdbx_validate_rmsd_angle.auth_seq_id_1 
_pdbx_validate_rmsd_angle.PDB_ins_code_1 
_pdbx_validate_rmsd_angle.label_alt_id_1 
_pdbx_validate_rmsd_angle.auth_atom_id_2 
_pdbx_validate_rmsd_angle.auth_asym_id_2 
_pdbx_validate_rmsd_angle.auth_comp_id_2 
_pdbx_validate_rmsd_angle.auth_seq_id_2 
_pdbx_validate_rmsd_angle.PDB_ins_code_2 
_pdbx_validate_rmsd_angle.label_alt_id_2 
_pdbx_validate_rmsd_angle.auth_atom_id_3 
_pdbx_validate_rmsd_angle.auth_asym_id_3 
_pdbx_validate_rmsd_angle.auth_comp_id_3 
_pdbx_validate_rmsd_angle.auth_seq_id_3 
_pdbx_validate_rmsd_angle.PDB_ins_code_3 
_pdbx_validate_rmsd_angle.label_alt_id_3 
_pdbx_validate_rmsd_angle.angle_value 
_pdbx_validate_rmsd_angle.angle_target_value 
_pdbx_validate_rmsd_angle.angle_deviation 
_pdbx_validate_rmsd_angle.angle_standard_deviation 
_pdbx_validate_rmsd_angle.linker_flag 
1 1 NE A ARG 13 ? ? CZ A ARG 13 ? ? NH1 A ARG 13 ? ? 124.22 120.30 3.92  0.50 N 
2 1 NE A ARG 13 ? ? CZ A ARG 13 ? ? NH2 A ARG 13 ? ? 116.81 120.30 -3.49 0.50 N 
# 
_pdbx_validate_torsion.id              1 
_pdbx_validate_torsion.PDB_model_num   1 
_pdbx_validate_torsion.auth_comp_id    THR 
_pdbx_validate_torsion.auth_asym_id    A 
_pdbx_validate_torsion.auth_seq_id     105 
_pdbx_validate_torsion.PDB_ins_code    ? 
_pdbx_validate_torsion.label_alt_id    ? 
_pdbx_validate_torsion.phi             70.20 
_pdbx_validate_torsion.psi             -3.70 
# 
loop_
_pdbx_unobs_or_zero_occ_residues.id 
_pdbx_unobs_or_zero_occ_residues.PDB_model_num 
_pdbx_unobs_or_zero_occ_residues.polymer_flag 
_pdbx_unobs_or_zero_occ_residues.occupancy_flag 
_pdbx_unobs_or_zero_occ_residues.auth_asym_id 
_pdbx_unobs_or_zero_occ_residues.auth_comp_id 
_pdbx_unobs_or_zero_occ_residues.auth_seq_id 
_pdbx_unobs_or_zero_occ_residues.PDB_ins_code 
_pdbx_unobs_or_zero_occ_residues.label_asym_id 
_pdbx_unobs_or_zero_occ_residues.label_comp_id 
_pdbx_unobs_or_zero_occ_residues.label_seq_id 
1  1 Y 1 A MET 1   ? A MET 1   
2  1 Y 1 A ASN 2   ? A ASN 2   
3  1 Y 1 A ARG 3   ? A ARG 3   
4  1 Y 1 A HIS 4   ? A HIS 4   
5  1 Y 1 A SER 5   ? A SER 5   
6  1 Y 1 A ALA 6   ? A ALA 6   
7  1 Y 1 A GLY 7   ? A GLY 7   
8  1 Y 1 A GLN 8   ? A GLN 8   
9  1 Y 1 A GLU 113 ? A GLU 113 
10 1 Y 1 A ALA 114 ? A ALA 114 
11 1 Y 1 A ASP 115 ? A ASP 115 
12 1 Y 1 A HIS 116 ? A HIS 116 
13 1 Y 1 A HIS 117 ? A HIS 117 
14 1 Y 1 A HIS 118 ? A HIS 118 
15 1 Y 1 A HIS 119 ? A HIS 119 
16 1 Y 1 A HIS 120 ? A HIS 120 
17 1 Y 1 A HIS 121 ? A HIS 121 
# 
loop_
_chem_comp_atom.comp_id 
_chem_comp_atom.atom_id 
_chem_comp_atom.type_symbol 
_chem_comp_atom.pdbx_aromatic_flag 
_chem_comp_atom.pdbx_stereo_config 
_chem_comp_atom.pdbx_ordinal 
ALA N    N  N N 1   
ALA CA   C  N S 2   
ALA C    C  N N 3   
ALA O    O  N N 4   
ALA CB   C  N N 5   
ALA OXT  O  N N 6   
ALA H    H  N N 7   
ALA H2   H  N N 8   
ALA HA   H  N N 9   
ALA HB1  H  N N 10  
ALA HB2  H  N N 11  
ALA HB3  H  N N 12  
ALA HXT  H  N N 13  
ARG N    N  N N 14  
ARG CA   C  N S 15  
ARG C    C  N N 16  
ARG O    O  N N 17  
ARG CB   C  N N 18  
ARG CG   C  N N 19  
ARG CD   C  N N 20  
ARG NE   N  N N 21  
ARG CZ   C  N N 22  
ARG NH1  N  N N 23  
ARG NH2  N  N N 24  
ARG OXT  O  N N 25  
ARG H    H  N N 26  
ARG H2   H  N N 27  
ARG HA   H  N N 28  
ARG HB2  H  N N 29  
ARG HB3  H  N N 30  
ARG HG2  H  N N 31  
ARG HG3  H  N N 32  
ARG HD2  H  N N 33  
ARG HD3  H  N N 34  
ARG HE   H  N N 35  
ARG HH11 H  N N 36  
ARG HH12 H  N N 37  
ARG HH21 H  N N 38  
ARG HH22 H  N N 39  
ARG HXT  H  N N 40  
ASN N    N  N N 41  
ASN CA   C  N S 42  
ASN C    C  N N 43  
ASN O    O  N N 44  
ASN CB   C  N N 45  
ASN CG   C  N N 46  
ASN OD1  O  N N 47  
ASN ND2  N  N N 48  
ASN OXT  O  N N 49  
ASN H    H  N N 50  
ASN H2   H  N N 51  
ASN HA   H  N N 52  
ASN HB2  H  N N 53  
ASN HB3  H  N N 54  
ASN HD21 H  N N 55  
ASN HD22 H  N N 56  
ASN HXT  H  N N 57  
ASP N    N  N N 58  
ASP CA   C  N S 59  
ASP C    C  N N 60  
ASP O    O  N N 61  
ASP CB   C  N N 62  
ASP CG   C  N N 63  
ASP OD1  O  N N 64  
ASP OD2  O  N N 65  
ASP OXT  O  N N 66  
ASP H    H  N N 67  
ASP H2   H  N N 68  
ASP HA   H  N N 69  
ASP HB2  H  N N 70  
ASP HB3  H  N N 71  
ASP HD2  H  N N 72  
ASP HXT  H  N N 73  
CYS N    N  N N 74  
CYS CA   C  N R 75  
CYS C    C  N N 76  
CYS O    O  N N 77  
CYS CB   C  N N 78  
CYS SG   S  N N 79  
CYS OXT  O  N N 80  
CYS H    H  N N 81  
CYS H2   H  N N 82  
CYS HA   H  N N 83  
CYS HB2  H  N N 84  
CYS HB3  H  N N 85  
CYS HG   H  N N 86  
CYS HXT  H  N N 87  
FES FE1  FE N N 88  
FES FE2  FE N N 89  
FES S1   S  N N 90  
FES S2   S  N N 91  
GLN N    N  N N 92  
GLN CA   C  N S 93  
GLN C    C  N N 94  
GLN O    O  N N 95  
GLN CB   C  N N 96  
GLN CG   C  N N 97  
GLN CD   C  N N 98  
GLN OE1  O  N N 99  
GLN NE2  N  N N 100 
GLN OXT  O  N N 101 
GLN H    H  N N 102 
GLN H2   H  N N 103 
GLN HA   H  N N 104 
GLN HB2  H  N N 105 
GLN HB3  H  N N 106 
GLN HG2  H  N N 107 
GLN HG3  H  N N 108 
GLN HE21 H  N N 109 
GLN HE22 H  N N 110 
GLN HXT  H  N N 111 
GLU N    N  N N 112 
GLU CA   C  N S 113 
GLU C    C  N N 114 
GLU O    O  N N 115 
GLU CB   C  N N 116 
GLU CG   C  N N 117 
GLU CD   C  N N 118 
GLU OE1  O  N N 119 
GLU OE2  O  N N 120 
GLU OXT  O  N N 121 
GLU H    H  N N 122 
GLU H2   H  N N 123 
GLU HA   H  N N 124 
GLU HB2  H  N N 125 
GLU HB3  H  N N 126 
GLU HG2  H  N N 127 
GLU HG3  H  N N 128 
GLU HE2  H  N N 129 
GLU HXT  H  N N 130 
GLY N    N  N N 131 
GLY CA   C  N N 132 
GLY C    C  N N 133 
GLY O    O  N N 134 
GLY OXT  O  N N 135 
GLY H    H  N N 136 
GLY H2   H  N N 137 
GLY HA2  H  N N 138 
GLY HA3  H  N N 139 
GLY HXT  H  N N 140 
HIS N    N  N N 141 
HIS CA   C  N S 142 
HIS C    C  N N 143 
HIS O    O  N N 144 
HIS CB   C  N N 145 
HIS CG   C  Y N 146 
HIS ND1  N  Y N 147 
HIS CD2  C  Y N 148 
HIS CE1  C  Y N 149 
HIS NE2  N  Y N 150 
HIS OXT  O  N N 151 
HIS H    H  N N 152 
HIS H2   H  N N 153 
HIS HA   H  N N 154 
HIS HB2  H  N N 155 
HIS HB3  H  N N 156 
HIS HD1  H  N N 157 
HIS HD2  H  N N 158 
HIS HE1  H  N N 159 
HIS HE2  H  N N 160 
HIS HXT  H  N N 161 
HOH O    O  N N 162 
HOH H1   H  N N 163 
HOH H2   H  N N 164 
ILE N    N  N N 165 
ILE CA   C  N S 166 
ILE C    C  N N 167 
ILE O    O  N N 168 
ILE CB   C  N S 169 
ILE CG1  C  N N 170 
ILE CG2  C  N N 171 
ILE CD1  C  N N 172 
ILE OXT  O  N N 173 
ILE H    H  N N 174 
ILE H2   H  N N 175 
ILE HA   H  N N 176 
ILE HB   H  N N 177 
ILE HG12 H  N N 178 
ILE HG13 H  N N 179 
ILE HG21 H  N N 180 
ILE HG22 H  N N 181 
ILE HG23 H  N N 182 
ILE HD11 H  N N 183 
ILE HD12 H  N N 184 
ILE HD13 H  N N 185 
ILE HXT  H  N N 186 
LEU N    N  N N 187 
LEU CA   C  N S 188 
LEU C    C  N N 189 
LEU O    O  N N 190 
LEU CB   C  N N 191 
LEU CG   C  N N 192 
LEU CD1  C  N N 193 
LEU CD2  C  N N 194 
LEU OXT  O  N N 195 
LEU H    H  N N 196 
LEU H2   H  N N 197 
LEU HA   H  N N 198 
LEU HB2  H  N N 199 
LEU HB3  H  N N 200 
LEU HG   H  N N 201 
LEU HD11 H  N N 202 
LEU HD12 H  N N 203 
LEU HD13 H  N N 204 
LEU HD21 H  N N 205 
LEU HD22 H  N N 206 
LEU HD23 H  N N 207 
LEU HXT  H  N N 208 
LYS N    N  N N 209 
LYS CA   C  N S 210 
LYS C    C  N N 211 
LYS O    O  N N 212 
LYS CB   C  N N 213 
LYS CG   C  N N 214 
LYS CD   C  N N 215 
LYS CE   C  N N 216 
LYS NZ   N  N N 217 
LYS OXT  O  N N 218 
LYS H    H  N N 219 
LYS H2   H  N N 220 
LYS HA   H  N N 221 
LYS HB2  H  N N 222 
LYS HB3  H  N N 223 
LYS HG2  H  N N 224 
LYS HG3  H  N N 225 
LYS HD2  H  N N 226 
LYS HD3  H  N N 227 
LYS HE2  H  N N 228 
LYS HE3  H  N N 229 
LYS HZ1  H  N N 230 
LYS HZ2  H  N N 231 
LYS HZ3  H  N N 232 
LYS HXT  H  N N 233 
MET N    N  N N 234 
MET CA   C  N S 235 
MET C    C  N N 236 
MET O    O  N N 237 
MET CB   C  N N 238 
MET CG   C  N N 239 
MET SD   S  N N 240 
MET CE   C  N N 241 
MET OXT  O  N N 242 
MET H    H  N N 243 
MET H2   H  N N 244 
MET HA   H  N N 245 
MET HB2  H  N N 246 
MET HB3  H  N N 247 
MET HG2  H  N N 248 
MET HG3  H  N N 249 
MET HE1  H  N N 250 
MET HE2  H  N N 251 
MET HE3  H  N N 252 
MET HXT  H  N N 253 
PHE N    N  N N 254 
PHE CA   C  N S 255 
PHE C    C  N N 256 
PHE O    O  N N 257 
PHE CB   C  N N 258 
PHE CG   C  Y N 259 
PHE CD1  C  Y N 260 
PHE CD2  C  Y N 261 
PHE CE1  C  Y N 262 
PHE CE2  C  Y N 263 
PHE CZ   C  Y N 264 
PHE OXT  O  N N 265 
PHE H    H  N N 266 
PHE H2   H  N N 267 
PHE HA   H  N N 268 
PHE HB2  H  N N 269 
PHE HB3  H  N N 270 
PHE HD1  H  N N 271 
PHE HD2  H  N N 272 
PHE HE1  H  N N 273 
PHE HE2  H  N N 274 
PHE HZ   H  N N 275 
PHE HXT  H  N N 276 
PRO N    N  N N 277 
PRO CA   C  N S 278 
PRO C    C  N N 279 
PRO O    O  N N 280 
PRO CB   C  N N 281 
PRO CG   C  N N 282 
PRO CD   C  N N 283 
PRO OXT  O  N N 284 
PRO H    H  N N 285 
PRO HA   H  N N 286 
PRO HB2  H  N N 287 
PRO HB3  H  N N 288 
PRO HG2  H  N N 289 
PRO HG3  H  N N 290 
PRO HD2  H  N N 291 
PRO HD3  H  N N 292 
PRO HXT  H  N N 293 
SER N    N  N N 294 
SER CA   C  N S 295 
SER C    C  N N 296 
SER O    O  N N 297 
SER CB   C  N N 298 
SER OG   O  N N 299 
SER OXT  O  N N 300 
SER H    H  N N 301 
SER H2   H  N N 302 
SER HA   H  N N 303 
SER HB2  H  N N 304 
SER HB3  H  N N 305 
SER HG   H  N N 306 
SER HXT  H  N N 307 
THR N    N  N N 308 
THR CA   C  N S 309 
THR C    C  N N 310 
THR O    O  N N 311 
THR CB   C  N R 312 
THR OG1  O  N N 313 
THR CG2  C  N N 314 
THR OXT  O  N N 315 
THR H    H  N N 316 
THR H2   H  N N 317 
THR HA   H  N N 318 
THR HB   H  N N 319 
THR HG1  H  N N 320 
THR HG21 H  N N 321 
THR HG22 H  N N 322 
THR HG23 H  N N 323 
THR HXT  H  N N 324 
TYR N    N  N N 325 
TYR CA   C  N S 326 
TYR C    C  N N 327 
TYR O    O  N N 328 
TYR CB   C  N N 329 
TYR CG   C  Y N 330 
TYR CD1  C  Y N 331 
TYR CD2  C  Y N 332 
TYR CE1  C  Y N 333 
TYR CE2  C  Y N 334 
TYR CZ   C  Y N 335 
TYR OH   O  N N 336 
TYR OXT  O  N N 337 
TYR H    H  N N 338 
TYR H2   H  N N 339 
TYR HA   H  N N 340 
TYR HB2  H  N N 341 
TYR HB3  H  N N 342 
TYR HD1  H  N N 343 
TYR HD2  H  N N 344 
TYR HE1  H  N N 345 
TYR HE2  H  N N 346 
TYR HH   H  N N 347 
TYR HXT  H  N N 348 
VAL N    N  N N 349 
VAL CA   C  N S 350 
VAL C    C  N N 351 
VAL O    O  N N 352 
VAL CB   C  N N 353 
VAL CG1  C  N N 354 
VAL CG2  C  N N 355 
VAL OXT  O  N N 356 
VAL H    H  N N 357 
VAL H2   H  N N 358 
VAL HA   H  N N 359 
VAL HB   H  N N 360 
VAL HG11 H  N N 361 
VAL HG12 H  N N 362 
VAL HG13 H  N N 363 
VAL HG21 H  N N 364 
VAL HG22 H  N N 365 
VAL HG23 H  N N 366 
VAL HXT  H  N N 367 
# 
loop_
_chem_comp_bond.comp_id 
_chem_comp_bond.atom_id_1 
_chem_comp_bond.atom_id_2 
_chem_comp_bond.value_order 
_chem_comp_bond.pdbx_aromatic_flag 
_chem_comp_bond.pdbx_stereo_config 
_chem_comp_bond.pdbx_ordinal 
ALA N   CA   sing N N 1   
ALA N   H    sing N N 2   
ALA N   H2   sing N N 3   
ALA CA  C    sing N N 4   
ALA CA  CB   sing N N 5   
ALA CA  HA   sing N N 6   
ALA C   O    doub N N 7   
ALA C   OXT  sing N N 8   
ALA CB  HB1  sing N N 9   
ALA CB  HB2  sing N N 10  
ALA CB  HB3  sing N N 11  
ALA OXT HXT  sing N N 12  
ARG N   CA   sing N N 13  
ARG N   H    sing N N 14  
ARG N   H2   sing N N 15  
ARG CA  C    sing N N 16  
ARG CA  CB   sing N N 17  
ARG CA  HA   sing N N 18  
ARG C   O    doub N N 19  
ARG C   OXT  sing N N 20  
ARG CB  CG   sing N N 21  
ARG CB  HB2  sing N N 22  
ARG CB  HB3  sing N N 23  
ARG CG  CD   sing N N 24  
ARG CG  HG2  sing N N 25  
ARG CG  HG3  sing N N 26  
ARG CD  NE   sing N N 27  
ARG CD  HD2  sing N N 28  
ARG CD  HD3  sing N N 29  
ARG NE  CZ   sing N N 30  
ARG NE  HE   sing N N 31  
ARG CZ  NH1  sing N N 32  
ARG CZ  NH2  doub N N 33  
ARG NH1 HH11 sing N N 34  
ARG NH1 HH12 sing N N 35  
ARG NH2 HH21 sing N N 36  
ARG NH2 HH22 sing N N 37  
ARG OXT HXT  sing N N 38  
ASN N   CA   sing N N 39  
ASN N   H    sing N N 40  
ASN N   H2   sing N N 41  
ASN CA  C    sing N N 42  
ASN CA  CB   sing N N 43  
ASN CA  HA   sing N N 44  
ASN C   O    doub N N 45  
ASN C   OXT  sing N N 46  
ASN CB  CG   sing N N 47  
ASN CB  HB2  sing N N 48  
ASN CB  HB3  sing N N 49  
ASN CG  OD1  doub N N 50  
ASN CG  ND2  sing N N 51  
ASN ND2 HD21 sing N N 52  
ASN ND2 HD22 sing N N 53  
ASN OXT HXT  sing N N 54  
ASP N   CA   sing N N 55  
ASP N   H    sing N N 56  
ASP N   H2   sing N N 57  
ASP CA  C    sing N N 58  
ASP CA  CB   sing N N 59  
ASP CA  HA   sing N N 60  
ASP C   O    doub N N 61  
ASP C   OXT  sing N N 62  
ASP CB  CG   sing N N 63  
ASP CB  HB2  sing N N 64  
ASP CB  HB3  sing N N 65  
ASP CG  OD1  doub N N 66  
ASP CG  OD2  sing N N 67  
ASP OD2 HD2  sing N N 68  
ASP OXT HXT  sing N N 69  
CYS N   CA   sing N N 70  
CYS N   H    sing N N 71  
CYS N   H2   sing N N 72  
CYS CA  C    sing N N 73  
CYS CA  CB   sing N N 74  
CYS CA  HA   sing N N 75  
CYS C   O    doub N N 76  
CYS C   OXT  sing N N 77  
CYS CB  SG   sing N N 78  
CYS CB  HB2  sing N N 79  
CYS CB  HB3  sing N N 80  
CYS SG  HG   sing N N 81  
CYS OXT HXT  sing N N 82  
FES FE1 S1   sing N N 83  
FES FE1 S2   sing N N 84  
FES FE2 S1   sing N N 85  
FES FE2 S2   sing N N 86  
GLN N   CA   sing N N 87  
GLN N   H    sing N N 88  
GLN N   H2   sing N N 89  
GLN CA  C    sing N N 90  
GLN CA  CB   sing N N 91  
GLN CA  HA   sing N N 92  
GLN C   O    doub N N 93  
GLN C   OXT  sing N N 94  
GLN CB  CG   sing N N 95  
GLN CB  HB2  sing N N 96  
GLN CB  HB3  sing N N 97  
GLN CG  CD   sing N N 98  
GLN CG  HG2  sing N N 99  
GLN CG  HG3  sing N N 100 
GLN CD  OE1  doub N N 101 
GLN CD  NE2  sing N N 102 
GLN NE2 HE21 sing N N 103 
GLN NE2 HE22 sing N N 104 
GLN OXT HXT  sing N N 105 
GLU N   CA   sing N N 106 
GLU N   H    sing N N 107 
GLU N   H2   sing N N 108 
GLU CA  C    sing N N 109 
GLU CA  CB   sing N N 110 
GLU CA  HA   sing N N 111 
GLU C   O    doub N N 112 
GLU C   OXT  sing N N 113 
GLU CB  CG   sing N N 114 
GLU CB  HB2  sing N N 115 
GLU CB  HB3  sing N N 116 
GLU CG  CD   sing N N 117 
GLU CG  HG2  sing N N 118 
GLU CG  HG3  sing N N 119 
GLU CD  OE1  doub N N 120 
GLU CD  OE2  sing N N 121 
GLU OE2 HE2  sing N N 122 
GLU OXT HXT  sing N N 123 
GLY N   CA   sing N N 124 
GLY N   H    sing N N 125 
GLY N   H2   sing N N 126 
GLY CA  C    sing N N 127 
GLY CA  HA2  sing N N 128 
GLY CA  HA3  sing N N 129 
GLY C   O    doub N N 130 
GLY C   OXT  sing N N 131 
GLY OXT HXT  sing N N 132 
HIS N   CA   sing N N 133 
HIS N   H    sing N N 134 
HIS N   H2   sing N N 135 
HIS CA  C    sing N N 136 
HIS CA  CB   sing N N 137 
HIS CA  HA   sing N N 138 
HIS C   O    doub N N 139 
HIS C   OXT  sing N N 140 
HIS CB  CG   sing N N 141 
HIS CB  HB2  sing N N 142 
HIS CB  HB3  sing N N 143 
HIS CG  ND1  sing Y N 144 
HIS CG  CD2  doub Y N 145 
HIS ND1 CE1  doub Y N 146 
HIS ND1 HD1  sing N N 147 
HIS CD2 NE2  sing Y N 148 
HIS CD2 HD2  sing N N 149 
HIS CE1 NE2  sing Y N 150 
HIS CE1 HE1  sing N N 151 
HIS NE2 HE2  sing N N 152 
HIS OXT HXT  sing N N 153 
HOH O   H1   sing N N 154 
HOH O   H2   sing N N 155 
ILE N   CA   sing N N 156 
ILE N   H    sing N N 157 
ILE N   H2   sing N N 158 
ILE CA  C    sing N N 159 
ILE CA  CB   sing N N 160 
ILE CA  HA   sing N N 161 
ILE C   O    doub N N 162 
ILE C   OXT  sing N N 163 
ILE CB  CG1  sing N N 164 
ILE CB  CG2  sing N N 165 
ILE CB  HB   sing N N 166 
ILE CG1 CD1  sing N N 167 
ILE CG1 HG12 sing N N 168 
ILE CG1 HG13 sing N N 169 
ILE CG2 HG21 sing N N 170 
ILE CG2 HG22 sing N N 171 
ILE CG2 HG23 sing N N 172 
ILE CD1 HD11 sing N N 173 
ILE CD1 HD12 sing N N 174 
ILE CD1 HD13 sing N N 175 
ILE OXT HXT  sing N N 176 
LEU N   CA   sing N N 177 
LEU N   H    sing N N 178 
LEU N   H2   sing N N 179 
LEU CA  C    sing N N 180 
LEU CA  CB   sing N N 181 
LEU CA  HA   sing N N 182 
LEU C   O    doub N N 183 
LEU C   OXT  sing N N 184 
LEU CB  CG   sing N N 185 
LEU CB  HB2  sing N N 186 
LEU CB  HB3  sing N N 187 
LEU CG  CD1  sing N N 188 
LEU CG  CD2  sing N N 189 
LEU CG  HG   sing N N 190 
LEU CD1 HD11 sing N N 191 
LEU CD1 HD12 sing N N 192 
LEU CD1 HD13 sing N N 193 
LEU CD2 HD21 sing N N 194 
LEU CD2 HD22 sing N N 195 
LEU CD2 HD23 sing N N 196 
LEU OXT HXT  sing N N 197 
LYS N   CA   sing N N 198 
LYS N   H    sing N N 199 
LYS N   H2   sing N N 200 
LYS CA  C    sing N N 201 
LYS CA  CB   sing N N 202 
LYS CA  HA   sing N N 203 
LYS C   O    doub N N 204 
LYS C   OXT  sing N N 205 
LYS CB  CG   sing N N 206 
LYS CB  HB2  sing N N 207 
LYS CB  HB3  sing N N 208 
LYS CG  CD   sing N N 209 
LYS CG  HG2  sing N N 210 
LYS CG  HG3  sing N N 211 
LYS CD  CE   sing N N 212 
LYS CD  HD2  sing N N 213 
LYS CD  HD3  sing N N 214 
LYS CE  NZ   sing N N 215 
LYS CE  HE2  sing N N 216 
LYS CE  HE3  sing N N 217 
LYS NZ  HZ1  sing N N 218 
LYS NZ  HZ2  sing N N 219 
LYS NZ  HZ3  sing N N 220 
LYS OXT HXT  sing N N 221 
MET N   CA   sing N N 222 
MET N   H    sing N N 223 
MET N   H2   sing N N 224 
MET CA  C    sing N N 225 
MET CA  CB   sing N N 226 
MET CA  HA   sing N N 227 
MET C   O    doub N N 228 
MET C   OXT  sing N N 229 
MET CB  CG   sing N N 230 
MET CB  HB2  sing N N 231 
MET CB  HB3  sing N N 232 
MET CG  SD   sing N N 233 
MET CG  HG2  sing N N 234 
MET CG  HG3  sing N N 235 
MET SD  CE   sing N N 236 
MET CE  HE1  sing N N 237 
MET CE  HE2  sing N N 238 
MET CE  HE3  sing N N 239 
MET OXT HXT  sing N N 240 
PHE N   CA   sing N N 241 
PHE N   H    sing N N 242 
PHE N   H2   sing N N 243 
PHE CA  C    sing N N 244 
PHE CA  CB   sing N N 245 
PHE CA  HA   sing N N 246 
PHE C   O    doub N N 247 
PHE C   OXT  sing N N 248 
PHE CB  CG   sing N N 249 
PHE CB  HB2  sing N N 250 
PHE CB  HB3  sing N N 251 
PHE CG  CD1  doub Y N 252 
PHE CG  CD2  sing Y N 253 
PHE CD1 CE1  sing Y N 254 
PHE CD1 HD1  sing N N 255 
PHE CD2 CE2  doub Y N 256 
PHE CD2 HD2  sing N N 257 
PHE CE1 CZ   doub Y N 258 
PHE CE1 HE1  sing N N 259 
PHE CE2 CZ   sing Y N 260 
PHE CE2 HE2  sing N N 261 
PHE CZ  HZ   sing N N 262 
PHE OXT HXT  sing N N 263 
PRO N   CA   sing N N 264 
PRO N   CD   sing N N 265 
PRO N   H    sing N N 266 
PRO CA  C    sing N N 267 
PRO CA  CB   sing N N 268 
PRO CA  HA   sing N N 269 
PRO C   O    doub N N 270 
PRO C   OXT  sing N N 271 
PRO CB  CG   sing N N 272 
PRO CB  HB2  sing N N 273 
PRO CB  HB3  sing N N 274 
PRO CG  CD   sing N N 275 
PRO CG  HG2  sing N N 276 
PRO CG  HG3  sing N N 277 
PRO CD  HD2  sing N N 278 
PRO CD  HD3  sing N N 279 
PRO OXT HXT  sing N N 280 
SER N   CA   sing N N 281 
SER N   H    sing N N 282 
SER N   H2   sing N N 283 
SER CA  C    sing N N 284 
SER CA  CB   sing N N 285 
SER CA  HA   sing N N 286 
SER C   O    doub N N 287 
SER C   OXT  sing N N 288 
SER CB  OG   sing N N 289 
SER CB  HB2  sing N N 290 
SER CB  HB3  sing N N 291 
SER OG  HG   sing N N 292 
SER OXT HXT  sing N N 293 
THR N   CA   sing N N 294 
THR N   H    sing N N 295 
THR N   H2   sing N N 296 
THR CA  C    sing N N 297 
THR CA  CB   sing N N 298 
THR CA  HA   sing N N 299 
THR C   O    doub N N 300 
THR C   OXT  sing N N 301 
THR CB  OG1  sing N N 302 
THR CB  CG2  sing N N 303 
THR CB  HB   sing N N 304 
THR OG1 HG1  sing N N 305 
THR CG2 HG21 sing N N 306 
THR CG2 HG22 sing N N 307 
THR CG2 HG23 sing N N 308 
THR OXT HXT  sing N N 309 
TYR N   CA   sing N N 310 
TYR N   H    sing N N 311 
TYR N   H2   sing N N 312 
TYR CA  C    sing N N 313 
TYR CA  CB   sing N N 314 
TYR CA  HA   sing N N 315 
TYR C   O    doub N N 316 
TYR C   OXT  sing N N 317 
TYR CB  CG   sing N N 318 
TYR CB  HB2  sing N N 319 
TYR CB  HB3  sing N N 320 
TYR CG  CD1  doub Y N 321 
TYR CG  CD2  sing Y N 322 
TYR CD1 CE1  sing Y N 323 
TYR CD1 HD1  sing N N 324 
TYR CD2 CE2  doub Y N 325 
TYR CD2 HD2  sing N N 326 
TYR CE1 CZ   doub Y N 327 
TYR CE1 HE1  sing N N 328 
TYR CE2 CZ   sing Y N 329 
TYR CE2 HE2  sing N N 330 
TYR CZ  OH   sing N N 331 
TYR OH  HH   sing N N 332 
TYR OXT HXT  sing N N 333 
VAL N   CA   sing N N 334 
VAL N   H    sing N N 335 
VAL N   H2   sing N N 336 
VAL CA  C    sing N N 337 
VAL CA  CB   sing N N 338 
VAL CA  HA   sing N N 339 
VAL C   O    doub N N 340 
VAL C   OXT  sing N N 341 
VAL CB  CG1  sing N N 342 
VAL CB  CG2  sing N N 343 
VAL CB  HB   sing N N 344 
VAL CG1 HG11 sing N N 345 
VAL CG1 HG12 sing N N 346 
VAL CG1 HG13 sing N N 347 
VAL CG2 HG21 sing N N 348 
VAL CG2 HG22 sing N N 349 
VAL CG2 HG23 sing N N 350 
VAL OXT HXT  sing N N 351 
# 
_atom_sites.entry_id                    3GCE 
_atom_sites.fract_transf_matrix[1][1]   -0.00972787 
_atom_sites.fract_transf_matrix[1][2]   -0.01072116 
_atom_sites.fract_transf_matrix[1][3]   -0.01373272 
_atom_sites.fract_transf_matrix[2][1]   0.00162556 
_atom_sites.fract_transf_matrix[2][2]   -0.01621835 
_atom_sites.fract_transf_matrix[2][3]   0.01151020 
_atom_sites.fract_transf_matrix[3][1]   -0.01057250 
_atom_sites.fract_transf_matrix[3][2]   0.00273828 
_atom_sites.fract_transf_matrix[3][3]   0.00535148 
_atom_sites.fract_transf_vector[1]      0.139553 
_atom_sites.fract_transf_vector[2]      0.314949 
_atom_sites.fract_transf_vector[3]      0.220417 
# 
loop_
_atom_type.symbol 
C  
FE 
N  
O  
S  
# 
loop_
_atom_site.group_PDB 
_atom_site.id 
_atom_site.type_symbol 
_atom_site.label_atom_id 
_atom_site.label_alt_id 
_atom_site.label_comp_id 
_atom_site.label_asym_id 
_atom_site.label_entity_id 
_atom_site.label_seq_id 
_atom_site.pdbx_PDB_ins_code 
_atom_site.Cartn_x 
_atom_site.Cartn_y 
_atom_site.Cartn_z 
_atom_site.occupancy 
_atom_site.B_iso_or_equiv 
_atom_site.pdbx_formal_charge 
_atom_site.auth_seq_id 
_atom_site.auth_comp_id 
_atom_site.auth_asym_id 
_atom_site.auth_atom_id 
_atom_site.pdbx_PDB_model_num 
ATOM   1   N  N   . SER A 1 9   ? -4.410  -0.880  -20.492 1.00 34.46 ? 9   SER A N   1 
ATOM   2   C  CA  . SER A 1 9   ? -4.901  -2.161  -21.066 1.00 33.83 ? 9   SER A CA  1 
ATOM   3   C  C   . SER A 1 9   ? -5.444  -3.199  -20.061 1.00 33.50 ? 9   SER A C   1 
ATOM   4   O  O   . SER A 1 9   ? -5.304  -4.415  -20.268 1.00 34.14 ? 9   SER A O   1 
ATOM   5   C  CB  . SER A 1 9   ? -3.814  -2.760  -21.957 1.00 34.28 ? 9   SER A CB  1 
ATOM   6   O  OG  . SER A 1 9   ? -3.452  -1.825  -22.961 1.00 34.78 ? 9   SER A OG  1 
ATOM   7   N  N   . THR A 1 10  ? -6.083  -2.753  -18.975 1.00 32.03 ? 10  THR A N   1 
ATOM   8   C  CA  . THR A 1 10  ? -6.177  -1.347  -18.578 1.00 29.66 ? 10  THR A CA  1 
ATOM   9   C  C   . THR A 1 10  ? -5.841  -1.341  -17.114 1.00 26.58 ? 10  THR A C   1 
ATOM   10  O  O   . THR A 1 10  ? -6.043  -2.354  -16.444 1.00 27.35 ? 10  THR A O   1 
ATOM   11  C  CB  . THR A 1 10  ? -7.613  -0.815  -18.705 1.00 29.83 ? 10  THR A CB  1 
ATOM   12  O  OG1 . THR A 1 10  ? -8.540  -1.819  -18.258 1.00 31.97 ? 10  THR A OG1 1 
ATOM   13  C  CG2 . THR A 1 10  ? -7.924  -0.440  -20.122 1.00 30.65 ? 10  THR A CG2 1 
ATOM   14  N  N   . PRO A 1 11  ? -5.390  -0.193  -16.582 1.00 23.35 ? 11  PRO A N   1 
ATOM   15  C  CA  . PRO A 1 11  ? -5.139  -0.163  -15.147 1.00 21.19 ? 11  PRO A CA  1 
ATOM   16  C  C   . PRO A 1 11  ? -6.454  0.023   -14.370 1.00 19.62 ? 11  PRO A C   1 
ATOM   17  O  O   . PRO A 1 11  ? -7.533  -0.001  -14.976 1.00 17.74 ? 11  PRO A O   1 
ATOM   18  C  CB  . PRO A 1 11  ? -4.237  1.050   -14.988 1.00 20.44 ? 11  PRO A CB  1 
ATOM   19  C  CG  . PRO A 1 11  ? -4.660  1.967   -16.052 1.00 22.65 ? 11  PRO A CG  1 
ATOM   20  C  CD  . PRO A 1 11  ? -5.128  1.109   -17.211 1.00 22.95 ? 11  PRO A CD  1 
ATOM   21  N  N   . VAL A 1 12  ? -6.356  0.181   -13.050 1.00 18.12 ? 12  VAL A N   1 
ATOM   22  C  CA  . VAL A 1 12  ? -7.516  0.452   -12.214 1.00 17.76 ? 12  VAL A CA  1 
ATOM   23  C  C   . VAL A 1 12  ? -7.376  1.856   -11.598 1.00 17.47 ? 12  VAL A C   1 
ATOM   24  O  O   . VAL A 1 12  ? -6.372  2.141   -10.937 1.00 17.53 ? 12  VAL A O   1 
ATOM   25  C  CB  . VAL A 1 12  ? -7.626  -0.632  -11.112 1.00 18.25 ? 12  VAL A CB  1 
ATOM   26  C  CG1 . VAL A 1 12  ? -8.754  -0.341  -10.143 1.00 17.40 ? 12  VAL A CG1 1 
ATOM   27  C  CG2 . VAL A 1 12  ? -7.741  -2.049  -11.770 1.00 17.78 ? 12  VAL A CG2 1 
ATOM   28  N  N   . ARG A 1 13  ? -8.359  2.728   -11.816 1.00 16.39 ? 13  ARG A N   1 
ATOM   29  C  CA  . ARG A 1 13  ? -8.327  4.066   -11.223 1.00 15.86 ? 13  ARG A CA  1 
ATOM   30  C  C   . ARG A 1 13  ? -8.933  3.895   -9.845  1.00 16.02 ? 13  ARG A C   1 
ATOM   31  O  O   . ARG A 1 13  ? -10.084 3.454   -9.732  1.00 15.97 ? 13  ARG A O   1 
ATOM   32  C  CB  . ARG A 1 13  ? -9.159  5.131   -11.982 1.00 16.93 ? 13  ARG A CB  1 
ATOM   33  C  CG  . ARG A 1 13  ? -8.949  6.533   -11.303 1.00 17.62 ? 13  ARG A CG  1 
ATOM   34  C  CD  . ARG A 1 13  ? -10.108 7.515   -11.112 1.00 22.49 ? 13  ARG A CD  1 
ATOM   35  N  NE  . ARG A 1 13  ? -10.932 7.198   -9.973  1.00 25.54 ? 13  ARG A NE  1 
ATOM   36  C  CZ  . ARG A 1 13  ? -11.526 8.058   -9.132  1.00 20.51 ? 13  ARG A CZ  1 
ATOM   37  N  NH1 . ARG A 1 13  ? -11.391 9.377   -9.194  1.00 21.61 ? 13  ARG A NH1 1 
ATOM   38  N  NH2 . ARG A 1 13  ? -12.240 7.544   -8.178  1.00 21.99 ? 13  ARG A NH2 1 
ATOM   39  N  N   . VAL A 1 14  ? -8.178  4.238   -8.808  1.00 15.53 ? 14  VAL A N   1 
ATOM   40  C  CA  . VAL A 1 14  ? -8.654  4.022   -7.436  1.00 15.63 ? 14  VAL A CA  1 
ATOM   41  C  C   . VAL A 1 14  ? -9.188  5.284   -6.788  1.00 16.62 ? 14  VAL A C   1 
ATOM   42  O  O   . VAL A 1 14  ? -10.091 5.217   -5.956  1.00 16.79 ? 14  VAL A O   1 
ATOM   43  C  CB  . VAL A 1 14  ? -7.565  3.380   -6.542  1.00 15.57 ? 14  VAL A CB  1 
ATOM   44  C  CG1 . VAL A 1 14  ? -7.252  1.962   -7.059  1.00 14.64 ? 14  VAL A CG1 1 
ATOM   45  C  CG2 . VAL A 1 14  ? -6.303  4.241   -6.495  1.00 13.95 ? 14  VAL A CG2 1 
ATOM   46  N  N   . ALA A 1 15  ? -8.619  6.425   -7.159  1.00 16.35 ? 15  ALA A N   1 
ATOM   47  C  CA  . ALA A 1 15  ? -8.955  7.687   -6.534  1.00 18.93 ? 15  ALA A CA  1 
ATOM   48  C  C   . ALA A 1 15  ? -8.214  8.818   -7.224  1.00 19.88 ? 15  ALA A C   1 
ATOM   49  O  O   . ALA A 1 15  ? -7.318  8.576   -8.037  1.00 19.14 ? 15  ALA A O   1 
ATOM   50  C  CB  . ALA A 1 15  ? -8.581  7.649   -5.034  1.00 19.23 ? 15  ALA A CB  1 
ATOM   51  N  N   . THR A 1 16  ? -8.599  10.047  -6.891  1.00 21.94 ? 16  THR A N   1 
ATOM   52  C  CA  . THR A 1 16  ? -7.863  11.248  -7.246  1.00 24.28 ? 16  THR A CA  1 
ATOM   53  C  C   . THR A 1 16  ? -6.852  11.530  -6.126  1.00 25.38 ? 16  THR A C   1 
ATOM   54  O  O   . THR A 1 16  ? -7.134  11.268  -4.945  1.00 25.57 ? 16  THR A O   1 
ATOM   55  C  CB  . THR A 1 16  ? -8.848  12.444  -7.380  1.00 25.24 ? 16  THR A CB  1 
ATOM   56  O  OG1 . THR A 1 16  ? -9.971  12.044  -8.164  1.00 28.89 ? 16  THR A OG1 1 
ATOM   57  C  CG2 . THR A 1 16  ? -8.219  13.583  -8.056  1.00 24.97 ? 16  THR A CG2 1 
ATOM   58  N  N   . LEU A 1 17  ? -5.677  12.047  -6.485  1.00 26.37 ? 17  LEU A N   1 
ATOM   59  C  CA  . LEU A 1 17  ? -4.588  12.242  -5.539  1.00 28.18 ? 17  LEU A CA  1 
ATOM   60  C  C   . LEU A 1 17  ? -5.019  12.974  -4.268  1.00 29.68 ? 17  LEU A C   1 
ATOM   61  O  O   . LEU A 1 17  ? -4.664  12.557  -3.159  1.00 29.56 ? 17  LEU A O   1 
ATOM   62  C  CB  . LEU A 1 17  ? -3.409  12.970  -6.193  1.00 28.11 ? 17  LEU A CB  1 
ATOM   63  C  CG  . LEU A 1 17  ? -2.115  13.109  -5.394  1.00 28.02 ? 17  LEU A CG  1 
ATOM   64  C  CD1 . LEU A 1 17  ? -1.414  11.782  -5.272  1.00 26.91 ? 17  LEU A CD1 1 
ATOM   65  C  CD2 . LEU A 1 17  ? -1.193  14.139  -6.028  1.00 28.56 ? 17  LEU A CD2 1 
ATOM   66  N  N   . ASP A 1 18  ? -5.793  14.048  -4.410  1.00 31.16 ? 18  ASP A N   1 
ATOM   67  C  CA  . ASP A 1 18  ? -6.141  14.827  -3.218  1.00 32.63 ? 18  ASP A CA  1 
ATOM   68  C  C   . ASP A 1 18  ? -7.359  14.296  -2.474  1.00 32.40 ? 18  ASP A C   1 
ATOM   69  O  O   . ASP A 1 18  ? -7.765  14.864  -1.453  1.00 32.91 ? 18  ASP A O   1 
ATOM   70  C  CB  . ASP A 1 18  ? -6.274  16.310  -3.533  1.00 33.80 ? 18  ASP A CB  1 
ATOM   71  C  CG  . ASP A 1 18  ? -7.024  16.563  -4.807  1.00 36.47 ? 18  ASP A CG  1 
ATOM   72  O  OD1 . ASP A 1 18  ? -8.149  16.022  -4.950  1.00 39.36 ? 18  ASP A OD1 1 
ATOM   73  O  OD2 . ASP A 1 18  ? -6.470  17.300  -5.661  1.00 39.94 ? 18  ASP A OD2 1 
ATOM   74  N  N   . GLN A 1 19  ? -7.925  13.191  -2.957  1.00 31.51 ? 19  GLN A N   1 
ATOM   75  C  CA  . GLN A 1 19  ? -8.904  12.450  -2.170  1.00 31.08 ? 19  GLN A CA  1 
ATOM   76  C  C   . GLN A 1 19  ? -8.190  11.630  -1.105  1.00 30.25 ? 19  GLN A C   1 
ATOM   77  O  O   . GLN A 1 19  ? -8.817  11.158  -0.162  1.00 29.39 ? 19  GLN A O   1 
ATOM   78  C  CB  . GLN A 1 19  ? -9.754  11.525  -3.031  1.00 31.38 ? 19  GLN A CB  1 
ATOM   79  C  CG  . GLN A 1 19  ? -10.740 12.221  -3.955  1.00 32.32 ? 19  GLN A CG  1 
ATOM   80  C  CD  . GLN A 1 19  ? -11.493 11.231  -4.841  1.00 33.26 ? 19  GLN A CD  1 
ATOM   81  O  OE1 . GLN A 1 19  ? -10.984 10.149  -5.165  1.00 31.19 ? 19  GLN A OE1 1 
ATOM   82  N  NE2 . GLN A 1 19  ? -12.721 11.598  -5.234  1.00 37.34 ? 19  GLN A NE2 1 
ATOM   83  N  N   . LEU A 1 20  ? -6.875  11.467  -1.267  1.00 29.35 ? 20  LEU A N   1 
ATOM   84  C  CA  . LEU A 1 20  ? -6.059  10.754  -0.284  1.00 28.43 ? 20  LEU A CA  1 
ATOM   85  C  C   . LEU A 1 20  ? -5.331  11.721  0.629   1.00 27.61 ? 20  LEU A C   1 
ATOM   86  O  O   . LEU A 1 20  ? -4.520  12.548  0.168   1.00 27.25 ? 20  LEU A O   1 
ATOM   87  C  CB  . LEU A 1 20  ? -5.041  9.841   -0.985  1.00 28.24 ? 20  LEU A CB  1 
ATOM   88  C  CG  . LEU A 1 20  ? -5.384  8.380   -1.269  1.00 28.84 ? 20  LEU A CG  1 
ATOM   89  C  CD1 . LEU A 1 20  ? -6.669  8.224   -2.065  1.00 30.37 ? 20  LEU A CD1 1 
ATOM   90  C  CD2 . LEU A 1 20  ? -4.211  7.721   -1.986  1.00 28.48 ? 20  LEU A CD2 1 
ATOM   91  N  N   . LYS A 1 21  ? -5.604  11.614  1.925   1.00 27.14 ? 21  LYS A N   1 
ATOM   92  C  CA  . LYS A 1 21  ? -4.843  12.358  2.913   1.00 28.13 ? 21  LYS A CA  1 
ATOM   93  C  C   . LYS A 1 21  ? -3.402  11.838  2.936   1.00 26.61 ? 21  LYS A C   1 
ATOM   94  O  O   . LYS A 1 21  ? -3.177  10.632  3.025   1.00 25.40 ? 21  LYS A O   1 
ATOM   95  C  CB  . LYS A 1 21  ? -5.495  12.247  4.301   1.00 28.30 ? 21  LYS A CB  1 
ATOM   96  C  CG  . LYS A 1 21  ? -6.949  12.741  4.335   1.00 30.96 ? 21  LYS A CG  1 
ATOM   97  C  CD  . LYS A 1 21  ? -7.668  12.393  5.658   1.00 31.58 ? 21  LYS A CD  1 
ATOM   98  C  CE  . LYS A 1 21  ? -8.174  10.946  5.678   1.00 35.92 ? 21  LYS A CE  1 
ATOM   99  N  NZ  . LYS A 1 21  ? -8.923  10.626  6.930   1.00 38.38 ? 21  LYS A NZ  1 
ATOM   100 N  N   . PRO A 1 22  ? -2.412  12.745  2.840   1.00 26.28 ? 22  PRO A N   1 
ATOM   101 C  CA  . PRO A 1 22  ? -1.063  12.222  2.865   1.00 25.48 ? 22  PRO A CA  1 
ATOM   102 C  C   . PRO A 1 22  ? -0.836  11.442  4.154   1.00 25.40 ? 22  PRO A C   1 
ATOM   103 O  O   . PRO A 1 22  ? -1.331  11.836  5.220   1.00 25.39 ? 22  PRO A O   1 
ATOM   104 C  CB  . PRO A 1 22  ? -0.201  13.482  2.799   1.00 26.22 ? 22  PRO A CB  1 
ATOM   105 C  CG  . PRO A 1 22  ? -1.069  14.468  2.070   1.00 25.85 ? 22  PRO A CG  1 
ATOM   106 C  CD  . PRO A 1 22  ? -2.419  14.215  2.690   1.00 26.62 ? 22  PRO A CD  1 
ATOM   107 N  N   . GLY A 1 23  ? -0.139  10.317  4.037   1.00 23.58 ? 23  GLY A N   1 
ATOM   108 C  CA  . GLY A 1 23  ? 0.217   9.506   5.184   1.00 22.82 ? 23  GLY A CA  1 
ATOM   109 C  C   . GLY A 1 23  ? -0.895  8.657   5.762   1.00 21.55 ? 23  GLY A C   1 
ATOM   110 O  O   . GLY A 1 23  ? -0.653  7.947   6.725   1.00 21.52 ? 23  GLY A O   1 
ATOM   111 N  N   . VAL A 1 24  ? -2.092  8.720   5.179   1.00 20.33 ? 24  VAL A N   1 
ATOM   112 C  CA  . VAL A 1 24  ? -3.215  7.890   5.612   1.00 20.56 ? 24  VAL A CA  1 
ATOM   113 C  C   . VAL A 1 24  ? -3.482  6.774   4.578   1.00 20.04 ? 24  VAL A C   1 
ATOM   114 O  O   . VAL A 1 24  ? -3.974  7.045   3.466   1.00 19.23 ? 24  VAL A O   1 
ATOM   115 C  CB  . VAL A 1 24  ? -4.523  8.717   5.854   1.00 21.15 ? 24  VAL A CB  1 
ATOM   116 C  CG1 . VAL A 1 24  ? -5.637  7.801   6.376   1.00 22.20 ? 24  VAL A CG1 1 
ATOM   117 C  CG2 . VAL A 1 24  ? -4.267  9.855   6.841   1.00 21.60 ? 24  VAL A CG2 1 
ATOM   118 N  N   . PRO A 1 25  ? -3.152  5.524   4.945   1.00 20.24 ? 25  PRO A N   1 
ATOM   119 C  CA  . PRO A 1 25  ? -3.318  4.372   4.049   1.00 20.60 ? 25  PRO A CA  1 
ATOM   120 C  C   . PRO A 1 25  ? -4.783  4.002   3.836   1.00 20.91 ? 25  PRO A C   1 
ATOM   121 O  O   . PRO A 1 25  ? -5.588  4.108   4.756   1.00 20.78 ? 25  PRO A O   1 
ATOM   122 C  CB  . PRO A 1 25  ? -2.572  3.233   4.754   1.00 20.51 ? 25  PRO A CB  1 
ATOM   123 C  CG  . PRO A 1 25  ? -2.007  3.792   6.009   1.00 21.40 ? 25  PRO A CG  1 
ATOM   124 C  CD  . PRO A 1 25  ? -2.597  5.144   6.263   1.00 20.07 ? 25  PRO A CD  1 
ATOM   125 N  N   . THR A 1 26  ? -5.123  3.595   2.620   1.00 21.00 ? 26  THR A N   1 
ATOM   126 C  CA  . THR A 1 26  ? -6.463  3.082   2.333   1.00 21.85 ? 26  THR A CA  1 
ATOM   127 C  C   . THR A 1 26  ? -6.314  1.825   1.516   1.00 21.10 ? 26  THR A C   1 
ATOM   128 O  O   . THR A 1 26  ? -5.232  1.538   1.017   1.00 23.13 ? 26  THR A O   1 
ATOM   129 C  CB  . THR A 1 26  ? -7.288  4.074   1.498   1.00 22.36 ? 26  THR A CB  1 
ATOM   130 O  OG1 . THR A 1 26  ? -6.901  5.397   1.838   1.00 26.64 ? 26  THR A OG1 1 
ATOM   131 C  CG2 . THR A 1 26  ? -8.755  3.912   1.786   1.00 22.57 ? 26  THR A CG2 1 
ATOM   132 N  N   . ALA A 1 27  ? -7.395  1.081   1.357   1.00 19.78 ? 27  ALA A N   1 
ATOM   133 C  CA  . ALA A 1 27  ? -7.368  -0.125  0.555   1.00 19.08 ? 27  ALA A CA  1 
ATOM   134 C  C   . ALA A 1 27  ? -8.418  -0.003  -0.547  1.00 18.89 ? 27  ALA A C   1 
ATOM   135 O  O   . ALA A 1 27  ? -9.478  0.605   -0.343  1.00 17.72 ? 27  ALA A O   1 
ATOM   136 C  CB  . ALA A 1 27  ? -7.619  -1.354  1.405   1.00 19.03 ? 27  ALA A CB  1 
ATOM   137 N  N   . PHE A 1 28  ? -8.101  -0.610  -1.684  1.00 18.09 ? 28  PHE A N   1 
ATOM   138 C  CA  . PHE A 1 28  ? -8.940  -0.622  -2.872  1.00 18.55 ? 28  PHE A CA  1 
ATOM   139 C  C   . PHE A 1 28  ? -8.899  -2.002  -3.494  1.00 19.33 ? 28  PHE A C   1 
ATOM   140 O  O   . PHE A 1 28  ? -7.884  -2.720  -3.398  1.00 18.81 ? 28  PHE A O   1 
ATOM   141 C  CB  . PHE A 1 28  ? -8.416  0.374   -3.884  1.00 17.46 ? 28  PHE A CB  1 
ATOM   142 C  CG  . PHE A 1 28  ? -8.501  1.799   -3.432  1.00 17.36 ? 28  PHE A CG  1 
ATOM   143 C  CD1 . PHE A 1 28  ? -9.722  2.460   -3.404  1.00 17.04 ? 28  PHE A CD1 1 
ATOM   144 C  CD2 . PHE A 1 28  ? -7.348  2.488   -3.026  1.00 18.70 ? 28  PHE A CD2 1 
ATOM   145 C  CE1 . PHE A 1 28  ? -9.804  3.789   -2.986  1.00 18.76 ? 28  PHE A CE1 1 
ATOM   146 C  CE2 . PHE A 1 28  ? -7.424  3.812   -2.596  1.00 17.98 ? 28  PHE A CE2 1 
ATOM   147 C  CZ  . PHE A 1 28  ? -8.652  4.466   -2.578  1.00 17.04 ? 28  PHE A CZ  1 
ATOM   148 N  N   . ASP A 1 29  ? -10.001 -2.380  -4.133  1.00 20.90 ? 29  ASP A N   1 
ATOM   149 C  CA  . ASP A 1 29  ? -10.022 -3.560  -4.986  1.00 22.80 ? 29  ASP A CA  1 
ATOM   150 C  C   . ASP A 1 29  ? -9.378  -3.255  -6.327  1.00 23.53 ? 29  ASP A C   1 
ATOM   151 O  O   . ASP A 1 29  ? -9.813  -2.350  -7.045  1.00 24.33 ? 29  ASP A O   1 
ATOM   152 C  CB  . ASP A 1 29  ? -11.437 -4.086  -5.220  1.00 23.96 ? 29  ASP A CB  1 
ATOM   153 C  CG  . ASP A 1 29  ? -11.470 -5.137  -6.313  1.00 27.86 ? 29  ASP A CG  1 
ATOM   154 O  OD1 . ASP A 1 29  ? -10.865 -6.198  -6.106  1.00 34.09 ? 29  ASP A OD1 1 
ATOM   155 O  OD2 . ASP A 1 29  ? -12.055 -4.902  -7.395  1.00 35.79 ? 29  ASP A OD2 1 
ATOM   156 N  N   . VAL A 1 30  ? -8.344  -4.022  -6.664  1.00 22.95 ? 30  VAL A N   1 
ATOM   157 C  CA  . VAL A 1 30  ? -7.671  -3.873  -7.915  1.00 23.00 ? 30  VAL A CA  1 
ATOM   158 C  C   . VAL A 1 30  ? -7.800  -5.224  -8.611  1.00 24.58 ? 30  VAL A C   1 
ATOM   159 O  O   . VAL A 1 30  ? -6.975  -6.112  -8.411  1.00 23.63 ? 30  VAL A O   1 
ATOM   160 C  CB  . VAL A 1 30  ? -6.184  -3.445  -7.718  1.00 22.92 ? 30  VAL A CB  1 
ATOM   161 C  CG1 . VAL A 1 30  ? -5.449  -3.369  -9.055  1.00 22.03 ? 30  VAL A CG1 1 
ATOM   162 C  CG2 . VAL A 1 30  ? -6.091  -2.072  -7.008  1.00 20.86 ? 30  VAL A CG2 1 
ATOM   163 N  N   . ASP A 1 31  ? -8.862  -5.379  -9.406  1.00 25.93 ? 31  ASP A N   1 
ATOM   164 C  CA  . ASP A 1 31  ? -9.046  -6.603  -10.196 1.00 27.74 ? 31  ASP A CA  1 
ATOM   165 C  C   . ASP A 1 31  ? -9.115  -7.853  -9.330  1.00 27.04 ? 31  ASP A C   1 
ATOM   166 O  O   . ASP A 1 31  ? -8.479  -8.855  -9.646  1.00 27.93 ? 31  ASP A O   1 
ATOM   167 C  CB  . ASP A 1 31  ? -7.873  -6.769  -11.167 1.00 28.03 ? 31  ASP A CB  1 
ATOM   168 C  CG  . ASP A 1 31  ? -8.278  -6.596  -12.603 1.00 33.91 ? 31  ASP A CG  1 
ATOM   169 O  OD1 . ASP A 1 31  ? -8.749  -5.478  -12.974 1.00 36.99 ? 31  ASP A OD1 1 
ATOM   170 O  OD2 . ASP A 1 31  ? -8.106  -7.591  -13.363 1.00 38.20 ? 31  ASP A OD2 1 
ATOM   171 N  N   . GLY A 1 32  ? -9.856  -7.789  -8.233  1.00 26.96 ? 32  GLY A N   1 
ATOM   172 C  CA  . GLY A 1 32  ? -9.975  -8.926  -7.333  1.00 27.32 ? 32  GLY A CA  1 
ATOM   173 C  C   . GLY A 1 32  ? -8.959  -8.936  -6.208  1.00 26.88 ? 32  GLY A C   1 
ATOM   174 O  O   . GLY A 1 32  ? -9.179  -9.612  -5.197  1.00 27.69 ? 32  GLY A O   1 
ATOM   175 N  N   . ASP A 1 33  ? -7.847  -8.206  -6.374  1.00 26.06 ? 33  ASP A N   1 
ATOM   176 C  CA  . ASP A 1 33  ? -6.823  -8.110  -5.312  1.00 25.17 ? 33  ASP A CA  1 
ATOM   177 C  C   . ASP A 1 33  ? -6.970  -6.852  -4.471  1.00 23.77 ? 33  ASP A C   1 
ATOM   178 O  O   . ASP A 1 33  ? -7.157  -5.765  -5.000  1.00 22.12 ? 33  ASP A O   1 
ATOM   179 C  CB  . ASP A 1 33  ? -5.413  -8.164  -5.891  1.00 26.01 ? 33  ASP A CB  1 
ATOM   180 C  CG  . ASP A 1 33  ? -5.120  -9.485  -6.577  1.00 28.97 ? 33  ASP A CG  1 
ATOM   181 O  OD1 . ASP A 1 33  ? -5.308  -10.545 -5.945  1.00 31.59 ? 33  ASP A OD1 1 
ATOM   182 O  OD2 . ASP A 1 33  ? -4.724  -9.456  -7.754  1.00 31.43 ? 33  ASP A OD2 1 
ATOM   183 N  N   . GLU A 1 34  ? -6.849  -7.008  -3.154  1.00 21.84 ? 34  GLU A N   1 
ATOM   184 C  CA  . GLU A 1 34  ? -6.990  -5.885  -2.258  1.00 20.39 ? 34  GLU A CA  1 
ATOM   185 C  C   . GLU A 1 34  ? -5.627  -5.221  -2.111  1.00 17.83 ? 34  GLU A C   1 
ATOM   186 O  O   . GLU A 1 34  ? -4.613  -5.884  -1.777  1.00 14.92 ? 34  GLU A O   1 
ATOM   187 C  CB  . GLU A 1 34  ? -7.504  -6.343  -0.894  1.00 21.61 ? 34  GLU A CB  1 
ATOM   188 C  CG  . GLU A 1 34  ? -8.125  -5.247  -0.065  1.00 25.07 ? 34  GLU A CG  1 
ATOM   189 C  CD  . GLU A 1 34  ? -8.666  -5.781  1.263   1.00 28.88 ? 34  GLU A CD  1 
ATOM   190 O  OE1 . GLU A 1 34  ? -9.380  -6.819  1.275   1.00 33.19 ? 34  GLU A OE1 1 
ATOM   191 O  OE2 . GLU A 1 34  ? -8.369  -5.166  2.298   1.00 31.11 ? 34  GLU A OE2 1 
ATOM   192 N  N   . VAL A 1 35  ? -5.608  -3.918  -2.375  1.00 14.95 ? 35  VAL A N   1 
ATOM   193 C  CA  . VAL A 1 35  ? -4.356  -3.177  -2.468  1.00 15.09 ? 35  VAL A CA  1 
ATOM   194 C  C   . VAL A 1 35  ? -4.344  -1.948  -1.560  1.00 15.19 ? 35  VAL A C   1 
ATOM   195 O  O   . VAL A 1 35  ? -5.242  -1.094  -1.623  1.00 15.84 ? 35  VAL A O   1 
ATOM   196 C  CB  . VAL A 1 35  ? -4.076  -2.762  -3.933  1.00 15.46 ? 35  VAL A CB  1 
ATOM   197 C  CG1 . VAL A 1 35  ? -2.782  -1.981  -4.030  1.00 14.01 ? 35  VAL A CG1 1 
ATOM   198 C  CG2 . VAL A 1 35  ? -3.979  -3.997  -4.795  1.00 15.46 ? 35  VAL A CG2 1 
ATOM   199 N  N   . MET A 1 36  ? -3.334  -1.878  -0.703  1.00 14.00 ? 36  MET A N   1 
ATOM   200 C  CA  . MET A 1 36  ? -3.156  -0.728  0.164   1.00 14.86 ? 36  MET A CA  1 
ATOM   201 C  C   . MET A 1 36  ? -2.452  0.358   -0.630  1.00 13.71 ? 36  MET A C   1 
ATOM   202 O  O   . MET A 1 36  ? -1.408  0.107   -1.237  1.00 12.29 ? 36  MET A O   1 
ATOM   203 C  CB  . MET A 1 36  ? -2.320  -1.102  1.388   1.00 14.98 ? 36  MET A CB  1 
ATOM   204 C  CG  . MET A 1 36  ? -2.292  -0.004  2.469   1.00 20.71 ? 36  MET A CG  1 
ATOM   205 S  SD  . MET A 1 36  ? -0.764  0.918   2.449   1.00 36.04 ? 36  MET A SD  1 
ATOM   206 C  CE  . MET A 1 36  ? 0.216   -0.363  3.126   1.00 29.30 ? 36  MET A CE  1 
ATOM   207 N  N   . VAL A 1 37  ? -3.031  1.554   -0.605  1.00 13.46 ? 37  VAL A N   1 
ATOM   208 C  CA  . VAL A 1 37  ? -2.478  2.705   -1.297  1.00 13.78 ? 37  VAL A CA  1 
ATOM   209 C  C   . VAL A 1 37  ? -2.225  3.790   -0.257  1.00 13.90 ? 37  VAL A C   1 
ATOM   210 O  O   . VAL A 1 37  ? -3.062  3.997   0.622   1.00 13.30 ? 37  VAL A O   1 
ATOM   211 C  CB  . VAL A 1 37  ? -3.436  3.148   -2.453  1.00 13.84 ? 37  VAL A CB  1 
ATOM   212 C  CG1 . VAL A 1 37  ? -2.986  4.438   -3.111  1.00 14.02 ? 37  VAL A CG1 1 
ATOM   213 C  CG2 . VAL A 1 37  ? -3.482  2.046   -3.496  1.00 12.44 ? 37  VAL A CG2 1 
ATOM   214 N  N   . VAL A 1 38  ? -1.051  4.435   -0.331  1.00 13.67 ? 38  VAL A N   1 
ATOM   215 C  CA  . VAL A 1 38  ? -0.709  5.505   0.576   1.00 13.92 ? 38  VAL A CA  1 
ATOM   216 C  C   . VAL A 1 38  ? 0.105   6.597   -0.126  1.00 15.47 ? 38  VAL A C   1 
ATOM   217 O  O   . VAL A 1 38  ? 0.997   6.310   -0.925  1.00 14.96 ? 38  VAL A O   1 
ATOM   218 C  CB  . VAL A 1 38  ? 0.023   4.942   1.845   1.00 14.14 ? 38  VAL A CB  1 
ATOM   219 C  CG1 . VAL A 1 38  ? 1.420   4.413   1.509   1.00 14.95 ? 38  VAL A CG1 1 
ATOM   220 C  CG2 . VAL A 1 38  ? 0.070   5.992   2.973   1.00 12.21 ? 38  VAL A CG2 1 
ATOM   221 N  N   . ARG A 1 39  ? -0.249  7.848   0.155   1.00 16.80 ? 39  ARG A N   1 
ATOM   222 C  CA  . ARG A 1 39  ? 0.468   9.021   -0.344  1.00 18.99 ? 39  ARG A CA  1 
ATOM   223 C  C   . ARG A 1 39  ? 1.529   9.433   0.674   1.00 19.46 ? 39  ARG A C   1 
ATOM   224 O  O   . ARG A 1 39  ? 1.280   9.430   1.887   1.00 19.32 ? 39  ARG A O   1 
ATOM   225 C  CB  . ARG A 1 39  ? -0.476  10.211  -0.485  1.00 18.05 ? 39  ARG A CB  1 
ATOM   226 C  CG  . ARG A 1 39  ? -1.302  10.314  -1.744  1.00 22.25 ? 39  ARG A CG  1 
ATOM   227 C  CD  . ARG A 1 39  ? -2.074  11.672  -1.750  1.00 21.15 ? 39  ARG A CD  1 
ATOM   228 N  NE  . ARG A 1 39  ? -1.202  12.848  -1.897  1.00 25.33 ? 39  ARG A NE  1 
ATOM   229 C  CZ  . ARG A 1 39  ? -1.600  14.123  -1.820  1.00 23.99 ? 39  ARG A CZ  1 
ATOM   230 N  NH1 . ARG A 1 39  ? -2.865  14.441  -1.565  1.00 22.05 ? 39  ARG A NH1 1 
ATOM   231 N  NH2 . ARG A 1 39  ? -0.721  15.095  -1.998  1.00 24.28 ? 39  ARG A NH2 1 
ATOM   232 N  N   . ASP A 1 40  ? 2.706   9.773   0.175   1.00 21.09 ? 40  ASP A N   1 
ATOM   233 C  CA  . ASP A 1 40  ? 3.709   10.480  0.947   1.00 22.85 ? 40  ASP A CA  1 
ATOM   234 C  C   . ASP A 1 40  ? 4.187   11.642  0.066   1.00 23.14 ? 40  ASP A C   1 
ATOM   235 O  O   . ASP A 1 40  ? 4.632   11.422  -1.066  1.00 22.70 ? 40  ASP A O   1 
ATOM   236 C  CB  . ASP A 1 40  ? 4.877   9.546   1.283   1.00 23.76 ? 40  ASP A CB  1 
ATOM   237 C  CG  . ASP A 1 40  ? 5.945   10.228  2.152   1.00 26.65 ? 40  ASP A CG  1 
ATOM   238 O  OD1 . ASP A 1 40  ? 5.629   10.623  3.297   1.00 28.87 ? 40  ASP A OD1 1 
ATOM   239 O  OD2 . ASP A 1 40  ? 7.093   10.371  1.673   1.00 29.13 ? 40  ASP A OD2 1 
ATOM   240 N  N   . GLY A 1 41  ? 4.079   12.878  0.559   1.00 23.62 ? 41  GLY A N   1 
ATOM   241 C  CA  . GLY A 1 41  ? 4.391   14.036  -0.287  1.00 24.09 ? 41  GLY A CA  1 
ATOM   242 C  C   . GLY A 1 41  ? 3.490   13.956  -1.500  1.00 24.04 ? 41  GLY A C   1 
ATOM   243 O  O   . GLY A 1 41  ? 2.281   13.807  -1.353  1.00 24.91 ? 41  GLY A O   1 
ATOM   244 N  N   . ASP A 1 42  ? 4.071   14.010  -2.693  1.00 23.56 ? 42  ASP A N   1 
ATOM   245 C  CA  . ASP A 1 42  ? 3.296   13.797  -3.909  1.00 23.94 ? 42  ASP A CA  1 
ATOM   246 C  C   . ASP A 1 42  ? 3.468   12.387  -4.477  1.00 22.60 ? 42  ASP A C   1 
ATOM   247 O  O   . ASP A 1 42  ? 2.943   12.074  -5.561  1.00 22.68 ? 42  ASP A O   1 
ATOM   248 C  CB  . ASP A 1 42  ? 3.673   14.831  -4.970  1.00 24.97 ? 42  ASP A CB  1 
ATOM   249 C  CG  . ASP A 1 42  ? 3.175   16.220  -4.617  1.00 27.91 ? 42  ASP A CG  1 
ATOM   250 O  OD1 . ASP A 1 42  ? 1.956   16.364  -4.351  1.00 31.34 ? 42  ASP A OD1 1 
ATOM   251 O  OD2 . ASP A 1 42  ? 4.013   17.147  -4.595  1.00 34.13 ? 42  ASP A OD2 1 
ATOM   252 N  N   . SER A 1 43  ? 4.194   11.536  -3.756  1.00 20.16 ? 43  SER A N   1 
ATOM   253 C  CA  . SER A 1 43  ? 4.387   10.163  -4.230  1.00 18.53 ? 43  SER A CA  1 
ATOM   254 C  C   . SER A 1 43  ? 3.241   9.291   -3.750  1.00 16.68 ? 43  SER A C   1 
ATOM   255 O  O   . SER A 1 43  ? 2.642   9.561   -2.710  1.00 16.02 ? 43  SER A O   1 
ATOM   256 C  CB  . SER A 1 43  ? 5.707   9.611   -3.743  1.00 18.51 ? 43  SER A CB  1 
ATOM   257 O  OG  . SER A 1 43  ? 6.768   10.407  -4.214  1.00 20.52 ? 43  SER A OG  1 
ATOM   258 N  N   . VAL A 1 44  ? 2.917   8.269   -4.535  1.00 15.38 ? 44  VAL A N   1 
ATOM   259 C  CA  . VAL A 1 44  ? 1.884   7.303   -4.147  1.00 14.66 ? 44  VAL A CA  1 
ATOM   260 C  C   . VAL A 1 44  ? 2.534   5.926   -4.229  1.00 13.79 ? 44  VAL A C   1 
ATOM   261 O  O   . VAL A 1 44  ? 3.255   5.625   -5.214  1.00 12.31 ? 44  VAL A O   1 
ATOM   262 C  CB  . VAL A 1 44  ? 0.672   7.355   -5.107  1.00 14.93 ? 44  VAL A CB  1 
ATOM   263 C  CG1 . VAL A 1 44  ? -0.424  6.374   -4.672  1.00 15.14 ? 44  VAL A CG1 1 
ATOM   264 C  CG2 . VAL A 1 44  ? 0.121   8.776   -5.179  1.00 16.01 ? 44  VAL A CG2 1 
ATOM   265 N  N   . TYR A 1 45  ? 2.275   5.109   -3.209  1.00 12.25 ? 45  TYR A N   1 
ATOM   266 C  CA  . TYR A 1 45  ? 2.807   3.745   -3.135  1.00 12.59 ? 45  TYR A CA  1 
ATOM   267 C  C   . TYR A 1 45  ? 1.663   2.770   -3.000  1.00 11.46 ? 45  TYR A C   1 
ATOM   268 O  O   . TYR A 1 45  ? 0.624   3.110   -2.435  1.00 11.91 ? 45  TYR A O   1 
ATOM   269 C  CB  . TYR A 1 45  ? 3.721   3.607   -1.909  1.00 12.73 ? 45  TYR A CB  1 
ATOM   270 C  CG  . TYR A 1 45  ? 4.813   4.624   -1.934  1.00 15.32 ? 45  TYR A CG  1 
ATOM   271 C  CD1 . TYR A 1 45  ? 5.893   4.465   -2.780  1.00 14.60 ? 45  TYR A CD1 1 
ATOM   272 C  CD2 . TYR A 1 45  ? 4.748   5.770   -1.147  1.00 17.66 ? 45  TYR A CD2 1 
ATOM   273 C  CE1 . TYR A 1 45  ? 6.896   5.404   -2.844  1.00 18.72 ? 45  TYR A CE1 1 
ATOM   274 C  CE2 . TYR A 1 45  ? 5.783   6.728   -1.197  1.00 20.16 ? 45  TYR A CE2 1 
ATOM   275 C  CZ  . TYR A 1 45  ? 6.848   6.513   -2.043  1.00 17.94 ? 45  TYR A CZ  1 
ATOM   276 O  OH  . TYR A 1 45  ? 7.875   7.419   -2.124  1.00 21.56 ? 45  TYR A OH  1 
ATOM   277 N  N   . ALA A 1 46  ? 1.854   1.555   -3.502  1.00 11.21 ? 46  ALA A N   1 
ATOM   278 C  CA  . ALA A 1 46  ? 0.779   0.553   -3.469  1.00 10.64 ? 46  ALA A CA  1 
ATOM   279 C  C   . ALA A 1 46  ? 1.382   -0.819  -3.239  1.00 11.23 ? 46  ALA A C   1 
ATOM   280 O  O   . ALA A 1 46  ? 2.329   -1.204  -3.934  1.00 10.72 ? 46  ALA A O   1 
ATOM   281 C  CB  . ALA A 1 46  ? 0.006   0.573   -4.787  1.00 10.28 ? 46  ALA A CB  1 
ATOM   282 N  N   . ILE A 1 47  ? 0.847   -1.555  -2.259  1.00 10.65 ? 47  ILE A N   1 
ATOM   283 C  CA  . ILE A 1 47  ? 1.280   -2.939  -2.013  1.00 10.42 ? 47  ILE A CA  1 
ATOM   284 C  C   . ILE A 1 47  ? 0.049   -3.747  -1.671  1.00 10.62 ? 47  ILE A C   1 
ATOM   285 O  O   . ILE A 1 47  ? -1.004  -3.175  -1.406  1.00 10.23 ? 47  ILE A O   1 
ATOM   286 C  CB  . ILE A 1 47  ? 2.385   -3.076  -0.888  1.00 9.88  ? 47  ILE A CB  1 
ATOM   287 C  CG1 . ILE A 1 47  ? 1.898   -2.508  0.467   1.00 12.40 ? 47  ILE A CG1 1 
ATOM   288 C  CG2 . ILE A 1 47  ? 3.666   -2.378  -1.342  1.00 8.83  ? 47  ILE A CG2 1 
ATOM   289 C  CD1 . ILE A 1 47  ? 2.765   -2.967  1.698   1.00 11.60 ? 47  ILE A CD1 1 
ATOM   290 N  N   . SER A 1 48  ? 0.172   -5.068  -1.696  1.00 11.36 ? 48  SER A N   1 
ATOM   291 C  CA  . SER A 1 48  ? -0.931  -5.917  -1.234  1.00 11.94 ? 48  SER A CA  1 
ATOM   292 C  C   . SER A 1 48  ? -1.361  -5.498  0.167   1.00 12.35 ? 48  SER A C   1 
ATOM   293 O  O   . SER A 1 48  ? -0.523  -5.217  1.031   1.00 11.72 ? 48  SER A O   1 
ATOM   294 C  CB  . SER A 1 48  ? -0.524  -7.377  -1.196  1.00 12.03 ? 48  SER A CB  1 
ATOM   295 O  OG  . SER A 1 48  ? -1.564  -8.106  -0.546  1.00 12.94 ? 48  SER A OG  1 
ATOM   296 N  N   . ASN A 1 49  ? -2.671  -5.465  0.388   1.00 11.80 ? 49  ASN A N   1 
ATOM   297 C  CA  . ASN A 1 49  ? -3.201  -5.073  1.684   1.00 12.55 ? 49  ASN A CA  1 
ATOM   298 C  C   . ASN A 1 49  ? -3.153  -6.205  2.706   1.00 13.04 ? 49  ASN A C   1 
ATOM   299 O  O   . ASN A 1 49  ? -3.422  -5.982  3.871   1.00 13.75 ? 49  ASN A O   1 
ATOM   300 C  CB  . ASN A 1 49  ? -4.650  -4.580  1.560   1.00 13.29 ? 49  ASN A CB  1 
ATOM   301 C  CG  . ASN A 1 49  ? -5.088  -3.752  2.767   1.00 13.35 ? 49  ASN A CG  1 
ATOM   302 O  OD1 . ASN A 1 49  ? -4.309  -2.977  3.301   1.00 14.75 ? 49  ASN A OD1 1 
ATOM   303 N  ND2 . ASN A 1 49  ? -6.336  -3.919  3.190   1.00 12.72 ? 49  ASN A ND2 1 
ATOM   304 N  N   . LEU A 1 50  ? -2.860  -7.417  2.253   1.00 12.70 ? 50  LEU A N   1 
ATOM   305 C  CA  . LEU A 1 50  ? -2.839  -8.568  3.153   1.00 13.70 ? 50  LEU A CA  1 
ATOM   306 C  C   . LEU A 1 50  ? -1.456  -8.814  3.668   1.00 11.99 ? 50  LEU A C   1 
ATOM   307 O  O   . LEU A 1 50  ? -0.543  -9.061  2.883   1.00 12.18 ? 50  LEU A O   1 
ATOM   308 C  CB  . LEU A 1 50  ? -3.306  -9.839  2.448   1.00 13.83 ? 50  LEU A CB  1 
ATOM   309 C  CG  . LEU A 1 50  ? -4.732  -10.285 2.684   1.00 18.61 ? 50  LEU A CG  1 
ATOM   310 C  CD1 . LEU A 1 50  ? -4.927  -10.714 4.174   1.00 19.99 ? 50  LEU A CD1 1 
ATOM   311 C  CD2 . LEU A 1 50  ? -5.686  -9.178  2.234   1.00 22.79 ? 50  LEU A CD2 1 
ATOM   312 N  N   . CYS A 1 51  ? -1.310  -8.800  4.989   1.00 11.19 ? 51  CYS A N   1 
ATOM   313 C  CA  . CYS A 1 51  ? -0.010  -9.076  5.609   1.00 9.92  ? 51  CYS A CA  1 
ATOM   314 C  C   . CYS A 1 51  ? 0.435   -10.497 5.233   1.00 10.12 ? 51  CYS A C   1 
ATOM   315 O  O   . CYS A 1 51  ? -0.401  -11.406 5.161   1.00 9.60  ? 51  CYS A O   1 
ATOM   316 C  CB  . CYS A 1 51  ? -0.128  -8.936  7.138   1.00 9.66  ? 51  CYS A CB  1 
ATOM   317 S  SG  . CYS A 1 51  ? 1.433   -9.150  7.996   1.00 10.32 ? 51  CYS A SG  1 
ATOM   318 N  N   . SER A 1 52  ? 1.733   -10.701 4.990   1.00 9.22  ? 52  SER A N   1 
ATOM   319 C  CA  . SER A 1 52  ? 2.216   -12.042 4.667   1.00 11.66 ? 52  SER A CA  1 
ATOM   320 C  C   . SER A 1 52  ? 2.391   -12.942 5.898   1.00 11.81 ? 52  SER A C   1 
ATOM   321 O  O   . SER A 1 52  ? 2.566   -14.168 5.762   1.00 12.78 ? 52  SER A O   1 
ATOM   322 C  CB  . SER A 1 52  ? 3.560   -11.967 3.945   1.00 10.84 ? 52  SER A CB  1 
ATOM   323 O  OG  . SER A 1 52  ? 4.528   -11.466 4.827   1.00 11.76 ? 52  SER A OG  1 
ATOM   324 N  N   . HIS A 1 53  ? 2.319   -12.367 7.089   1.00 11.62 ? 53  HIS A N   1 
ATOM   325 C  CA  . HIS A 1 53  ? 2.589   -13.158 8.274   1.00 12.56 ? 53  HIS A CA  1 
ATOM   326 C  C   . HIS A 1 53  ? 1.359   -14.001 8.674   1.00 13.69 ? 53  HIS A C   1 
ATOM   327 O  O   . HIS A 1 53  ? 1.475   -15.196 8.951   1.00 14.37 ? 53  HIS A O   1 
ATOM   328 C  CB  . HIS A 1 53  ? 3.089   -12.278 9.440   1.00 11.77 ? 53  HIS A CB  1 
ATOM   329 C  CG  . HIS A 1 53  ? 3.147   -13.011 10.741  1.00 15.25 ? 53  HIS A CG  1 
ATOM   330 N  ND1 . HIS A 1 53  ? 2.319   -12.712 11.799  1.00 14.63 ? 53  HIS A ND1 1 
ATOM   331 C  CD2 . HIS A 1 53  ? 3.876   -14.084 11.123  1.00 16.82 ? 53  HIS A CD2 1 
ATOM   332 C  CE1 . HIS A 1 53  ? 2.563   -13.550 12.794  1.00 18.01 ? 53  HIS A CE1 1 
ATOM   333 N  NE2 . HIS A 1 53  ? 3.496   -14.400 12.402  1.00 19.04 ? 53  HIS A NE2 1 
ATOM   334 N  N   . ALA A 1 54  ? 0.197   -13.363 8.723   1.00 13.24 ? 54  ALA A N   1 
ATOM   335 C  CA  . ALA A 1 54  ? -1.061  -14.048 9.003   1.00 14.72 ? 54  ALA A CA  1 
ATOM   336 C  C   . ALA A 1 54  ? -2.146  -13.176 8.412   1.00 14.41 ? 54  ALA A C   1 
ATOM   337 O  O   . ALA A 1 54  ? -1.854  -12.159 7.786   1.00 14.16 ? 54  ALA A O   1 
ATOM   338 C  CB  . ALA A 1 54  ? -1.259  -14.248 10.502  1.00 14.63 ? 54  ALA A CB  1 
ATOM   339 N  N   . GLU A 1 55  ? -3.401  -13.559 8.580   1.00 14.45 ? 55  GLU A N   1 
ATOM   340 C  CA  . GLU A 1 55  ? -4.443  -12.724 8.040   1.00 14.74 ? 55  GLU A CA  1 
ATOM   341 C  C   . GLU A 1 55  ? -4.536  -11.423 8.826   1.00 13.38 ? 55  GLU A C   1 
ATOM   342 O  O   . GLU A 1 55  ? -4.946  -11.415 9.990   1.00 12.29 ? 55  GLU A O   1 
ATOM   343 C  CB  . GLU A 1 55  ? -5.789  -13.438 8.031   1.00 15.99 ? 55  GLU A CB  1 
ATOM   344 C  CG  . GLU A 1 55  ? -6.824  -12.662 7.237   1.00 17.95 ? 55  GLU A CG  1 
ATOM   345 C  CD  . GLU A 1 55  ? -8.237  -13.030 7.622   1.00 24.81 ? 55  GLU A CD  1 
ATOM   346 O  OE1 . GLU A 1 55  ? -8.413  -14.067 8.312   1.00 26.03 ? 55  GLU A OE1 1 
ATOM   347 O  OE2 . GLU A 1 55  ? -9.168  -12.287 7.228   1.00 25.48 ? 55  GLU A OE2 1 
ATOM   348 N  N   . ALA A 1 56  ? -4.138  -10.324 8.194   1.00 12.87 ? 56  ALA A N   1 
ATOM   349 C  CA  . ALA A 1 56  ? -4.411  -8.987  8.742   1.00 13.32 ? 56  ALA A CA  1 
ATOM   350 C  C   . ALA A 1 56  ? -4.363  -7.975  7.609   1.00 13.61 ? 56  ALA A C   1 
ATOM   351 O  O   . ALA A 1 56  ? -3.756  -8.249  6.577   1.00 13.97 ? 56  ALA A O   1 
ATOM   352 C  CB  . ALA A 1 56  ? -3.415  -8.620  9.835   1.00 12.64 ? 56  ALA A CB  1 
ATOM   353 N  N   . TYR A 1 57  ? -4.990  -6.821  7.818   1.00 12.43 ? 57  TYR A N   1 
ATOM   354 C  CA  . TYR A 1 57  ? -5.204  -5.851  6.760   1.00 11.94 ? 57  TYR A CA  1 
ATOM   355 C  C   . TYR A 1 57  ? -4.391  -4.587  7.022   1.00 10.77 ? 57  TYR A C   1 
ATOM   356 O  O   . TYR A 1 57  ? -4.645  -3.840  7.957   1.00 8.31  ? 57  TYR A O   1 
ATOM   357 C  CB  . TYR A 1 57  ? -6.729  -5.608  6.527   1.00 12.49 ? 57  TYR A CB  1 
ATOM   358 C  CG  . TYR A 1 57  ? -7.386  -6.939  6.234   1.00 14.37 ? 57  TYR A CG  1 
ATOM   359 C  CD1 . TYR A 1 57  ? -7.432  -7.434  4.922   1.00 18.14 ? 57  TYR A CD1 1 
ATOM   360 C  CD2 . TYR A 1 57  ? -7.879  -7.745  7.262   1.00 14.28 ? 57  TYR A CD2 1 
ATOM   361 C  CE1 . TYR A 1 57  ? -7.989  -8.692  4.636   1.00 18.23 ? 57  TYR A CE1 1 
ATOM   362 C  CE2 . TYR A 1 57  ? -8.438  -9.037  6.982   1.00 13.91 ? 57  TYR A CE2 1 
ATOM   363 C  CZ  . TYR A 1 57  ? -8.484  -9.476  5.651   1.00 16.03 ? 57  TYR A CZ  1 
ATOM   364 O  OH  . TYR A 1 57  ? -9.004  -10.705 5.315   1.00 16.29 ? 57  TYR A OH  1 
ATOM   365 N  N   . LEU A 1 58  ? -3.364  -4.396  6.189   1.00 9.81  ? 58  LEU A N   1 
ATOM   366 C  CA  . LEU A 1 58  ? -2.333  -3.412  6.456   1.00 9.38  ? 58  LEU A CA  1 
ATOM   367 C  C   . LEU A 1 58  ? -2.824  -1.958  6.511   1.00 10.20 ? 58  LEU A C   1 
ATOM   368 O  O   . LEU A 1 58  ? -2.305  -1.167  7.283   1.00 12.03 ? 58  LEU A O   1 
ATOM   369 C  CB  . LEU A 1 58  ? -1.204  -3.539  5.420   1.00 9.87  ? 58  LEU A CB  1 
ATOM   370 C  CG  . LEU A 1 58  ? -0.501  -4.903  5.423   1.00 10.10 ? 58  LEU A CG  1 
ATOM   371 C  CD1 . LEU A 1 58  ? 0.524   -4.926  4.272   1.00 8.50  ? 58  LEU A CD1 1 
ATOM   372 C  CD2 . LEU A 1 58  ? 0.198   -5.180  6.786   1.00 10.65 ? 58  LEU A CD2 1 
ATOM   373 N  N   . ASP A 1 59  ? -3.808  -1.604  5.697   1.00 10.74 ? 59  ASP A N   1 
ATOM   374 C  CA  . ASP A 1 59  ? -4.365  -0.249  5.718   1.00 13.07 ? 59  ASP A CA  1 
ATOM   375 C  C   . ASP A 1 59  ? -4.954  0.162   7.081   1.00 13.99 ? 59  ASP A C   1 
ATOM   376 O  O   . ASP A 1 59  ? -5.120  1.351   7.355   1.00 13.60 ? 59  ASP A O   1 
ATOM   377 C  CB  . ASP A 1 59  ? -5.415  -0.079  4.602   1.00 13.56 ? 59  ASP A CB  1 
ATOM   378 C  CG  . ASP A 1 59  ? -6.774  -0.649  4.964   1.00 16.90 ? 59  ASP A CG  1 
ATOM   379 O  OD1 . ASP A 1 59  ? -6.935  -1.876  5.128   1.00 18.20 ? 59  ASP A OD1 1 
ATOM   380 O  OD2 . ASP A 1 59  ? -7.718  0.152   5.044   1.00 21.76 ? 59  ASP A OD2 1 
ATOM   381 N  N   . MET A 1 60  ? -5.285  -0.828  7.917   1.00 14.33 ? 60  MET A N   1 
ATOM   382 C  CA  . MET A 1 60  ? -5.806  -0.570  9.264   1.00 14.22 ? 60  MET A CA  1 
ATOM   383 C  C   . MET A 1 60  ? -4.683  -0.423  10.299  1.00 14.77 ? 60  MET A C   1 
ATOM   384 O  O   . MET A 1 60  ? -4.954  -0.152  11.475  1.00 14.03 ? 60  MET A O   1 
ATOM   385 C  CB  . MET A 1 60  ? -6.759  -1.699  9.705   1.00 14.60 ? 60  MET A CB  1 
ATOM   386 C  CG  . MET A 1 60  ? -7.958  -1.976  8.784   1.00 16.08 ? 60  MET A CG  1 
ATOM   387 S  SD  . MET A 1 60  ? -8.852  -0.489  8.392   1.00 19.77 ? 60  MET A SD  1 
ATOM   388 C  CE  . MET A 1 60  ? -9.590  -0.162  10.000  1.00 18.68 ? 60  MET A CE  1 
ATOM   389 N  N   . GLY A 1 61  ? -3.436  -0.583  9.853   1.00 14.58 ? 61  GLY A N   1 
ATOM   390 C  CA  . GLY A 1 61  ? -2.262  -0.375  10.696  1.00 15.63 ? 61  GLY A CA  1 
ATOM   391 C  C   . GLY A 1 61  ? -1.770  1.065   10.708  1.00 16.22 ? 61  GLY A C   1 
ATOM   392 O  O   . GLY A 1 61  ? -2.546  1.996   10.451  1.00 17.36 ? 61  GLY A O   1 
ATOM   393 N  N   . VAL A 1 62  ? -0.485  1.249   11.002  1.00 14.93 ? 62  VAL A N   1 
ATOM   394 C  CA  . VAL A 1 62  ? 0.099   2.584   11.186  1.00 14.55 ? 62  VAL A CA  1 
ATOM   395 C  C   . VAL A 1 62  ? 1.144   2.843   10.109  1.00 14.82 ? 62  VAL A C   1 
ATOM   396 O  O   . VAL A 1 62  ? 2.057   2.021   9.913   1.00 13.48 ? 62  VAL A O   1 
ATOM   397 C  CB  . VAL A 1 62  ? 0.697   2.723   12.601  1.00 15.25 ? 62  VAL A CB  1 
ATOM   398 C  CG1 . VAL A 1 62  ? 1.517   4.037   12.758  1.00 17.23 ? 62  VAL A CG1 1 
ATOM   399 C  CG2 . VAL A 1 62  ? -0.442  2.683   13.639  1.00 16.84 ? 62  VAL A CG2 1 
ATOM   400 N  N   . PHE A 1 63  ? 1.007   3.971   9.398   1.00 14.69 ? 63  PHE A N   1 
ATOM   401 C  CA  . PHE A 1 63  ? 2.001   4.344   8.402   1.00 15.35 ? 63  PHE A CA  1 
ATOM   402 C  C   . PHE A 1 63  ? 3.061   5.259   9.012   1.00 16.18 ? 63  PHE A C   1 
ATOM   403 O  O   . PHE A 1 63  ? 2.732   6.236   9.673   1.00 15.69 ? 63  PHE A O   1 
ATOM   404 C  CB  . PHE A 1 63  ? 1.340   4.982   7.163   1.00 15.40 ? 63  PHE A CB  1 
ATOM   405 C  CG  . PHE A 1 63  ? 2.318   5.398   6.097   1.00 15.64 ? 63  PHE A CG  1 
ATOM   406 C  CD1 . PHE A 1 63  ? 3.035   4.445   5.372   1.00 14.21 ? 63  PHE A CD1 1 
ATOM   407 C  CD2 . PHE A 1 63  ? 2.514   6.748   5.811   1.00 17.49 ? 63  PHE A CD2 1 
ATOM   408 C  CE1 . PHE A 1 63  ? 3.933   4.834   4.379   1.00 13.04 ? 63  PHE A CE1 1 
ATOM   409 C  CE2 . PHE A 1 63  ? 3.418   7.154   4.811   1.00 16.15 ? 63  PHE A CE2 1 
ATOM   410 C  CZ  . PHE A 1 63  ? 4.114   6.194   4.095   1.00 15.80 ? 63  PHE A CZ  1 
ATOM   411 N  N   . HIS A 1 64  ? 4.328   4.919   8.767   1.00 15.78 ? 64  HIS A N   1 
ATOM   412 C  CA  . HIS A 1 64  ? 5.467   5.656   9.260   1.00 16.72 ? 64  HIS A CA  1 
ATOM   413 C  C   . HIS A 1 64  ? 6.105   6.378   8.085   1.00 17.17 ? 64  HIS A C   1 
ATOM   414 O  O   . HIS A 1 64  ? 6.897   5.791   7.349   1.00 16.27 ? 64  HIS A O   1 
ATOM   415 C  CB  . HIS A 1 64  ? 6.480   4.717   9.953   1.00 16.27 ? 64  HIS A CB  1 
ATOM   416 C  CG  . HIS A 1 64  ? 5.911   4.003   11.136  1.00 17.60 ? 64  HIS A CG  1 
ATOM   417 N  ND1 . HIS A 1 64  ? 6.027   4.486   12.419  1.00 19.16 ? 64  HIS A ND1 1 
ATOM   418 C  CD2 . HIS A 1 64  ? 5.188   2.862   11.229  1.00 17.50 ? 64  HIS A CD2 1 
ATOM   419 C  CE1 . HIS A 1 64  ? 5.398   3.676   13.250  1.00 20.70 ? 64  HIS A CE1 1 
ATOM   420 N  NE2 . HIS A 1 64  ? 4.880   2.682   12.555  1.00 17.98 ? 64  HIS A NE2 1 
ATOM   421 N  N   . ALA A 1 65  ? 5.734   7.650   7.909   1.00 17.48 ? 65  ALA A N   1 
ATOM   422 C  CA  . ALA A 1 65  ? 6.194   8.424   6.748   1.00 18.95 ? 65  ALA A CA  1 
ATOM   423 C  C   . ALA A 1 65  ? 7.715   8.563   6.724   1.00 19.35 ? 65  ALA A C   1 
ATOM   424 O  O   . ALA A 1 65  ? 8.317   8.538   5.657   1.00 19.79 ? 65  ALA A O   1 
ATOM   425 C  CB  . ALA A 1 65  ? 5.506   9.794   6.673   1.00 19.02 ? 65  ALA A CB  1 
ATOM   426 N  N   . GLU A 1 66  ? 8.338   8.667   7.892   1.00 20.25 ? 66  GLU A N   1 
ATOM   427 C  CA  . GLU A 1 66  ? 9.785   8.937   7.972   1.00 20.92 ? 66  GLU A CA  1 
ATOM   428 C  C   . GLU A 1 66  ? 10.597  7.792   7.401   1.00 19.88 ? 66  GLU A C   1 
ATOM   429 O  O   . GLU A 1 66  ? 11.674  8.011   6.845   1.00 20.52 ? 66  GLU A O   1 
ATOM   430 C  CB  . GLU A 1 66  ? 10.228  9.143   9.423   1.00 21.89 ? 66  GLU A CB  1 
ATOM   431 C  CG  . GLU A 1 66  ? 9.093   9.167   10.452  1.00 29.62 ? 66  GLU A CG  1 
ATOM   432 C  CD  . GLU A 1 66  ? 8.520   7.777   10.836  1.00 34.89 ? 66  GLU A CD  1 
ATOM   433 O  OE1 . GLU A 1 66  ? 9.211   6.772   10.541  1.00 36.91 ? 66  GLU A OE1 1 
ATOM   434 O  OE2 . GLU A 1 66  ? 7.390   7.683   11.390  1.00 38.67 ? 66  GLU A OE2 1 
ATOM   435 N  N   . SER A 1 67  ? 10.104  6.565   7.588   1.00 18.17 ? 67  SER A N   1 
ATOM   436 C  CA  . SER A 1 67  ? 10.797  5.374   7.137   1.00 16.51 ? 67  SER A CA  1 
ATOM   437 C  C   . SER A 1 67  ? 10.085  4.659   5.975   1.00 15.93 ? 67  SER A C   1 
ATOM   438 O  O   . SER A 1 67  ? 10.583  3.635   5.496   1.00 15.28 ? 67  SER A O   1 
ATOM   439 C  CB  . SER A 1 67  ? 11.017  4.416   8.323   1.00 17.34 ? 67  SER A CB  1 
ATOM   440 O  OG  . SER A 1 67  ? 9.782   3.899   8.807   1.00 15.75 ? 67  SER A OG  1 
ATOM   441 N  N   . LEU A 1 68  ? 8.944   5.208   5.522   1.00 14.45 ? 68  LEU A N   1 
ATOM   442 C  CA  . LEU A 1 68  ? 8.109   4.633   4.428   1.00 13.71 ? 68  LEU A CA  1 
ATOM   443 C  C   . LEU A 1 68  ? 7.729   3.163   4.691   1.00 13.12 ? 68  LEU A C   1 
ATOM   444 O  O   . LEU A 1 68  ? 7.830   2.296   3.801   1.00 12.31 ? 68  LEU A O   1 
ATOM   445 C  CB  . LEU A 1 68  ? 8.751   4.831   3.021   1.00 13.84 ? 68  LEU A CB  1 
ATOM   446 C  CG  . LEU A 1 68  ? 8.852   6.295   2.518   1.00 14.18 ? 68  LEU A CG  1 
ATOM   447 C  CD1 . LEU A 1 68  ? 9.676   6.393   1.258   1.00 15.18 ? 68  LEU A CD1 1 
ATOM   448 C  CD2 . LEU A 1 68  ? 7.469   6.978   2.298   1.00 13.09 ? 68  LEU A CD2 1 
ATOM   449 N  N   . GLU A 1 69  ? 7.325   2.909   5.938   1.00 13.00 ? 69  GLU A N   1 
ATOM   450 C  CA  . GLU A 1 69  ? 6.884   1.595   6.376   1.00 12.86 ? 69  GLU A CA  1 
ATOM   451 C  C   . GLU A 1 69  ? 5.429   1.651   6.776   1.00 12.62 ? 69  GLU A C   1 
ATOM   452 O  O   . GLU A 1 69  ? 4.964   2.633   7.375   1.00 12.50 ? 69  GLU A O   1 
ATOM   453 C  CB  . GLU A 1 69  ? 7.680   1.149   7.594   1.00 12.49 ? 69  GLU A CB  1 
ATOM   454 C  CG  . GLU A 1 69  ? 9.137   0.808   7.328   1.00 14.62 ? 69  GLU A CG  1 
ATOM   455 C  CD  . GLU A 1 69  ? 9.854   0.457   8.623   1.00 16.29 ? 69  GLU A CD  1 
ATOM   456 O  OE1 . GLU A 1 69  ? 9.989   1.354   9.469   1.00 17.68 ? 69  GLU A OE1 1 
ATOM   457 O  OE2 . GLU A 1 69  ? 10.259  -0.714  8.805   1.00 14.96 ? 69  GLU A OE2 1 
ATOM   458 N  N   . ILE A 1 70  ? 4.716   0.591   6.438   1.00 12.91 ? 70  ILE A N   1 
ATOM   459 C  CA  . ILE A 1 70  ? 3.399   0.338   7.000   1.00 12.63 ? 70  ILE A CA  1 
ATOM   460 C  C   . ILE A 1 70  ? 3.568   -0.733  8.094   1.00 12.65 ? 70  ILE A C   1 
ATOM   461 O  O   . ILE A 1 70  ? 4.241   -1.747  7.907   1.00 11.25 ? 70  ILE A O   1 
ATOM   462 C  CB  . ILE A 1 70  ? 2.406   -0.147  5.919   1.00 13.13 ? 70  ILE A CB  1 
ATOM   463 C  CG1 . ILE A 1 70  ? 0.982   -0.276  6.494   1.00 12.63 ? 70  ILE A CG1 1 
ATOM   464 C  CG2 . ILE A 1 70  ? 2.863   -1.511  5.332   1.00 13.05 ? 70  ILE A CG2 1 
ATOM   465 C  CD1 . ILE A 1 70  ? 0.374   1.046   6.981   1.00 10.21 ? 70  ILE A CD1 1 
ATOM   466 N  N   . GLU A 1 71  ? 2.938   -0.503  9.229   1.00 12.28 ? 71  GLU A N   1 
ATOM   467 C  CA  . GLU A 1 71  ? 3.057   -1.411  10.359  1.00 13.72 ? 71  GLU A CA  1 
ATOM   468 C  C   . GLU A 1 71  ? 1.738   -2.168  10.501  1.00 13.50 ? 71  GLU A C   1 
ATOM   469 O  O   . GLU A 1 71  ? 0.676   -1.553  10.601  1.00 12.92 ? 71  GLU A O   1 
ATOM   470 C  CB  . GLU A 1 71  ? 3.362   -0.611  11.610  1.00 13.79 ? 71  GLU A CB  1 
ATOM   471 C  CG  . GLU A 1 71  ? 3.381   -1.396  12.924  1.00 16.01 ? 71  GLU A CG  1 
ATOM   472 C  CD  . GLU A 1 71  ? 3.692   -0.472  14.104  1.00 19.30 ? 71  GLU A CD  1 
ATOM   473 O  OE1 . GLU A 1 71  ? 3.589   0.761   13.941  1.00 24.90 ? 71  GLU A OE1 1 
ATOM   474 O  OE2 . GLU A 1 71  ? 4.032   -0.960  15.201  1.00 27.63 ? 71  GLU A OE2 1 
ATOM   475 N  N   . CYS A 1 72  ? 1.805   -3.499  10.466  1.00 12.35 ? 72  CYS A N   1 
ATOM   476 C  CA  . CYS A 1 72  ? 0.602   -4.342  10.514  1.00 11.23 ? 72  CYS A CA  1 
ATOM   477 C  C   . CYS A 1 72  ? -0.130  -4.105  11.849  1.00 11.19 ? 72  CYS A C   1 
ATOM   478 O  O   . CYS A 1 72  ? 0.512   -4.056  12.900  1.00 11.09 ? 72  CYS A O   1 
ATOM   479 C  CB  . CYS A 1 72  ? 1.035   -5.814  10.419  1.00 11.58 ? 72  CYS A CB  1 
ATOM   480 S  SG  . CYS A 1 72  ? -0.322  -7.016  10.574  1.00 12.42 ? 72  CYS A SG  1 
ATOM   481 N  N   . PRO A 1 73  ? -1.468  -3.977  11.825  1.00 11.19 ? 73  PRO A N   1 
ATOM   482 C  CA  . PRO A 1 73  ? -2.156  -3.732  13.103  1.00 11.27 ? 73  PRO A CA  1 
ATOM   483 C  C   . PRO A 1 73  ? -2.189  -4.925  14.077  1.00 11.58 ? 73  PRO A C   1 
ATOM   484 O  O   . PRO A 1 73  ? -2.472  -4.739  15.283  1.00 10.72 ? 73  PRO A O   1 
ATOM   485 C  CB  . PRO A 1 73  ? -3.588  -3.373  12.679  1.00 11.34 ? 73  PRO A CB  1 
ATOM   486 C  CG  . PRO A 1 73  ? -3.786  -4.042  11.361  1.00 12.63 ? 73  PRO A CG  1 
ATOM   487 C  CD  . PRO A 1 73  ? -2.402  -4.016  10.676  1.00 10.42 ? 73  PRO A CD  1 
ATOM   488 N  N   . LEU A 1 74  ? -1.889  -6.125  13.579  1.00 10.75 ? 74  LEU A N   1 
ATOM   489 C  CA  . LEU A 1 74  ? -2.131  -7.311  14.364  1.00 11.38 ? 74  LEU A CA  1 
ATOM   490 C  C   . LEU A 1 74  ? -0.919  -7.724  15.199  1.00 10.93 ? 74  LEU A C   1 
ATOM   491 O  O   . LEU A 1 74  ? -1.043  -7.855  16.422  1.00 10.88 ? 74  LEU A O   1 
ATOM   492 C  CB  . LEU A 1 74  ? -2.670  -8.463  13.500  1.00 11.01 ? 74  LEU A CB  1 
ATOM   493 C  CG  . LEU A 1 74  ? -3.117  -9.719  14.248  1.00 12.67 ? 74  LEU A CG  1 
ATOM   494 C  CD1 . LEU A 1 74  ? -4.208  -9.425  15.326  1.00 11.79 ? 74  LEU A CD1 1 
ATOM   495 C  CD2 . LEU A 1 74  ? -3.583  -10.778 13.229  1.00 11.18 ? 74  LEU A CD2 1 
ATOM   496 N  N   . HIS A 1 75  ? 0.228   -7.950  14.560  1.00 11.15 ? 75  HIS A N   1 
ATOM   497 C  CA  . HIS A 1 75  ? 1.449   -8.276  15.317  1.00 10.61 ? 75  HIS A CA  1 
ATOM   498 C  C   . HIS A 1 75  ? 2.583   -7.294  15.041  1.00 11.18 ? 75  HIS A C   1 
ATOM   499 O  O   . HIS A 1 75  ? 3.767   -7.559  15.370  1.00 9.37  ? 75  HIS A O   1 
ATOM   500 C  CB  . HIS A 1 75  ? 1.931   -9.701  15.063  1.00 11.14 ? 75  HIS A CB  1 
ATOM   501 C  CG  . HIS A 1 75  ? 0.843   -10.731 15.101  1.00 10.70 ? 75  HIS A CG  1 
ATOM   502 N  ND1 . HIS A 1 75  ? 0.410   -11.386 13.975  1.00 11.48 ? 75  HIS A ND1 1 
ATOM   503 C  CD2 . HIS A 1 75  ? 0.121   -11.239 16.131  1.00 11.93 ? 75  HIS A CD2 1 
ATOM   504 C  CE1 . HIS A 1 75  ? -0.532  -12.259 14.300  1.00 10.06 ? 75  HIS A CE1 1 
ATOM   505 N  NE2 . HIS A 1 75  ? -0.739  -12.179 15.605  1.00 9.25  ? 75  HIS A NE2 1 
ATOM   506 N  N   . VAL A 1 76  ? 2.216   -6.172  14.429  1.00 11.01 ? 76  VAL A N   1 
ATOM   507 C  CA  . VAL A 1 76  ? 3.116   -5.014  14.247  1.00 12.71 ? 76  VAL A CA  1 
ATOM   508 C  C   . VAL A 1 76  ? 4.445   -5.319  13.520  1.00 13.08 ? 76  VAL A C   1 
ATOM   509 O  O   . VAL A 1 76  ? 5.462   -4.646  13.714  1.00 11.97 ? 76  VAL A O   1 
ATOM   510 C  CB  . VAL A 1 76  ? 3.284   -4.131  15.548  1.00 13.74 ? 76  VAL A CB  1 
ATOM   511 C  CG1 . VAL A 1 76  ? 1.927   -3.551  15.969  1.00 15.41 ? 76  VAL A CG1 1 
ATOM   512 C  CG2 . VAL A 1 76  ? 3.977   -4.869  16.723  1.00 15.52 ? 76  VAL A CG2 1 
ATOM   513 N  N   . GLY A 1 77  ? 4.408   -6.349  12.674  1.00 12.33 ? 77  GLY A N   1 
ATOM   514 C  CA  . GLY A 1 77  ? 5.412   -6.490  11.620  1.00 12.44 ? 77  GLY A CA  1 
ATOM   515 C  C   . GLY A 1 77  ? 5.383   -5.257  10.731  1.00 12.63 ? 77  GLY A C   1 
ATOM   516 O  O   . GLY A 1 77  ? 4.434   -4.476  10.792  1.00 12.80 ? 77  GLY A O   1 
ATOM   517 N  N   . ARG A 1 78  ? 6.407   -5.062  9.899   1.00 12.32 ? 78  ARG A N   1 
ATOM   518 C  CA  . ARG A 1 78  ? 6.420   -3.912  8.979   1.00 13.06 ? 78  ARG A CA  1 
ATOM   519 C  C   . ARG A 1 78  ? 6.838   -4.284  7.570   1.00 12.42 ? 78  ARG A C   1 
ATOM   520 O  O   . ARG A 1 78  ? 7.575   -5.253  7.383   1.00 12.10 ? 78  ARG A O   1 
ATOM   521 C  CB  . ARG A 1 78  ? 7.337   -2.793  9.467   1.00 12.87 ? 78  ARG A CB  1 
ATOM   522 C  CG  . ARG A 1 78  ? 6.919   -2.151  10.803  1.00 13.99 ? 78  ARG A CG  1 
ATOM   523 C  CD  . ARG A 1 78  ? 7.745   -0.899  11.123  1.00 15.30 ? 78  ARG A CD  1 
ATOM   524 N  NE  . ARG A 1 78  ? 7.446   -0.400  12.474  1.00 16.00 ? 78  ARG A NE  1 
ATOM   525 C  CZ  . ARG A 1 78  ? 7.874   0.761   12.975  1.00 18.97 ? 78  ARG A CZ  1 
ATOM   526 N  NH1 . ARG A 1 78  ? 8.639   1.578   12.253  1.00 16.45 ? 78  ARG A NH1 1 
ATOM   527 N  NH2 . ARG A 1 78  ? 7.535   1.101   14.212  1.00 17.16 ? 78  ARG A NH2 1 
ATOM   528 N  N   . PHE A 1 79  ? 6.343   -3.514  6.595   1.00 11.66 ? 79  PHE A N   1 
ATOM   529 C  CA  . PHE A 1 79  ? 6.784   -3.612  5.190   1.00 11.08 ? 79  PHE A CA  1 
ATOM   530 C  C   . PHE A 1 79  ? 7.215   -2.255  4.664   1.00 10.81 ? 79  PHE A C   1 
ATOM   531 O  O   . PHE A 1 79  ? 6.666   -1.212  5.059   1.00 10.41 ? 79  PHE A O   1 
ATOM   532 C  CB  . PHE A 1 79  ? 5.660   -4.145  4.291   1.00 10.98 ? 79  PHE A CB  1 
ATOM   533 C  CG  . PHE A 1 79  ? 5.188   -5.534  4.678   1.00 12.51 ? 79  PHE A CG  1 
ATOM   534 C  CD1 . PHE A 1 79  ? 4.127   -5.696  5.575   1.00 10.34 ? 79  PHE A CD1 1 
ATOM   535 C  CD2 . PHE A 1 79  ? 5.758   -6.674  4.087   1.00 11.74 ? 79  PHE A CD2 1 
ATOM   536 C  CE1 . PHE A 1 79  ? 3.665   -6.981  5.938   1.00 10.05 ? 79  PHE A CE1 1 
ATOM   537 C  CE2 . PHE A 1 79  ? 5.304   -7.948  4.439   1.00 10.40 ? 79  PHE A CE2 1 
ATOM   538 C  CZ  . PHE A 1 79  ? 4.244   -8.093  5.360   1.00 11.23 ? 79  PHE A CZ  1 
ATOM   539 N  N   . ASP A 1 80  ? 8.172   -2.284  3.749   1.00 9.92  ? 80  ASP A N   1 
ATOM   540 C  CA  . ASP A 1 80  ? 8.529   -1.115  2.967   1.00 10.66 ? 80  ASP A CA  1 
ATOM   541 C  C   . ASP A 1 80  ? 7.414   -0.932  1.899   1.00 10.69 ? 80  ASP A C   1 
ATOM   542 O  O   . ASP A 1 80  ? 7.197   -1.816  1.075   1.00 10.99 ? 80  ASP A O   1 
ATOM   543 C  CB  . ASP A 1 80  ? 9.905   -1.345  2.322   1.00 10.73 ? 80  ASP A CB  1 
ATOM   544 C  CG  . ASP A 1 80  ? 10.248  -0.285  1.272   1.00 14.87 ? 80  ASP A CG  1 
ATOM   545 O  OD1 . ASP A 1 80  ? 9.762   0.884   1.398   1.00 12.89 ? 80  ASP A OD1 1 
ATOM   546 O  OD2 . ASP A 1 80  ? 10.997  -0.634  0.317   1.00 15.11 ? 80  ASP A OD2 1 
ATOM   547 N  N   . VAL A 1 81  ? 6.725   0.209   1.918   1.00 10.07 ? 81  VAL A N   1 
ATOM   548 C  CA  . VAL A 1 81  ? 5.659   0.477   0.933   1.00 9.62  ? 81  VAL A CA  1 
ATOM   549 C  C   . VAL A 1 81  ? 6.139   0.681   -0.494  1.00 10.05 ? 81  VAL A C   1 
ATOM   550 O  O   . VAL A 1 81  ? 5.331   0.603   -1.426  1.00 9.21  ? 81  VAL A O   1 
ATOM   551 C  CB  . VAL A 1 81  ? 4.730   1.640   1.365   1.00 10.14 ? 81  VAL A CB  1 
ATOM   552 C  CG1 . VAL A 1 81  ? 4.041   1.294   2.695   1.00 10.41 ? 81  VAL A CG1 1 
ATOM   553 C  CG2 . VAL A 1 81  ? 5.492   2.976   1.471   1.00 8.43  ? 81  VAL A CG2 1 
ATOM   554 N  N   . ARG A 1 82  ? 7.443   0.944   -0.660  1.00 10.03 ? 82  ARG A N   1 
ATOM   555 C  CA  . ARG A 1 82  ? 8.051   1.116   -1.981  1.00 10.66 ? 82  ARG A CA  1 
ATOM   556 C  C   . ARG A 1 82  ? 8.228   -0.207  -2.726  1.00 11.38 ? 82  ARG A C   1 
ATOM   557 O  O   . ARG A 1 82  ? 8.175   -0.252  -3.979  1.00 12.46 ? 82  ARG A O   1 
ATOM   558 C  CB  . ARG A 1 82  ? 9.427   1.768   -1.838  1.00 10.95 ? 82  ARG A CB  1 
ATOM   559 C  CG  . ARG A 1 82  ? 9.371   3.218   -1.369  1.00 12.91 ? 82  ARG A CG  1 
ATOM   560 C  CD  . ARG A 1 82  ? 10.751  3.708   -0.976  1.00 14.42 ? 82  ARG A CD  1 
ATOM   561 N  NE  . ARG A 1 82  ? 11.196  3.084   0.271   1.00 16.35 ? 82  ARG A NE  1 
ATOM   562 C  CZ  . ARG A 1 82  ? 12.307  3.420   0.912   1.00 17.69 ? 82  ARG A CZ  1 
ATOM   563 N  NH1 . ARG A 1 82  ? 13.074  4.386   0.437   1.00 18.01 ? 82  ARG A NH1 1 
ATOM   564 N  NH2 . ARG A 1 82  ? 12.653  2.787   2.022   1.00 18.01 ? 82  ARG A NH2 1 
ATOM   565 N  N   . THR A 1 83  ? 8.407   -1.298  -1.975  1.00 10.22 ? 83  THR A N   1 
ATOM   566 C  CA  . THR A 1 83  ? 8.853   -2.564  -2.573  1.00 9.86  ? 83  THR A CA  1 
ATOM   567 C  C   . THR A 1 83  ? 8.089   -3.791  -2.127  1.00 9.23  ? 83  THR A C   1 
ATOM   568 O  O   . THR A 1 83  ? 8.200   -4.872  -2.775  1.00 8.54  ? 83  THR A O   1 
ATOM   569 C  CB  . THR A 1 83  ? 10.365  -2.816  -2.300  1.00 9.72  ? 83  THR A CB  1 
ATOM   570 O  OG1 . THR A 1 83  ? 10.561  -2.925  -0.882  1.00 12.58 ? 83  THR A OG1 1 
ATOM   571 C  CG2 . THR A 1 83  ? 11.247  -1.662  -2.885  1.00 11.01 ? 83  THR A CG2 1 
ATOM   572 N  N   . GLY A 1 84  ? 7.367   -3.662  -1.013  1.00 9.39  ? 84  GLY A N   1 
ATOM   573 C  CA  . GLY A 1 84  ? 6.709   -4.816  -0.377  1.00 9.86  ? 84  GLY A CA  1 
ATOM   574 C  C   . GLY A 1 84  ? 7.652   -5.635  0.506   1.00 10.50 ? 84  GLY A C   1 
ATOM   575 O  O   . GLY A 1 84  ? 7.273   -6.690  1.003   1.00 10.45 ? 84  GLY A O   1 
ATOM   576 N  N   . ALA A 1 85  ? 8.896   -5.177  0.676   1.00 10.52 ? 85  ALA A N   1 
ATOM   577 C  CA  . ALA A 1 85  ? 9.871   -5.939  1.436   1.00 10.67 ? 85  ALA A CA  1 
ATOM   578 C  C   . ALA A 1 85  ? 9.506   -5.931  2.908   1.00 10.67 ? 85  ALA A C   1 
ATOM   579 O  O   . ALA A 1 85  ? 9.055   -4.906  3.416   1.00 11.61 ? 85  ALA A O   1 
ATOM   580 C  CB  . ALA A 1 85  ? 11.301  -5.380  1.254   1.00 9.63  ? 85  ALA A CB  1 
ATOM   581 N  N   . PRO A 1 86  ? 9.731   -7.060  3.599   1.00 11.14 ? 86  PRO A N   1 
ATOM   582 C  CA  . PRO A 1 86  ? 9.481   -7.130  5.034   1.00 12.04 ? 86  PRO A CA  1 
ATOM   583 C  C   . PRO A 1 86  ? 10.601  -6.357  5.727   1.00 12.85 ? 86  PRO A C   1 
ATOM   584 O  O   . PRO A 1 86  ? 11.755  -6.488  5.334   1.00 12.77 ? 86  PRO A O   1 
ATOM   585 C  CB  . PRO A 1 86  ? 9.591   -8.625  5.337   1.00 12.14 ? 86  PRO A CB  1 
ATOM   586 C  CG  . PRO A 1 86  ? 10.584  -9.137  4.328   1.00 12.03 ? 86  PRO A CG  1 
ATOM   587 C  CD  . PRO A 1 86  ? 10.277  -8.332  3.062   1.00 11.00 ? 86  PRO A CD  1 
ATOM   588 N  N   . THR A 1 87  ? 10.272  -5.537  6.719   1.00 13.37 ? 87  THR A N   1 
ATOM   589 C  CA  . THR A 1 87  ? 11.296  -4.702  7.344   1.00 13.32 ? 87  THR A CA  1 
ATOM   590 C  C   . THR A 1 87  ? 11.267  -4.803  8.893   1.00 13.40 ? 87  THR A C   1 
ATOM   591 O  O   . THR A 1 87  ? 12.116  -4.225  9.552   1.00 13.42 ? 87  THR A O   1 
ATOM   592 C  CB  . THR A 1 87  ? 11.164  -3.219  6.910   1.00 13.02 ? 87  THR A CB  1 
ATOM   593 O  OG1 . THR A 1 87  ? 9.876   -2.740  7.287   1.00 14.51 ? 87  THR A OG1 1 
ATOM   594 C  CG2 . THR A 1 87  ? 11.306  -3.051  5.388   1.00 12.40 ? 87  THR A CG2 1 
ATOM   595 N  N   . ALA A 1 88  ? 10.309  -5.542  9.453   1.00 12.60 ? 88  ALA A N   1 
ATOM   596 C  CA  . ALA A 1 88  ? 10.293  -5.809  10.915  1.00 12.88 ? 88  ALA A CA  1 
ATOM   597 C  C   . ALA A 1 88  ? 9.566   -7.093  11.247  1.00 12.67 ? 88  ALA A C   1 
ATOM   598 O  O   . ALA A 1 88  ? 8.535   -7.386  10.668  1.00 11.52 ? 88  ALA A O   1 
ATOM   599 C  CB  . ALA A 1 88  ? 9.656   -4.622  11.687  1.00 13.30 ? 88  ALA A CB  1 
ATOM   600 N  N   . LEU A 1 89  ? 10.117  -7.877  12.172  1.00 12.49 ? 89  LEU A N   1 
ATOM   601 C  CA  . LEU A 1 89  ? 9.473   -9.119  12.611  1.00 12.86 ? 89  LEU A CA  1 
ATOM   602 C  C   . LEU A 1 89  ? 8.119   -8.795  13.223  1.00 11.98 ? 89  LEU A C   1 
ATOM   603 O  O   . LEU A 1 89  ? 7.942   -7.717  13.770  1.00 10.31 ? 89  LEU A O   1 
ATOM   604 C  CB  . LEU A 1 89  ? 10.364  -9.848  13.646  1.00 13.59 ? 89  LEU A CB  1 
ATOM   605 C  CG  . LEU A 1 89  ? 11.629  -10.570 13.141  1.00 15.40 ? 89  LEU A CG  1 
ATOM   606 C  CD1 . LEU A 1 89  ? 12.525  -10.991 14.320  1.00 18.96 ? 89  LEU A CD1 1 
ATOM   607 C  CD2 . LEU A 1 89  ? 11.230  -11.794 12.380  1.00 18.24 ? 89  LEU A CD2 1 
ATOM   608 N  N   . PRO A 1 90  ? 7.162   -9.736  13.143  1.00 11.85 ? 90  PRO A N   1 
ATOM   609 C  CA  . PRO A 1 90  ? 7.350   -11.072 12.597  1.00 12.37 ? 90  PRO A CA  1 
ATOM   610 C  C   . PRO A 1 90  ? 7.195   -11.234 11.069  1.00 13.05 ? 90  PRO A C   1 
ATOM   611 O  O   . PRO A 1 90  ? 7.192   -12.368 10.582  1.00 13.08 ? 90  PRO A O   1 
ATOM   612 C  CB  . PRO A 1 90  ? 6.307   -11.902 13.367  1.00 12.84 ? 90  PRO A CB  1 
ATOM   613 C  CG  . PRO A 1 90  ? 5.198   -10.949 13.644  1.00 11.90 ? 90  PRO A CG  1 
ATOM   614 C  CD  . PRO A 1 90  ? 5.801   -9.545  13.669  1.00 12.46 ? 90  PRO A CD  1 
ATOM   615 N  N   . CYS A 1 91  ? 7.113   -10.137 10.319  1.00 12.93 ? 91  CYS A N   1 
ATOM   616 C  CA  . CYS A 1 91  ? 7.069   -10.284 8.866   1.00 14.16 ? 91  CYS A CA  1 
ATOM   617 C  C   . CYS A 1 91  ? 8.448   -10.692 8.372   1.00 13.45 ? 91  CYS A C   1 
ATOM   618 O  O   . CYS A 1 91  ? 9.439   -10.059 8.710   1.00 13.60 ? 91  CYS A O   1 
ATOM   619 C  CB  . CYS A 1 91  ? 6.580   -9.009  8.184   1.00 13.16 ? 91  CYS A CB  1 
ATOM   620 S  SG  . CYS A 1 91  ? 4.957   -8.592  8.815   1.00 16.06 ? 91  CYS A SG  1 
ATOM   621 N  N   . VAL A 1 92  ? 8.471   -11.759 7.582   1.00 13.24 ? 92  VAL A N   1 
ATOM   622 C  CA  . VAL A 1 92  ? 9.706   -12.314 7.019   1.00 14.20 ? 92  VAL A CA  1 
ATOM   623 C  C   . VAL A 1 92  ? 9.650   -12.539 5.521   1.00 13.31 ? 92  VAL A C   1 
ATOM   624 O  O   . VAL A 1 92  ? 10.695  -12.769 4.899   1.00 14.18 ? 92  VAL A O   1 
ATOM   625 C  CB  . VAL A 1 92  ? 10.133  -13.665 7.689   1.00 14.32 ? 92  VAL A CB  1 
ATOM   626 C  CG1 . VAL A 1 92  ? 10.500  -13.430 9.138   1.00 17.61 ? 92  VAL A CG1 1 
ATOM   627 C  CG2 . VAL A 1 92  ? 9.041   -14.691 7.558   1.00 15.90 ? 92  VAL A CG2 1 
ATOM   628 N  N   . LEU A 1 93  ? 8.454   -12.489 4.937   1.00 12.24 ? 93  LEU A N   1 
ATOM   629 C  CA  . LEU A 1 93  ? 8.308   -12.662 3.506   1.00 12.77 ? 93  LEU A CA  1 
ATOM   630 C  C   . LEU A 1 93  ? 7.658   -11.428 2.910   1.00 12.47 ? 93  LEU A C   1 
ATOM   631 O  O   . LEU A 1 93  ? 6.770   -10.845 3.533   1.00 11.79 ? 93  LEU A O   1 
ATOM   632 C  CB  . LEU A 1 93  ? 7.481   -13.927 3.160   1.00 13.65 ? 93  LEU A CB  1 
ATOM   633 C  CG  . LEU A 1 93  ? 8.165   -15.270 3.413   1.00 14.55 ? 93  LEU A CG  1 
ATOM   634 C  CD1 . LEU A 1 93  ? 7.163   -16.425 3.272   1.00 16.95 ? 93  LEU A CD1 1 
ATOM   635 C  CD2 . LEU A 1 93  ? 9.329   -15.465 2.455   1.00 15.98 ? 93  LEU A CD2 1 
ATOM   636 N  N   . PRO A 1 94  ? 8.110   -11.019 1.711   1.00 11.98 ? 94  PRO A N   1 
ATOM   637 C  CA  . PRO A 1 94  ? 7.584   -9.818  1.095   1.00 11.95 ? 94  PRO A CA  1 
ATOM   638 C  C   . PRO A 1 94  ? 6.141   -9.984  0.632   1.00 12.21 ? 94  PRO A C   1 
ATOM   639 O  O   . PRO A 1 94  ? 5.665   -11.128 0.409   1.00 11.80 ? 94  PRO A O   1 
ATOM   640 C  CB  . PRO A 1 94  ? 8.543   -9.570  -0.099  1.00 11.86 ? 94  PRO A CB  1 
ATOM   641 C  CG  . PRO A 1 94  ? 9.073   -10.935 -0.430  1.00 12.31 ? 94  PRO A CG  1 
ATOM   642 C  CD  . PRO A 1 94  ? 9.140   -11.669 0.877   1.00 12.71 ? 94  PRO A CD  1 
ATOM   643 N  N   . VAL A 1 95  ? 5.442   -8.860  0.507   1.00 10.99 ? 95  VAL A N   1 
ATOM   644 C  CA  . VAL A 1 95  ? 4.146   -8.865  -0.173  1.00 10.68 ? 95  VAL A CA  1 
ATOM   645 C  C   . VAL A 1 95  ? 4.320   -8.256  -1.557  1.00 11.17 ? 95  VAL A C   1 
ATOM   646 O  O   . VAL A 1 95  ? 5.331   -7.604  -1.819  1.00 9.80  ? 95  VAL A O   1 
ATOM   647 C  CB  . VAL A 1 95  ? 3.065   -8.090  0.606   1.00 10.17 ? 95  VAL A CB  1 
ATOM   648 C  CG1 . VAL A 1 95  ? 2.730   -8.816  1.956   1.00 10.04 ? 95  VAL A CG1 1 
ATOM   649 C  CG2 . VAL A 1 95  ? 3.502   -6.661  0.849   1.00 9.75  ? 95  VAL A CG2 1 
ATOM   650 N  N   . ARG A 1 96  ? 3.334   -8.472  -2.429  1.00 12.01 ? 96  ARG A N   1 
ATOM   651 C  CA  . ARG A 1 96  ? 3.367   -7.913  -3.798  1.00 13.23 ? 96  ARG A CA  1 
ATOM   652 C  C   . ARG A 1 96  ? 3.306   -6.391  -3.775  1.00 13.55 ? 96  ARG A C   1 
ATOM   653 O  O   . ARG A 1 96  ? 2.540   -5.812  -2.997  1.00 14.10 ? 96  ARG A O   1 
ATOM   654 C  CB  . ARG A 1 96  ? 2.201   -8.454  -4.599  1.00 13.12 ? 96  ARG A CB  1 
ATOM   655 C  CG  . ARG A 1 96  ? 2.123   -7.917  -6.044  1.00 17.95 ? 96  ARG A CG  1 
ATOM   656 C  CD  . ARG A 1 96  ? 1.026   -8.690  -6.800  1.00 23.81 ? 96  ARG A CD  1 
ATOM   657 N  NE  . ARG A 1 96  ? 1.424   -10.085 -7.014  1.00 26.43 ? 96  ARG A NE  1 
ATOM   658 C  CZ  . ARG A 1 96  ? 2.349   -10.481 -7.897  1.00 29.08 ? 96  ARG A CZ  1 
ATOM   659 N  NH1 . ARG A 1 96  ? 2.932   -9.588  -8.688  1.00 30.90 ? 96  ARG A NH1 1 
ATOM   660 N  NH2 . ARG A 1 96  ? 2.692   -11.763 -8.010  1.00 29.95 ? 96  ARG A NH2 1 
ATOM   661 N  N   . ALA A 1 97  ? 4.172   -5.760  -4.570  1.00 12.94 ? 97  ALA A N   1 
ATOM   662 C  CA  . ALA A 1 97  ? 4.153   -4.332  -4.815  1.00 13.04 ? 97  ALA A CA  1 
ATOM   663 C  C   . ALA A 1 97  ? 3.443   -4.120  -6.140  1.00 14.03 ? 97  ALA A C   1 
ATOM   664 O  O   . ALA A 1 97  ? 3.568   -4.954  -7.064  1.00 13.39 ? 97  ALA A O   1 
ATOM   665 C  CB  . ALA A 1 97  ? 5.578   -3.776  -4.879  1.00 13.82 ? 97  ALA A CB  1 
ATOM   666 N  N   . TYR A 1 98  ? 2.686   -3.036  -6.239  1.00 13.51 ? 98  TYR A N   1 
ATOM   667 C  CA  . TYR A 1 98  ? 1.905   -2.755  -7.457  1.00 15.39 ? 98  TYR A CA  1 
ATOM   668 C  C   . TYR A 1 98  ? 2.415   -1.490  -8.099  1.00 15.56 ? 98  TYR A C   1 
ATOM   669 O  O   . TYR A 1 98  ? 2.698   -0.545  -7.402  1.00 16.04 ? 98  TYR A O   1 
ATOM   670 C  CB  . TYR A 1 98  ? 0.429   -2.562  -7.103  1.00 14.84 ? 98  TYR A CB  1 
ATOM   671 C  CG  . TYR A 1 98  ? -0.280  -3.849  -6.824  1.00 17.26 ? 98  TYR A CG  1 
ATOM   672 C  CD1 . TYR A 1 98  ? -0.097  -4.518  -5.602  1.00 16.46 ? 98  TYR A CD1 1 
ATOM   673 C  CD2 . TYR A 1 98  ? -1.138  -4.408  -7.764  1.00 14.53 ? 98  TYR A CD2 1 
ATOM   674 C  CE1 . TYR A 1 98  ? -0.786  -5.720  -5.332  1.00 17.83 ? 98  TYR A CE1 1 
ATOM   675 C  CE2 . TYR A 1 98  ? -1.821  -5.593  -7.502  1.00 16.67 ? 98  TYR A CE2 1 
ATOM   676 C  CZ  . TYR A 1 98  ? -1.636  -6.243  -6.296  1.00 18.51 ? 98  TYR A CZ  1 
ATOM   677 O  OH  . TYR A 1 98  ? -2.311  -7.422  -6.080  1.00 21.52 ? 98  TYR A OH  1 
ATOM   678 N  N   . ASP A 1 99  ? 2.508   -1.460  -9.425  1.00 15.81 ? 99  ASP A N   1 
ATOM   679 C  CA  . ASP A 1 99  ? 2.975   -0.256  -10.110 1.00 17.23 ? 99  ASP A CA  1 
ATOM   680 C  C   . ASP A 1 99  ? 1.868   0.781   -10.108 1.00 16.49 ? 99  ASP A C   1 
ATOM   681 O  O   . ASP A 1 99  ? 0.708   0.438   -10.299 1.00 14.94 ? 99  ASP A O   1 
ATOM   682 C  CB  . ASP A 1 99  ? 3.425   -0.565  -11.545 1.00 17.61 ? 99  ASP A CB  1 
ATOM   683 C  CG  . ASP A 1 99  ? 4.712   -1.394  -11.575 1.00 23.41 ? 99  ASP A CG  1 
ATOM   684 O  OD1 . ASP A 1 99  ? 5.578   -1.214  -10.679 1.00 27.00 ? 99  ASP A OD1 1 
ATOM   685 O  OD2 . ASP A 1 99  ? 4.844   -2.243  -12.471 1.00 28.72 ? 99  ASP A OD2 1 
ATOM   686 N  N   . VAL A 1 100 ? 2.253   2.034   -9.878  1.00 17.02 ? 100 VAL A N   1 
ATOM   687 C  CA  . VAL A 1 100 ? 1.308   3.141   -9.732  1.00 17.93 ? 100 VAL A CA  1 
ATOM   688 C  C   . VAL A 1 100 ? 1.829   4.298   -10.532 1.00 18.37 ? 100 VAL A C   1 
ATOM   689 O  O   . VAL A 1 100 ? 3.029   4.613   -10.480 1.00 18.41 ? 100 VAL A O   1 
ATOM   690 C  CB  . VAL A 1 100 ? 1.201   3.703   -8.295  1.00 19.22 ? 100 VAL A CB  1 
ATOM   691 C  CG1 . VAL A 1 100 ? -0.073  4.572   -8.127  1.00 19.60 ? 100 VAL A CG1 1 
ATOM   692 C  CG2 . VAL A 1 100 ? 1.229   2.632   -7.265  1.00 17.92 ? 100 VAL A CG2 1 
ATOM   693 N  N   . VAL A 1 101 ? 0.904   4.947   -11.229 1.00 17.40 ? 101 VAL A N   1 
ATOM   694 C  CA  . VAL A 1 101 ? 1.141   6.196   -11.937 1.00 18.25 ? 101 VAL A CA  1 
ATOM   695 C  C   . VAL A 1 101 ? 0.049   7.192   -11.491 1.00 17.36 ? 101 VAL A C   1 
ATOM   696 O  O   . VAL A 1 101 ? -1.110  6.815   -11.296 1.00 17.50 ? 101 VAL A O   1 
ATOM   697 C  CB  . VAL A 1 101 ? 1.133   5.915   -13.485 1.00 18.25 ? 101 VAL A CB  1 
ATOM   698 C  CG1 . VAL A 1 101 ? 0.610   7.085   -14.318 1.00 21.54 ? 101 VAL A CG1 1 
ATOM   699 C  CG2 . VAL A 1 101 ? 2.518   5.475   -13.962 1.00 18.84 ? 101 VAL A CG2 1 
ATOM   700 N  N   . VAL A 1 102 ? 0.430   8.446   -11.268 1.00 16.83 ? 102 VAL A N   1 
ATOM   701 C  CA  . VAL A 1 102 ? -0.541  9.534   -11.170 1.00 15.27 ? 102 VAL A CA  1 
ATOM   702 C  C   . VAL A 1 102 ? -0.573  10.271  -12.518 1.00 15.87 ? 102 VAL A C   1 
ATOM   703 O  O   . VAL A 1 102 ? 0.445   10.781  -12.988 1.00 14.85 ? 102 VAL A O   1 
ATOM   704 C  CB  . VAL A 1 102 ? -0.194  10.510  -10.037 1.00 16.17 ? 102 VAL A CB  1 
ATOM   705 C  CG1 . VAL A 1 102 ? -1.195  11.658  -9.993  1.00 14.31 ? 102 VAL A CG1 1 
ATOM   706 C  CG2 . VAL A 1 102 ? -0.175  9.776   -8.672  1.00 16.32 ? 102 VAL A CG2 1 
ATOM   707 N  N   . ASP A 1 103 ? -1.747  10.317  -13.142 1.00 16.14 ? 103 ASP A N   1 
ATOM   708 C  CA  . ASP A 1 103 ? -1.884  10.929  -14.450 1.00 16.37 ? 103 ASP A CA  1 
ATOM   709 C  C   . ASP A 1 103 ? -3.059  11.898  -14.375 1.00 16.93 ? 103 ASP A C   1 
ATOM   710 O  O   . ASP A 1 103 ? -4.177  11.500  -14.081 1.00 15.45 ? 103 ASP A O   1 
ATOM   711 C  CB  . ASP A 1 103 ? -2.086  9.830   -15.505 1.00 16.11 ? 103 ASP A CB  1 
ATOM   712 C  CG  . ASP A 1 103 ? -2.165  10.368  -16.929 1.00 17.53 ? 103 ASP A CG  1 
ATOM   713 O  OD1 . ASP A 1 103 ? -3.147  11.085  -17.247 1.00 14.84 ? 103 ASP A OD1 1 
ATOM   714 O  OD2 . ASP A 1 103 ? -1.254  10.056  -17.739 1.00 14.38 ? 103 ASP A OD2 1 
ATOM   715 N  N   . GLY A 1 104 ? -2.787  13.189  -14.588 1.00 18.48 ? 104 GLY A N   1 
ATOM   716 C  CA  . GLY A 1 104 ? -3.830  14.198  -14.482 1.00 20.29 ? 104 GLY A CA  1 
ATOM   717 C  C   . GLY A 1 104 ? -4.641  14.100  -13.194 1.00 21.26 ? 104 GLY A C   1 
ATOM   718 O  O   . GLY A 1 104 ? -5.875  14.151  -13.235 1.00 22.11 ? 104 GLY A O   1 
ATOM   719 N  N   . THR A 1 105 ? -3.940  13.995  -12.066 1.00 21.08 ? 105 THR A N   1 
ATOM   720 C  CA  . THR A 1 105 ? -4.536  13.824  -10.717 1.00 21.69 ? 105 THR A CA  1 
ATOM   721 C  C   . THR A 1 105 ? -5.202  12.467  -10.421 1.00 19.68 ? 105 THR A C   1 
ATOM   722 O  O   . THR A 1 105 ? -5.419  12.126  -9.244  1.00 19.25 ? 105 THR A O   1 
ATOM   723 C  CB  . THR A 1 105 ? -5.500  15.000  -10.308 1.00 22.47 ? 105 THR A CB  1 
ATOM   724 O  OG1 . THR A 1 105 ? -5.523  15.120  -8.875  1.00 29.18 ? 105 THR A OG1 1 
ATOM   725 C  CG2 . THR A 1 105 ? -6.906  14.761  -10.777 1.00 21.47 ? 105 THR A CG2 1 
ATOM   726 N  N   . GLU A 1 106 ? -5.271  11.581  -11.377 1.00 17.21 ? 106 GLU A N   1 
ATOM   727 C  CA  . GLU A 1 106 ? -5.905  10.271  -11.161 1.00 16.15 ? 106 GLU A CA  1 
ATOM   728 C  C   . GLU A 1 106 ? -4.866  9.225   -10.773 1.00 14.94 ? 106 GLU A C   1 
ATOM   729 O  O   . GLU A 1 106 ? -3.832  9.076   -11.438 1.00 13.95 ? 106 GLU A O   1 
ATOM   730 C  CB  . GLU A 1 106 ? -6.661  9.795   -12.407 1.00 16.25 ? 106 GLU A CB  1 
ATOM   731 C  CG  . GLU A 1 106 ? -7.653  10.805  -12.979 1.00 16.61 ? 106 GLU A CG  1 
ATOM   732 C  CD  . GLU A 1 106 ? -8.729  11.231  -12.000 1.00 20.12 ? 106 GLU A CD  1 
ATOM   733 O  OE1 . GLU A 1 106 ? -9.062  10.463  -11.087 1.00 19.62 ? 106 GLU A OE1 1 
ATOM   734 O  OE2 . GLU A 1 106 ? -9.247  12.354  -12.157 1.00 24.40 ? 106 GLU A OE2 1 
ATOM   735 N  N   . ILE A 1 107 ? -5.159  8.485   -9.714  1.00 13.59 ? 107 ILE A N   1 
ATOM   736 C  CA  . ILE A 1 107 ? -4.242  7.456   -9.263  1.00 13.12 ? 107 ILE A CA  1 
ATOM   737 C  C   . ILE A 1 107 ? -4.576  6.141   -9.963  1.00 12.39 ? 107 ILE A C   1 
ATOM   738 O  O   . ILE A 1 107 ? -5.661  5.564   -9.767  1.00 11.94 ? 107 ILE A O   1 
ATOM   739 C  CB  . ILE A 1 107 ? -4.250  7.273   -7.716  1.00 12.82 ? 107 ILE A CB  1 
ATOM   740 C  CG1 . ILE A 1 107 ? -3.887  8.581   -7.002  1.00 14.22 ? 107 ILE A CG1 1 
ATOM   741 C  CG2 . ILE A 1 107 ? -3.270  6.160   -7.318  1.00 12.95 ? 107 ILE A CG2 1 
ATOM   742 C  CD1 . ILE A 1 107 ? -4.140  8.488   -5.453  1.00 13.36 ? 107 ILE A CD1 1 
ATOM   743 N  N   . LEU A 1 108 ? -3.640  5.666   -10.773 1.00 12.15 ? 108 LEU A N   1 
ATOM   744 C  CA  . LEU A 1 108 ? -3.862  4.447   -11.566 1.00 12.89 ? 108 LEU A CA  1 
ATOM   745 C  C   . LEU A 1 108 ? -2.930  3.336   -11.093 1.00 13.69 ? 108 LEU A C   1 
ATOM   746 O  O   . LEU A 1 108 ? -1.720  3.556   -10.983 1.00 12.77 ? 108 LEU A O   1 
ATOM   747 C  CB  . LEU A 1 108 ? -3.584  4.750   -13.030 1.00 13.00 ? 108 LEU A CB  1 
ATOM   748 C  CG  . LEU A 1 108 ? -4.340  5.924   -13.688 1.00 14.02 ? 108 LEU A CG  1 
ATOM   749 C  CD1 . LEU A 1 108 ? -3.865  6.108   -15.140 1.00 13.54 ? 108 LEU A CD1 1 
ATOM   750 C  CD2 . LEU A 1 108 ? -5.852  5.665   -13.636 1.00 12.73 ? 108 LEU A CD2 1 
ATOM   751 N  N   . VAL A 1 109 ? -3.492  2.153   -10.853 1.00 15.39 ? 109 VAL A N   1 
ATOM   752 C  CA  . VAL A 1 109 ? -2.746  0.988   -10.360 1.00 16.80 ? 109 VAL A CA  1 
ATOM   753 C  C   . VAL A 1 109 ? -2.784  -0.138  -11.407 1.00 18.93 ? 109 VAL A C   1 
ATOM   754 O  O   . VAL A 1 109 ? -3.856  -0.525  -11.873 1.00 19.16 ? 109 VAL A O   1 
ATOM   755 C  CB  . VAL A 1 109 ? -3.348  0.477   -9.008  1.00 17.11 ? 109 VAL A CB  1 
ATOM   756 C  CG1 . VAL A 1 109 ? -2.523  -0.704  -8.422  1.00 16.37 ? 109 VAL A CG1 1 
ATOM   757 C  CG2 . VAL A 1 109 ? -3.426  1.653   -7.985  1.00 16.28 ? 109 VAL A CG2 1 
ATOM   758 N  N   . ALA A 1 110 ? -1.620  -0.651  -11.782 1.00 20.20 ? 110 ALA A N   1 
ATOM   759 C  CA  . ALA A 1 110 ? -1.562  -1.780  -12.704 1.00 22.16 ? 110 ALA A CA  1 
ATOM   760 C  C   . ALA A 1 110 ? -1.972  -3.058  -11.983 1.00 23.70 ? 110 ALA A C   1 
ATOM   761 O  O   . ALA A 1 110 ? -1.455  -3.345  -10.911 1.00 23.83 ? 110 ALA A O   1 
ATOM   762 C  CB  . ALA A 1 110 ? -0.169  -1.922  -13.277 1.00 21.30 ? 110 ALA A CB  1 
ATOM   763 N  N   . PRO A 1 111 ? -2.919  -3.821  -12.551 1.00 25.95 ? 111 PRO A N   1 
ATOM   764 C  CA  . PRO A 1 111 ? -3.372  -5.053  -11.905 1.00 27.85 ? 111 PRO A CA  1 
ATOM   765 C  C   . PRO A 1 111 ? -2.311  -6.142  -11.977 1.00 29.63 ? 111 PRO A C   1 
ATOM   766 O  O   . PRO A 1 111 ? -1.421  -6.069  -12.820 1.00 29.41 ? 111 PRO A O   1 
ATOM   767 C  CB  . PRO A 1 111 ? -4.596  -5.472  -12.738 1.00 28.28 ? 111 PRO A CB  1 
ATOM   768 C  CG  . PRO A 1 111 ? -4.924  -4.300  -13.601 1.00 27.62 ? 111 PRO A CG  1 
ATOM   769 C  CD  . PRO A 1 111 ? -3.626  -3.589  -13.821 1.00 26.57 ? 111 PRO A CD  1 
ATOM   770 N  N   . LYS A 1 112 ? -2.412  -7.111  -11.065 1.00 31.83 ? 112 LYS A N   1 
ATOM   771 C  CA  . LYS A 1 112 ? -1.532  -8.281  -10.999 1.00 34.61 ? 112 LYS A CA  1 
ATOM   772 C  C   . LYS A 1 112 ? -1.380  -8.944  -12.370 1.00 35.18 ? 112 LYS A C   1 
ATOM   773 O  O   . LYS A 1 112 ? -0.262  -9.233  -12.805 1.00 36.99 ? 112 LYS A O   1 
ATOM   774 C  CB  . LYS A 1 112 ? -2.124  -9.288  -10.003 1.00 35.11 ? 112 LYS A CB  1 
ATOM   775 C  CG  . LYS A 1 112 ? -1.123  -10.221 -9.335  1.00 37.28 ? 112 LYS A CG  1 
ATOM   776 C  CD  . LYS A 1 112 ? -1.712  -10.849 -8.065  1.00 39.66 ? 112 LYS A CD  1 
ATOM   777 C  CE  . LYS A 1 112 ? -2.709  -11.952 -8.372  1.00 41.27 ? 112 LYS A CE  1 
ATOM   778 N  NZ  . LYS A 1 112 ? -3.536  -12.336 -7.184  1.00 41.97 ? 112 LYS A NZ  1 
HETATM 779 FE FE1 . FES B 2 .   ? 0.757   -8.950  10.198  1.00 10.36 ? 201 FES A FE1 1 
HETATM 780 FE FE2 . FES B 2 .   ? 1.192   -10.933 12.045  1.00 12.85 ? 201 FES A FE2 1 
HETATM 781 S  S1  . FES B 2 .   ? 2.514   -9.147  11.627  1.00 13.61 ? 201 FES A S1  1 
HETATM 782 S  S2  . FES B 2 .   ? -0.511  -10.650 10.664  1.00 10.42 ? 201 FES A S2  1 
HETATM 783 O  O   . HOH C 3 .   ? -2.630  8.445   1.677   1.00 12.83 ? 122 HOH A O   1 
HETATM 784 O  O   . HOH C 3 .   ? 13.376  -1.923  0.501   1.00 12.66 ? 123 HOH A O   1 
HETATM 785 O  O   . HOH C 3 .   ? 6.014   -7.449  -6.274  1.00 15.98 ? 124 HOH A O   1 
HETATM 786 O  O   . HOH C 3 .   ? 5.898   -12.969 6.778   1.00 12.10 ? 125 HOH A O   1 
HETATM 787 O  O   . HOH C 3 .   ? 1.400   -10.441 -1.603  1.00 16.20 ? 126 HOH A O   1 
HETATM 788 O  O   . HOH C 3 .   ? -11.197 1.575   -12.271 1.00 20.28 ? 127 HOH A O   1 
HETATM 789 O  O   . HOH C 3 .   ? 10.851  1.492   3.823   1.00 18.55 ? 128 HOH A O   1 
HETATM 790 O  O   . HOH C 3 .   ? 9.170   -5.002  -5.436  1.00 15.66 ? 129 HOH A O   1 
HETATM 791 O  O   . HOH C 3 .   ? -12.272 -0.324  -4.248  1.00 24.89 ? 130 HOH A O   1 
HETATM 792 O  O   . HOH C 3 .   ? 0.044   14.072  -15.294 1.00 30.88 ? 131 HOH A O   1 
HETATM 793 O  O   . HOH C 3 .   ? 4.250   8.126   -7.249  1.00 28.81 ? 132 HOH A O   1 
HETATM 794 O  O   . HOH C 3 .   ? -0.146  -10.515 0.656   1.00 19.05 ? 133 HOH A O   1 
HETATM 795 O  O   . HOH C 3 .   ? -0.434  10.931  -20.091 1.00 16.79 ? 134 HOH A O   1 
HETATM 796 O  O   . HOH C 3 .   ? -1.970  -5.914  17.786  1.00 21.85 ? 135 HOH A O   1 
HETATM 797 O  O   . HOH C 3 .   ? -1.115  5.826   9.891   1.00 20.28 ? 136 HOH A O   1 
HETATM 798 O  O   . HOH C 3 .   ? -9.370  -2.780  5.338   1.00 21.04 ? 137 HOH A O   1 
HETATM 799 O  O   . HOH C 3 .   ? 12.707  6.424   -2.137  1.00 31.74 ? 138 HOH A O   1 
HETATM 800 O  O   . HOH C 3 .   ? -2.726  13.240  -18.668 1.00 20.91 ? 139 HOH A O   1 
HETATM 801 O  O   . HOH C 3 .   ? -11.023 -3.422  -10.061 1.00 24.97 ? 140 HOH A O   1 
HETATM 802 O  O   . HOH C 3 .   ? -12.618 4.868   -8.878  1.00 26.02 ? 141 HOH A O   1 
HETATM 803 O  O   . HOH C 3 .   ? 2.400   9.946   -16.364 1.00 50.34 ? 142 HOH A O   1 
HETATM 804 O  O   . HOH C 3 .   ? -13.000 8.817   -6.208  1.00 38.67 ? 143 HOH A O   1 
HETATM 805 O  O   . HOH C 3 .   ? -10.277 -3.959  3.369   1.00 34.52 ? 144 HOH A O   1 
HETATM 806 O  O   . HOH C 3 .   ? -11.958 -12.276 7.479   1.00 37.79 ? 145 HOH A O   1 
HETATM 807 O  O   . HOH C 3 .   ? 7.715   -14.657 11.740  1.00 35.93 ? 146 HOH A O   1 
HETATM 808 O  O   . HOH C 3 .   ? -5.335  -13.245 11.682  1.00 26.92 ? 147 HOH A O   1 
HETATM 809 O  O   . HOH C 3 .   ? 3.333   9.090   -11.416 1.00 28.07 ? 148 HOH A O   1 
HETATM 810 O  O   . HOH C 3 .   ? -7.830  2.659   6.650   1.00 27.62 ? 149 HOH A O   1 
HETATM 811 O  O   . HOH C 3 .   ? 9.167   10.368  3.807   1.00 37.39 ? 150 HOH A O   1 
HETATM 812 O  O   . HOH C 3 .   ? 4.851   0.667   -4.158  1.00 35.09 ? 151 HOH A O   1 
HETATM 813 O  O   . HOH C 3 .   ? 5.102   4.134   -6.477  1.00 23.83 ? 152 HOH A O   1 
HETATM 814 O  O   . HOH C 3 .   ? 14.287  -2.502  8.991   1.00 30.86 ? 153 HOH A O   1 
HETATM 815 O  O   . HOH C 3 .   ? 6.719   -2.198  14.503  1.00 23.82 ? 154 HOH A O   1 
HETATM 816 O  O   . HOH C 3 .   ? 5.410   -15.595 6.784   1.00 35.47 ? 155 HOH A O   1 
HETATM 817 O  O   . HOH C 3 .   ? -3.576  -8.273  -2.275  1.00 32.74 ? 156 HOH A O   1 
HETATM 818 O  O   . HOH C 3 .   ? 13.410  4.783   5.047   1.00 38.15 ? 157 HOH A O   1 
HETATM 819 O  O   . HOH C 3 .   ? -11.532 13.283  -10.930 1.00 42.20 ? 158 HOH A O   1 
HETATM 820 O  O   . HOH C 3 .   ? 8.214   9.778   -0.478  1.00 41.00 ? 159 HOH A O   1 
HETATM 821 O  O   . HOH C 3 .   ? -3.546  -0.102  14.202  1.00 30.67 ? 160 HOH A O   1 
HETATM 822 O  O   . HOH C 3 .   ? 3.351   -12.588 0.239   1.00 31.83 ? 161 HOH A O   1 
HETATM 823 O  O   . HOH C 3 .   ? -1.239  -14.024 5.294   1.00 29.62 ? 162 HOH A O   1 
HETATM 824 O  O   . HOH C 3 .   ? 3.450   -16.850 8.643   1.00 35.97 ? 163 HOH A O   1 
HETATM 825 O  O   . HOH C 3 .   ? 12.219  1.949   10.831  1.00 34.56 ? 164 HOH A O   1 
HETATM 826 O  O   . HOH C 3 .   ? -2.895  -14.498 13.712  1.00 31.54 ? 165 HOH A O   1 
HETATM 827 O  O   . HOH C 3 .   ? -6.416  8.686   2.758   1.00 38.81 ? 166 HOH A O   1 
HETATM 828 O  O   . HOH C 3 .   ? 5.168   -1.125  17.295  1.00 29.99 ? 167 HOH A O   1 
HETATM 829 O  O   . HOH C 3 .   ? 4.954   2.683   -9.227  1.00 37.09 ? 168 HOH A O   1 
HETATM 830 O  O   . HOH C 3 .   ? -10.856 2.306   6.463   1.00 45.27 ? 169 HOH A O   1 
HETATM 831 O  O   . HOH C 3 .   ? 9.063   -1.822  -6.435  1.00 49.10 ? 170 HOH A O   1 
HETATM 832 O  O   . HOH C 3 .   ? 10.429  5.985   -4.339  1.00 40.81 ? 171 HOH A O   1 
HETATM 833 O  O   . HOH C 3 .   ? -0.480  17.550  -5.493  0.50 29.43 ? 172 HOH A O   1 
HETATM 834 O  O   . HOH C 3 .   ? 0.916   8.846   8.745   1.00 39.64 ? 173 HOH A O   1 
HETATM 835 O  O   . HOH C 3 .   ? 7.941   -5.060  15.100  1.00 38.28 ? 174 HOH A O   1 
HETATM 836 O  O   . HOH C 3 .   ? -4.164  -15.078 5.250   1.00 38.65 ? 175 HOH A O   1 
HETATM 837 O  O   . HOH C 3 .   ? 1.516   17.466  -6.839  1.00 70.68 ? 176 HOH A O   1 
HETATM 838 O  O   . HOH C 3 .   ? -4.261  2.409   13.268  1.00 47.38 ? 177 HOH A O   1 
HETATM 839 O  O   . HOH C 3 .   ? -3.158  -17.425 7.303   1.00 52.98 ? 178 HOH A O   1 
HETATM 840 O  O   . HOH C 3 .   ? -10.018 1.243   3.459   1.00 50.89 ? 179 HOH A O   1 
HETATM 841 O  O   . HOH C 3 .   ? -5.091  -5.928  -17.809 1.00 51.33 ? 180 HOH A O   1 
HETATM 842 O  O   . HOH C 3 .   ? -0.249  -16.362 5.880   1.00 42.66 ? 181 HOH A O   1 
HETATM 843 O  O   . HOH C 3 .   ? -5.118  -9.223  -11.837 1.00 40.99 ? 182 HOH A O   1 
HETATM 844 O  O   . HOH C 3 .   ? -11.583 -2.336  -12.996 1.00 51.90 ? 183 HOH A O   1 
HETATM 845 O  O   . HOH C 3 .   ? 2.391   -9.348  -12.830 1.00 46.96 ? 184 HOH A O   1 
HETATM 846 O  O   . HOH C 3 .   ? -4.649  3.052   9.431   1.00 35.35 ? 185 HOH A O   1 
HETATM 847 O  O   . HOH C 3 .   ? 7.165   2.301   -5.559  1.00 39.20 ? 186 HOH A O   1 
HETATM 848 O  O   . HOH C 3 .   ? -3.961  -16.571 9.523   1.00 39.23 ? 187 HOH A O   1 
HETATM 849 O  O   . HOH C 3 .   ? 11.723  -1.543  10.774  1.00 34.76 ? 188 HOH A O   1 
HETATM 850 O  O   . HOH C 3 .   ? 9.255   4.074   14.427  1.00 34.87 ? 189 HOH A O   1 
HETATM 851 O  O   . HOH C 3 .   ? -11.592 7.665   -3.521  1.00 53.54 ? 190 HOH A O   1 
HETATM 852 O  O   . HOH C 3 .   ? 4.402   -16.839 13.686  1.00 48.65 ? 191 HOH A O   1 
HETATM 853 O  O   . HOH C 3 .   ? 3.547   7.225   12.834  1.00 43.88 ? 192 HOH A O   1 
HETATM 854 O  O   . HOH C 3 .   ? 12.747  7.293   4.028   1.00 45.35 ? 193 HOH A O   1 
HETATM 855 O  O   . HOH C 3 .   ? -5.775  -1.737  -23.838 1.00 39.30 ? 194 HOH A O   1 
HETATM 856 O  O   . HOH C 3 .   ? -8.024  3.211   9.290   1.00 52.38 ? 195 HOH A O   1 
HETATM 857 O  O   . HOH C 3 .   ? 3.780   10.170  -8.890  1.00 55.19 ? 196 HOH A O   1 
HETATM 858 O  O   . HOH C 3 .   ? -13.435 11.681  -7.908  1.00 37.99 ? 197 HOH A O   1 
HETATM 859 O  O   . HOH C 3 .   ? 6.869   17.437  -3.966  1.00 51.31 ? 198 HOH A O   1 
HETATM 860 O  O   . HOH C 3 .   ? -5.376  -10.434 -2.428  1.00 57.52 ? 199 HOH A O   1 
HETATM 861 O  O   . HOH C 3 .   ? 6.143   -0.293  -6.628  1.00 46.10 ? 200 HOH A O   1 
HETATM 862 O  O   . HOH C 3 .   ? 10.931  -1.157  13.515  1.00 35.23 ? 202 HOH A O   1 
HETATM 863 O  O   . HOH C 3 .   ? 7.132   12.848  4.965   1.00 36.94 ? 203 HOH A O   1 
HETATM 864 O  O   . HOH C 3 .   ? -5.844  4.626   7.541   1.00 36.13 ? 204 HOH A O   1 
HETATM 865 O  O   . HOH C 3 .   ? 13.216  8.066   1.446   1.00 47.14 ? 205 HOH A O   1 
HETATM 866 O  O   . HOH C 3 .   ? -8.593  -3.230  -15.223 1.00 41.98 ? 206 HOH A O   1 
HETATM 867 O  O   . HOH C 3 .   ? -10.539 -7.007  -3.622  1.00 38.80 ? 207 HOH A O   1 
HETATM 868 O  O   . HOH C 3 .   ? -0.406  -0.687  13.469  1.00 50.57 ? 208 HOH A O   1 
HETATM 869 O  O   . HOH C 3 .   ? -1.783  15.522  -17.563 1.00 40.44 ? 209 HOH A O   1 
HETATM 870 O  O   . HOH C 3 .   ? -9.284  3.765   4.604   1.00 60.82 ? 210 HOH A O   1 
HETATM 871 O  O   . HOH C 3 .   ? 4.450   9.064   10.136  1.00 39.39 ? 211 HOH A O   1 
HETATM 872 O  O   . HOH C 3 .   ? 2.715   -15.605 3.069   1.00 45.73 ? 212 HOH A O   1 
HETATM 873 O  O   . HOH C 3 .   ? 7.457   13.734  -2.817  1.00 52.72 ? 213 HOH A O   1 
HETATM 874 O  O   . HOH C 3 .   ? 3.001   -17.624 1.741   1.00 46.14 ? 214 HOH A O   1 
HETATM 875 O  O   . HOH C 3 .   ? -1.410  14.305  -12.107 1.00 50.17 ? 215 HOH A O   1 
HETATM 876 O  O   . HOH C 3 .   ? -11.233 -2.590  -0.736  1.00 44.13 ? 216 HOH A O   1 
# 
